data_6P62
#
_entry.id   6P62
#
loop_
_entity.id
_entity.type
_entity.pdbx_description
1 polymer 'HIV-1 Env BG505 NFL TD+'
2 polymer 'Rabbit monoclonal antibody E70 heavy chain fragment antigen binding'
3 polymer 'Rabbit monoclonal antibody E70 kappa chain'
4 branched 2-acetamido-2-deoxy-beta-D-glucopyranose-(1-4)-2-acetamido-2-deoxy-beta-D-glucopyranose
5 branched alpha-D-mannopyranose-(1-2)-alpha-D-mannopyranose-(1-2)-alpha-D-mannopyranose-(1-3)-[alpha-D-mannopyranose-(1-6)]beta-D-mannopyranose-(1-4)-2-acetamido-2-deoxy-beta-D-glucopyranose-(1-4)-2-acetamido-2-deoxy-beta-D-glucopyranose
6 branched alpha-D-mannopyranose-(1-3)-beta-D-mannopyranose-(1-4)-2-acetamido-2-deoxy-beta-D-glucopyranose-(1-4)-2-acetamido-2-deoxy-beta-D-glucopyranose
7 non-polymer 2-acetamido-2-deoxy-beta-D-glucopyranose
#
loop_
_entity_poly.entity_id
_entity_poly.type
_entity_poly.pdbx_seq_one_letter_code
_entity_poly.pdbx_strand_id
1 'polypeptide(L)'
;MPMGSLQPLATLYLLGMLVASVLAAENLWVTVYYGVPVWKDAETTLFCASDAKAYETEKHNVWATHACVPTDPNPQEIHL
ENVTEEFNMWKNNMVEQMHTDIISLWDQSLKPCVKLTPLCVTLQCTNVTNNITDDMRGELKNCSFNMTTELRDKKQKVYS
LFYRLDVVQINENQGNRSNNSNKEYRLINCNTSACTQACPKVSFEPIPIHYCAPAGFAILKCKDKKFNGTGPCPSVSTVQ
CTHGIKPVVSTQLLLNGSLAEEEVMIRSENITNNAKNILVQFNTPVQINCTRPNNYTRKSIRIGPGQAFYATGDIIGDIR
QAHCNVSKATWNETLGKVVKQLRKHFGNNTIIRFANSSGGDLEVTTHSFNCGGEFFYCNTSGLFNSTWISNTSVQGSNST
GSNDSITLPCRIKQIINMWQRIGQCMYAPPIQGVIRCVSNITGLILTRDGGSTNSTTETFRPGGGDMRDNWRSELYKYKV
VKIEPLGVAPTRAKRRVVGGGGGSGGGGSAVGIGAVRRGFLGAAGSTMGAASMTLTVQARNLLSGIVQQQSNLLRAPEAQ
QHLLKLTVWGIKQLQARVLAVERYLRDQQLLGIWGCSGKLICTTNVPWNSSWSNRNLSEIWDNMTWLQWDKEISNYTQII
YGLLEESQNQQEKNEQDLLALDGGGGSHHHHHHHH
;
A,B,E
2 'polypeptide(L)'
;QSLEESGGGLVKPGGTLTLTCKASGIDFTSGYDMCWVRQAPGKGLEWVACIYLGDGNTYYASWAKGQFTISKTSSTTVTL
QMTSLTAADTATYFCARFAGYRYSVWSYPDLWGPGTLVTVSSGQPKAPSVFPLAPCCGDTPSSTVTLGCLVKGYLPEPVT
VTWNSGTLTNGVRTFPSVRQSSGLYSLSSVVSVTSSSQPVTCNVAHPATNTKVDKTVAPSTCSK
;
H,C,F
3 'polypeptide(L)'
;DIVMTQTPASVEADVGGTVTIKCQASQRIVNLVAWYQHKPGQPPKLLIIGASDLASGVPSRFSGSGYGTEFTLTISDLEC
ADAATYFCQSAYNGDGDNAFGGGTEVVVKGDPVAPSVLIFPPAADQVATGTVTIVCVANKYFPDVTVTWEVDGTTQTTGI
ENSKTPQNSADCTYNLSSTLTLTSTQYNSHKEYTCKVTQGTTSVVQSFNRGDC
;
L,D,G
#
# COMPACT_ATOMS: atom_id res chain seq x y z
N VAL A 30 44.29 22.42 11.99
CA VAL A 30 43.08 21.66 11.71
C VAL A 30 43.23 20.75 10.50
N THR A 31 43.20 19.44 10.76
CA THR A 31 43.31 18.43 9.74
C THR A 31 42.06 17.55 9.75
N VAL A 32 41.52 17.26 8.57
CA VAL A 32 40.27 16.51 8.47
C VAL A 32 40.44 15.08 7.96
N TYR A 33 39.84 14.13 8.67
CA TYR A 33 39.92 12.73 8.32
C TYR A 33 38.58 12.05 8.04
N TYR A 34 38.43 11.52 6.84
CA TYR A 34 37.19 10.88 6.48
C TYR A 34 37.40 9.40 6.42
N GLY A 35 36.56 8.66 7.13
CA GLY A 35 36.68 7.22 7.22
C GLY A 35 37.16 6.82 8.62
N VAL A 36 37.12 7.74 9.55
CA VAL A 36 37.53 7.49 10.91
C VAL A 36 36.61 6.46 11.59
N PRO A 37 37.15 5.37 12.18
CA PRO A 37 36.43 4.25 12.77
C PRO A 37 35.82 4.48 14.15
N VAL A 38 34.85 5.37 14.20
CA VAL A 38 34.15 5.70 15.44
C VAL A 38 32.66 5.58 15.29
N TRP A 39 31.96 5.46 16.41
CA TRP A 39 30.52 5.34 16.39
C TRP A 39 29.82 5.88 17.59
N LYS A 40 28.52 6.04 17.44
CA LYS A 40 27.59 6.46 18.47
C LYS A 40 26.40 5.52 18.53
N ASP A 41 25.82 5.35 19.69
CA ASP A 41 24.65 4.51 19.80
C ASP A 41 23.54 5.05 18.94
N ALA A 42 22.78 4.18 18.28
CA ALA A 42 21.69 4.69 17.45
C ALA A 42 20.63 3.66 17.21
N GLU A 43 19.44 4.13 16.85
CA GLU A 43 18.35 3.24 16.54
C GLU A 43 17.94 3.35 15.08
N THR A 44 17.84 2.22 14.42
CA THR A 44 17.41 2.19 13.03
C THR A 44 16.67 0.92 12.74
N THR A 45 16.23 0.79 11.50
CA THR A 45 15.47 -0.36 11.03
C THR A 45 16.39 -1.49 10.66
N LEU A 46 16.15 -2.66 11.20
CA LEU A 46 16.96 -3.79 10.81
C LEU A 46 16.17 -4.65 9.87
N PHE A 47 16.84 -5.32 8.96
CA PHE A 47 16.11 -6.15 8.01
C PHE A 47 16.21 -7.61 8.26
N CYS A 48 15.09 -8.28 8.16
CA CYS A 48 15.10 -9.70 8.34
C CYS A 48 15.77 -10.38 7.16
N ALA A 49 16.46 -11.46 7.47
CA ALA A 49 17.09 -12.27 6.45
C ALA A 49 17.01 -13.73 6.83
N SER A 50 17.06 -14.62 5.86
CA SER A 50 17.00 -16.05 6.14
C SER A 50 17.98 -16.85 5.30
N HIS A 60 4.19 -22.69 3.41
CA HIS A 60 4.69 -21.47 4.02
C HIS A 60 4.29 -21.33 5.48
N ASN A 61 5.13 -20.66 6.23
CA ASN A 61 4.88 -20.36 7.62
C ASN A 61 4.17 -19.04 7.77
N VAL A 62 3.67 -18.75 8.97
CA VAL A 62 3.03 -17.47 9.16
C VAL A 62 4.07 -16.35 9.18
N TRP A 63 5.29 -16.65 9.61
CA TRP A 63 6.34 -15.65 9.57
C TRP A 63 6.98 -15.86 8.23
N ALA A 64 6.21 -15.58 7.19
CA ALA A 64 6.60 -15.89 5.84
C ALA A 64 7.91 -15.27 5.50
N THR A 65 8.72 -16.04 4.80
CA THR A 65 10.02 -15.61 4.36
C THR A 65 9.98 -15.14 2.92
N HIS A 66 8.77 -14.98 2.39
CA HIS A 66 8.63 -14.45 1.05
C HIS A 66 9.25 -13.06 1.10
N ALA A 67 8.76 -12.24 2.02
CA ALA A 67 9.29 -10.90 2.20
C ALA A 67 10.52 -10.95 3.10
N CYS A 68 11.60 -11.54 2.61
CA CYS A 68 12.81 -11.74 3.40
C CYS A 68 14.03 -11.91 2.52
N VAL A 69 15.12 -11.28 2.93
CA VAL A 69 16.37 -11.32 2.17
C VAL A 69 17.16 -12.61 2.42
N PRO A 70 17.65 -13.33 1.41
CA PRO A 70 18.52 -14.48 1.59
C PRO A 70 19.78 -14.09 2.36
N THR A 71 20.27 -14.95 3.23
CA THR A 71 21.51 -14.59 3.93
C THR A 71 22.75 -14.98 3.20
N ASP A 72 23.76 -14.16 3.38
CA ASP A 72 25.10 -14.41 2.91
C ASP A 72 25.66 -15.52 3.79
N PRO A 73 26.20 -16.62 3.25
CA PRO A 73 26.72 -17.74 4.01
C PRO A 73 27.94 -17.41 4.87
N ASN A 74 28.62 -16.28 4.60
CA ASN A 74 29.81 -15.90 5.33
C ASN A 74 29.54 -15.00 6.55
N PRO A 75 29.63 -15.50 7.79
CA PRO A 75 29.34 -14.78 9.01
C PRO A 75 30.51 -13.87 9.32
N GLN A 76 30.67 -12.86 8.51
CA GLN A 76 31.79 -11.96 8.64
C GLN A 76 31.79 -11.39 10.03
N GLU A 77 32.91 -11.51 10.72
CA GLU A 77 33.07 -11.02 12.08
C GLU A 77 34.46 -10.51 12.35
N ILE A 78 34.55 -9.35 12.99
CA ILE A 78 35.82 -8.74 13.32
C ILE A 78 35.97 -8.47 14.80
N HIS A 79 36.85 -9.17 15.48
CA HIS A 79 37.01 -8.88 16.89
C HIS A 79 37.65 -7.52 17.06
N LEU A 80 37.18 -6.72 18.02
CA LEU A 80 37.75 -5.42 18.26
C LEU A 80 38.72 -5.51 19.43
N GLU A 81 40.00 -5.61 19.09
CA GLU A 81 41.08 -5.93 20.01
C GLU A 81 41.08 -5.22 21.36
N ASN A 82 40.85 -3.93 21.38
CA ASN A 82 40.88 -3.19 22.64
C ASN A 82 39.63 -2.37 22.87
N VAL A 83 38.46 -2.90 22.55
CA VAL A 83 37.26 -2.11 22.72
C VAL A 83 36.32 -2.64 23.79
N THR A 84 35.94 -1.75 24.73
CA THR A 84 34.98 -2.08 25.79
C THR A 84 33.74 -1.23 25.65
N GLU A 85 32.60 -1.88 25.48
CA GLU A 85 31.34 -1.18 25.26
C GLU A 85 30.28 -1.53 26.25
N GLU A 86 29.43 -0.57 26.58
CA GLU A 86 28.33 -0.88 27.47
C GLU A 86 27.09 -1.35 26.72
N PHE A 87 26.63 -2.51 27.16
CA PHE A 87 25.45 -3.15 26.62
C PHE A 87 24.36 -3.06 27.66
N ASN A 88 23.11 -3.00 27.22
CA ASN A 88 22.00 -2.97 28.17
C ASN A 88 20.82 -3.75 27.65
N MET A 89 20.69 -4.97 28.12
CA MET A 89 19.68 -5.89 27.67
C MET A 89 18.25 -5.39 27.82
N TRP A 90 18.04 -4.48 28.74
CA TRP A 90 16.69 -4.03 29.04
C TRP A 90 16.25 -2.81 28.26
N LYS A 91 17.17 -2.17 27.55
CA LYS A 91 16.85 -0.94 26.83
C LYS A 91 17.08 -1.13 25.35
N ASN A 92 17.26 -2.37 24.96
CA ASN A 92 17.57 -2.76 23.61
C ASN A 92 16.37 -2.70 22.69
N ASN A 93 16.33 -1.75 21.77
CA ASN A 93 15.17 -1.59 20.90
C ASN A 93 15.13 -2.62 19.81
N MET A 94 16.12 -3.49 19.75
CA MET A 94 16.07 -4.53 18.77
C MET A 94 14.91 -5.44 19.13
N VAL A 95 14.62 -5.52 20.43
CA VAL A 95 13.58 -6.39 20.92
C VAL A 95 12.25 -5.85 20.46
N GLU A 96 12.08 -4.55 20.57
CA GLU A 96 10.82 -3.97 20.19
C GLU A 96 10.56 -4.15 18.71
N GLN A 97 11.58 -4.00 17.86
CA GLN A 97 11.27 -4.23 16.46
C GLN A 97 10.91 -5.67 16.22
N MET A 98 11.59 -6.60 16.86
CA MET A 98 11.24 -7.98 16.61
C MET A 98 9.79 -8.20 16.97
N HIS A 99 9.36 -7.67 18.09
CA HIS A 99 7.99 -7.83 18.50
C HIS A 99 7.02 -7.29 17.48
N THR A 100 7.19 -6.05 17.04
CA THR A 100 6.18 -5.53 16.14
C THR A 100 6.25 -6.17 14.76
N ASP A 101 7.42 -6.59 14.31
CA ASP A 101 7.47 -7.24 13.02
C ASP A 101 6.73 -8.55 13.08
N ILE A 102 6.88 -9.27 14.17
CA ILE A 102 6.19 -10.53 14.31
C ILE A 102 4.70 -10.35 14.31
N ILE A 103 4.19 -9.39 15.03
CA ILE A 103 2.76 -9.23 15.03
C ILE A 103 2.29 -8.93 13.62
N SER A 104 2.97 -8.05 12.92
CA SER A 104 2.57 -7.74 11.57
C SER A 104 2.56 -8.98 10.69
N LEU A 105 3.62 -9.77 10.75
CA LEU A 105 3.63 -10.96 9.92
C LEU A 105 2.51 -11.91 10.27
N TRP A 106 2.26 -12.08 11.57
CA TRP A 106 1.18 -12.91 12.00
C TRP A 106 -0.11 -12.45 11.38
N ASP A 107 -0.43 -11.17 11.54
CA ASP A 107 -1.67 -10.67 10.99
C ASP A 107 -1.77 -10.83 9.50
N GLN A 108 -0.69 -10.56 8.78
CA GLN A 108 -0.78 -10.68 7.34
C GLN A 108 -1.08 -12.11 6.92
N SER A 109 -0.57 -13.08 7.66
CA SER A 109 -0.79 -14.47 7.29
C SER A 109 -2.24 -14.89 7.42
N LEU A 110 -3.04 -14.14 8.17
CA LEU A 110 -4.43 -14.52 8.35
C LEU A 110 -5.34 -13.72 7.46
N LYS A 111 -4.74 -12.81 6.70
CA LYS A 111 -5.48 -11.94 5.83
C LYS A 111 -6.40 -12.64 4.85
N PRO A 112 -6.00 -13.73 4.16
CA PRO A 112 -6.81 -14.44 3.20
C PRO A 112 -7.68 -15.52 3.80
N CYS A 113 -7.76 -15.63 5.11
CA CYS A 113 -8.43 -16.79 5.67
C CYS A 113 -9.92 -16.52 5.87
N VAL A 114 -10.72 -17.58 5.91
CA VAL A 114 -12.16 -17.43 6.10
C VAL A 114 -12.58 -16.86 7.42
N LYS A 115 -13.41 -15.83 7.36
CA LYS A 115 -13.89 -15.22 8.58
C LYS A 115 -15.20 -15.87 8.97
N LEU A 116 -15.18 -16.51 10.12
CA LEU A 116 -16.29 -17.30 10.57
C LEU A 116 -17.39 -16.51 11.22
N THR A 117 -18.16 -15.81 10.41
CA THR A 117 -19.26 -15.05 10.96
C THR A 117 -20.55 -15.90 11.02
N PRO A 118 -20.80 -16.86 10.09
CA PRO A 118 -21.97 -17.72 10.07
C PRO A 118 -22.13 -18.60 11.29
N LEU A 119 -21.06 -18.79 12.07
CA LEU A 119 -21.14 -19.67 13.23
C LEU A 119 -21.69 -19.03 14.46
N CYS A 120 -22.02 -17.75 14.41
CA CYS A 120 -22.58 -17.15 15.60
C CYS A 120 -24.06 -17.45 15.69
N VAL A 121 -24.33 -18.67 16.12
CA VAL A 121 -25.67 -19.22 16.22
C VAL A 121 -25.89 -19.88 17.54
N THR A 122 -27.14 -20.18 17.87
CA THR A 122 -27.36 -20.96 19.04
C THR A 122 -27.03 -22.40 18.77
N LEU A 123 -26.25 -22.96 19.65
CA LEU A 123 -25.89 -24.35 19.58
C LEU A 123 -26.78 -25.09 20.53
N GLN A 124 -27.23 -26.27 20.15
CA GLN A 124 -28.05 -27.10 21.03
C GLN A 124 -27.24 -28.28 21.40
N CYS A 125 -26.82 -28.41 22.66
CA CYS A 125 -25.93 -29.53 22.88
C CYS A 125 -25.78 -30.10 24.27
N THR A 126 -25.16 -31.30 24.24
CA THR A 126 -24.91 -32.18 25.36
C THR A 126 -23.47 -32.58 25.43
N ASN A 127 -23.14 -33.44 26.38
CA ASN A 127 -21.79 -33.96 26.46
C ASN A 127 -21.60 -35.06 25.44
N VAL A 128 -20.43 -35.69 25.44
CA VAL A 128 -20.11 -36.69 24.45
C VAL A 128 -20.25 -38.07 25.02
N THR A 129 -20.58 -39.04 24.18
CA THR A 129 -20.70 -40.40 24.66
C THR A 129 -19.53 -41.23 24.19
N ASN A 130 -18.75 -41.70 25.14
CA ASN A 130 -17.58 -42.50 24.86
C ASN A 130 -17.04 -43.07 26.15
N ASN A 131 -15.97 -43.83 26.02
CA ASN A 131 -15.27 -44.34 27.17
C ASN A 131 -14.32 -43.24 27.58
N ILE A 132 -14.61 -42.59 28.69
CA ILE A 132 -13.80 -41.46 29.05
C ILE A 132 -13.05 -41.69 30.33
N THR A 133 -11.94 -41.02 30.46
CA THR A 133 -11.23 -40.98 31.70
C THR A 133 -12.18 -40.36 32.69
N ASP A 134 -12.33 -40.96 33.85
CA ASP A 134 -13.26 -40.50 34.88
C ASP A 134 -13.06 -39.07 35.33
N ASP A 135 -11.84 -38.58 35.23
CA ASP A 135 -11.53 -37.23 35.67
C ASP A 135 -11.85 -36.21 34.58
N MET A 136 -11.74 -36.62 33.32
CA MET A 136 -11.89 -35.69 32.23
C MET A 136 -13.34 -35.57 31.85
N ARG A 137 -14.08 -34.85 32.66
CA ARG A 137 -15.50 -34.74 32.44
C ARG A 137 -15.90 -33.34 32.13
N GLY A 138 -16.83 -33.21 31.21
CA GLY A 138 -17.37 -31.92 30.83
C GLY A 138 -16.46 -31.19 29.86
N GLU A 139 -15.33 -31.79 29.50
CA GLU A 139 -14.40 -31.13 28.61
C GLU A 139 -14.92 -30.99 27.21
N LEU A 140 -15.69 -31.97 26.76
CA LEU A 140 -16.16 -31.93 25.40
C LEU A 140 -17.66 -31.85 25.29
N LYS A 141 -18.11 -31.06 24.34
CA LYS A 141 -19.51 -30.97 24.03
C LYS A 141 -19.76 -31.42 22.62
N ASN A 142 -20.87 -32.06 22.44
CA ASN A 142 -21.32 -32.52 21.14
C ASN A 142 -22.43 -31.63 20.63
N CYS A 143 -22.09 -30.66 19.77
CA CYS A 143 -23.13 -29.70 19.43
C CYS A 143 -23.62 -29.64 18.02
N SER A 144 -24.94 -29.46 17.89
CA SER A 144 -25.56 -29.33 16.58
C SER A 144 -26.11 -27.93 16.36
N PHE A 145 -26.20 -27.55 15.08
CA PHE A 145 -26.69 -26.22 14.71
C PHE A 145 -27.17 -26.04 13.27
N ASN A 146 -27.87 -24.92 13.03
CA ASN A 146 -28.35 -24.55 11.70
C ASN A 146 -27.28 -23.79 10.94
N MET A 147 -26.63 -24.46 10.03
CA MET A 147 -25.52 -23.91 9.28
C MET A 147 -25.93 -23.47 7.87
N THR A 148 -25.27 -22.47 7.31
CA THR A 148 -25.54 -22.02 5.95
C THR A 148 -24.94 -22.98 4.94
N THR A 149 -25.31 -22.84 3.68
CA THR A 149 -24.75 -23.66 2.60
C THR A 149 -24.28 -22.74 1.49
N GLU A 150 -23.76 -23.32 0.41
CA GLU A 150 -23.30 -22.51 -0.72
C GLU A 150 -24.44 -21.76 -1.40
N LEU A 151 -25.69 -22.15 -1.14
CA LEU A 151 -26.79 -21.43 -1.74
C LEU A 151 -27.47 -20.64 -0.65
N ARG A 152 -27.77 -19.41 -0.96
CA ARG A 152 -28.40 -18.49 -0.04
C ARG A 152 -29.73 -19.01 0.51
N ASP A 153 -30.50 -19.68 -0.32
CA ASP A 153 -31.81 -20.17 0.06
C ASP A 153 -31.85 -21.55 0.75
N LYS A 154 -30.69 -22.15 1.05
CA LYS A 154 -30.74 -23.46 1.72
C LYS A 154 -29.84 -23.55 2.94
N LYS A 155 -30.37 -24.19 3.98
CA LYS A 155 -29.67 -24.44 5.22
C LYS A 155 -29.39 -25.92 5.39
N GLN A 156 -28.45 -26.26 6.26
CA GLN A 156 -28.12 -27.65 6.55
C GLN A 156 -27.97 -27.83 8.05
N LYS A 157 -28.20 -29.05 8.53
CA LYS A 157 -28.01 -29.30 9.95
C LYS A 157 -26.74 -30.09 10.15
N VAL A 158 -25.83 -29.54 10.92
CA VAL A 158 -24.53 -30.13 11.14
C VAL A 158 -24.15 -30.17 12.59
N TYR A 159 -23.08 -30.88 12.91
CA TYR A 159 -22.60 -30.87 14.28
C TYR A 159 -21.10 -30.91 14.30
N SER A 160 -20.52 -30.57 15.45
CA SER A 160 -19.08 -30.58 15.66
C SER A 160 -18.78 -30.71 17.13
N LEU A 161 -17.67 -31.34 17.46
CA LEU A 161 -17.33 -31.38 18.87
C LEU A 161 -16.57 -30.11 19.22
N PHE A 162 -16.80 -29.61 20.42
CA PHE A 162 -16.13 -28.41 20.92
C PHE A 162 -15.55 -28.61 22.29
N TYR A 163 -14.55 -27.82 22.63
CA TYR A 163 -14.02 -27.87 23.98
C TYR A 163 -14.85 -26.95 24.83
N ARG A 164 -15.02 -27.32 26.08
CA ARG A 164 -15.78 -26.50 26.98
C ARG A 164 -15.28 -25.08 27.07
N LEU A 165 -13.98 -24.90 26.98
CA LEU A 165 -13.36 -23.59 27.07
C LEU A 165 -13.79 -22.62 25.98
N ASP A 166 -14.26 -23.14 24.85
CA ASP A 166 -14.62 -22.31 23.73
C ASP A 166 -16.10 -21.93 23.69
N VAL A 167 -16.92 -22.40 24.64
CA VAL A 167 -18.35 -22.09 24.57
C VAL A 167 -18.90 -21.51 25.86
N VAL A 168 -20.02 -20.81 25.71
CA VAL A 168 -20.72 -20.18 26.80
C VAL A 168 -22.13 -20.66 26.93
N GLN A 169 -22.57 -20.99 28.14
CA GLN A 169 -23.96 -21.39 28.25
C GLN A 169 -24.80 -20.15 28.30
N ILE A 170 -25.86 -20.14 27.52
CA ILE A 170 -26.77 -19.02 27.44
C ILE A 170 -28.19 -19.47 27.68
N ASN A 171 -29.09 -18.53 27.89
CA ASN A 171 -30.49 -18.88 28.04
C ASN A 171 -31.30 -18.54 26.80
N ASN A 182 -31.96 -24.49 28.12
CA ASN A 182 -31.57 -25.74 28.75
C ASN A 182 -30.20 -26.17 28.25
N LYS A 183 -30.14 -26.35 26.95
CA LYS A 183 -28.96 -26.80 26.24
C LYS A 183 -28.42 -25.74 25.30
N GLU A 184 -28.80 -24.49 25.49
CA GLU A 184 -28.36 -23.44 24.59
C GLU A 184 -26.95 -22.94 24.90
N TYR A 185 -26.09 -22.98 23.91
CA TYR A 185 -24.71 -22.52 24.01
C TYR A 185 -24.36 -21.64 22.84
N ARG A 186 -23.30 -20.87 22.97
CA ARG A 186 -22.80 -20.12 21.83
C ARG A 186 -21.30 -20.07 21.86
N LEU A 187 -20.68 -19.75 20.75
CA LEU A 187 -19.25 -19.60 20.80
C LEU A 187 -18.91 -18.39 21.60
N ILE A 188 -17.90 -18.49 22.41
CA ILE A 188 -17.50 -17.39 23.24
C ILE A 188 -17.08 -16.12 22.49
N ASN A 189 -16.51 -16.23 21.30
CA ASN A 189 -16.07 -15.02 20.64
C ASN A 189 -17.16 -14.23 19.96
N CYS A 190 -18.39 -14.73 19.91
CA CYS A 190 -19.42 -13.98 19.20
C CYS A 190 -19.87 -12.81 20.03
N ASN A 191 -19.41 -12.79 21.25
CA ASN A 191 -19.71 -11.72 22.17
C ASN A 191 -19.03 -10.44 21.72
N THR A 192 -17.83 -10.55 21.13
CA THR A 192 -17.07 -9.37 20.78
C THR A 192 -16.58 -9.29 19.35
N SER A 193 -16.21 -10.40 18.72
CA SER A 193 -15.67 -10.32 17.37
C SER A 193 -15.68 -11.66 16.67
N ALA A 194 -16.26 -11.72 15.47
CA ALA A 194 -16.19 -12.95 14.71
C ALA A 194 -14.73 -13.16 14.37
N CYS A 195 -14.27 -14.40 14.32
CA CYS A 195 -12.86 -14.61 14.05
C CYS A 195 -12.55 -15.47 12.85
N THR A 196 -11.40 -15.20 12.27
CA THR A 196 -10.89 -15.99 11.17
C THR A 196 -10.28 -17.28 11.59
N GLN A 197 -10.52 -18.31 10.83
CA GLN A 197 -9.84 -19.54 11.15
C GLN A 197 -8.46 -19.45 10.61
N ALA A 198 -7.53 -20.12 11.22
CA ALA A 198 -6.21 -20.18 10.64
C ALA A 198 -6.33 -20.87 9.32
N CYS A 199 -5.63 -20.40 8.32
CA CYS A 199 -5.68 -21.12 7.08
C CYS A 199 -5.09 -22.50 7.33
N PRO A 200 -5.73 -23.58 6.85
CA PRO A 200 -5.34 -24.96 7.03
C PRO A 200 -4.03 -25.29 6.35
N LYS A 201 -3.59 -24.40 5.46
CA LYS A 201 -2.38 -24.58 4.70
C LYS A 201 -1.19 -23.79 5.20
N VAL A 202 -1.26 -23.18 6.39
CA VAL A 202 -0.07 -22.44 6.82
C VAL A 202 0.48 -23.04 8.09
N SER A 203 1.79 -22.96 8.21
CA SER A 203 2.49 -23.49 9.34
C SER A 203 2.82 -22.49 10.42
N PHE A 204 2.84 -22.98 11.65
CA PHE A 204 3.22 -22.16 12.78
C PHE A 204 4.61 -22.49 13.25
N GLU A 205 5.39 -23.16 12.42
CA GLU A 205 6.76 -23.49 12.79
C GLU A 205 7.59 -22.21 12.87
N PRO A 206 8.25 -21.93 14.01
CA PRO A 206 9.05 -20.76 14.27
C PRO A 206 10.40 -20.81 13.62
N ILE A 207 10.43 -20.70 12.31
CA ILE A 207 11.64 -20.75 11.52
C ILE A 207 12.44 -19.49 11.83
N PRO A 208 13.72 -19.59 12.20
CA PRO A 208 14.54 -18.48 12.61
C PRO A 208 14.88 -17.52 11.53
N ILE A 209 15.03 -16.28 11.93
CA ILE A 209 15.44 -15.20 11.05
C ILE A 209 16.63 -14.49 11.62
N HIS A 210 17.31 -13.71 10.81
CA HIS A 210 18.47 -12.97 11.24
C HIS A 210 18.19 -11.51 11.06
N TYR A 211 18.74 -10.63 11.89
CA TYR A 211 18.55 -9.19 11.68
C TYR A 211 19.80 -8.53 11.22
N CYS A 212 19.76 -7.98 10.03
CA CYS A 212 20.96 -7.41 9.44
C CYS A 212 20.93 -5.89 9.44
N ALA A 213 22.09 -5.28 9.69
CA ALA A 213 22.20 -3.83 9.72
C ALA A 213 22.25 -3.23 8.30
N PRO A 214 21.69 -2.04 8.10
CA PRO A 214 21.77 -1.25 6.89
C PRO A 214 23.14 -0.60 6.77
N ALA A 215 23.48 -0.12 5.57
CA ALA A 215 24.75 0.55 5.39
C ALA A 215 24.86 1.73 6.31
N GLY A 216 26.06 1.97 6.83
CA GLY A 216 26.31 3.07 7.73
C GLY A 216 26.14 2.68 9.20
N PHE A 217 25.63 1.49 9.45
CA PHE A 217 25.37 0.96 10.78
C PHE A 217 26.06 -0.37 10.99
N ALA A 218 26.21 -0.74 12.24
CA ALA A 218 26.85 -2.00 12.55
C ALA A 218 26.28 -2.60 13.80
N ILE A 219 26.44 -3.90 13.96
CA ILE A 219 25.98 -4.54 15.17
C ILE A 219 27.16 -4.96 16.00
N LEU A 220 27.16 -4.55 17.25
CA LEU A 220 28.23 -4.93 18.12
C LEU A 220 27.78 -6.14 18.88
N LYS A 221 28.70 -7.04 19.14
CA LYS A 221 28.36 -8.25 19.84
C LYS A 221 29.23 -8.51 21.06
N CYS A 222 28.59 -8.76 22.19
CA CYS A 222 29.31 -9.01 23.44
C CYS A 222 29.69 -10.48 23.59
N LYS A 223 30.98 -10.76 23.76
CA LYS A 223 31.48 -12.12 23.93
C LYS A 223 31.82 -12.47 25.37
N ASP A 224 31.48 -11.62 26.29
CA ASP A 224 31.81 -11.89 27.68
C ASP A 224 30.84 -12.91 28.25
N LYS A 225 31.36 -14.09 28.50
CA LYS A 225 30.63 -15.24 28.97
C LYS A 225 29.97 -15.04 30.33
N LYS A 226 30.46 -14.08 31.09
CA LYS A 226 29.94 -13.83 32.41
C LYS A 226 29.08 -12.59 32.44
N PHE A 227 28.74 -12.06 31.28
CA PHE A 227 27.97 -10.85 31.24
C PHE A 227 26.51 -11.01 31.63
N ASN A 228 26.11 -10.20 32.60
CA ASN A 228 24.73 -10.17 33.08
C ASN A 228 23.95 -9.16 32.26
N GLY A 229 22.79 -8.73 32.65
CA GLY A 229 22.04 -7.87 31.73
C GLY A 229 22.73 -6.55 31.32
N THR A 230 23.46 -5.91 32.23
CA THR A 230 24.03 -4.63 31.84
C THR A 230 25.48 -4.41 32.22
N GLY A 231 26.04 -3.34 31.66
CA GLY A 231 27.37 -2.87 31.99
C GLY A 231 28.39 -3.08 30.87
N PRO A 232 29.66 -2.70 31.08
CA PRO A 232 30.75 -2.73 30.14
C PRO A 232 31.22 -4.12 29.82
N CYS A 233 31.07 -4.51 28.58
CA CYS A 233 31.49 -5.79 28.08
C CYS A 233 32.93 -5.68 27.58
N PRO A 234 33.92 -6.36 28.19
CA PRO A 234 35.35 -6.29 27.90
C PRO A 234 35.80 -6.92 26.58
N SER A 235 34.95 -7.69 25.95
CA SER A 235 35.34 -8.32 24.69
C SER A 235 34.22 -8.11 23.72
N VAL A 236 34.46 -7.22 22.78
CA VAL A 236 33.44 -6.79 21.86
C VAL A 236 33.87 -7.09 20.46
N SER A 237 32.94 -7.61 19.70
CA SER A 237 33.20 -7.89 18.30
C SER A 237 32.15 -7.21 17.47
N THR A 238 32.17 -7.46 16.20
CA THR A 238 31.17 -6.83 15.36
C THR A 238 30.78 -7.68 14.21
N VAL A 239 29.50 -7.64 13.91
CA VAL A 239 28.94 -8.44 12.85
C VAL A 239 28.03 -7.66 11.93
N GLN A 240 27.90 -8.16 10.73
CA GLN A 240 26.96 -7.62 9.78
C GLN A 240 25.53 -7.93 10.14
N CYS A 241 25.33 -9.12 10.72
CA CYS A 241 23.99 -9.61 10.97
C CYS A 241 23.99 -10.57 12.15
N THR A 242 22.90 -10.59 12.92
CA THR A 242 22.80 -11.43 14.13
C THR A 242 22.63 -12.87 13.78
N HIS A 243 22.73 -13.74 14.78
CA HIS A 243 22.49 -15.15 14.56
C HIS A 243 21.02 -15.33 14.30
N GLY A 244 20.63 -16.51 13.85
CA GLY A 244 19.22 -16.74 13.60
C GLY A 244 18.49 -16.91 14.92
N ILE A 245 17.37 -16.21 15.06
CA ILE A 245 16.56 -16.28 16.26
C ILE A 245 15.18 -16.79 15.95
N LYS A 246 14.78 -17.82 16.67
CA LYS A 246 13.46 -18.39 16.45
C LYS A 246 12.39 -17.59 17.18
N PRO A 247 11.29 -17.20 16.53
CA PRO A 247 10.19 -16.48 17.13
C PRO A 247 9.30 -17.43 17.91
N VAL A 248 9.85 -18.03 18.94
CA VAL A 248 9.07 -18.96 19.73
C VAL A 248 8.24 -18.17 20.70
N VAL A 249 6.97 -18.49 20.77
CA VAL A 249 6.09 -17.80 21.68
C VAL A 249 5.64 -18.78 22.74
N SER A 250 5.89 -18.43 24.00
CA SER A 250 5.57 -19.28 25.13
C SER A 250 5.49 -18.48 26.40
N THR A 251 5.02 -19.13 27.46
CA THR A 251 5.06 -18.47 28.75
C THR A 251 5.42 -19.40 29.87
N GLN A 252 6.02 -18.80 30.88
CA GLN A 252 6.59 -19.31 32.13
C GLN A 252 7.85 -20.13 31.96
N LEU A 253 8.05 -20.71 30.78
CA LEU A 253 9.27 -21.43 30.49
C LEU A 253 9.72 -21.04 29.11
N LEU A 254 11.02 -20.95 28.93
CA LEU A 254 11.60 -20.57 27.67
C LEU A 254 11.95 -21.80 26.87
N LEU A 255 11.36 -21.93 25.70
CA LEU A 255 11.54 -23.15 24.91
C LEU A 255 12.39 -22.99 23.68
N ASN A 256 13.29 -23.96 23.50
CA ASN A 256 14.17 -24.08 22.34
C ASN A 256 15.06 -22.87 22.14
N GLY A 257 15.53 -22.25 23.21
CA GLY A 257 16.41 -21.10 23.06
C GLY A 257 17.87 -21.51 23.16
N SER A 258 18.75 -20.54 23.29
CA SER A 258 20.16 -20.84 23.42
C SER A 258 20.46 -21.19 24.87
N LEU A 259 21.51 -21.95 25.08
CA LEU A 259 21.97 -22.27 26.43
C LEU A 259 23.07 -21.34 26.88
N ALA A 260 23.18 -21.23 28.18
CA ALA A 260 24.19 -20.46 28.85
C ALA A 260 25.51 -21.16 28.78
N GLU A 261 26.54 -20.42 29.13
CA GLU A 261 27.90 -20.90 29.24
C GLU A 261 27.88 -21.76 30.49
N GLU A 262 28.99 -22.23 30.97
CA GLU A 262 28.96 -23.21 32.06
C GLU A 262 28.15 -22.88 33.33
N GLU A 263 27.76 -21.64 33.58
CA GLU A 263 26.96 -21.33 34.77
C GLU A 263 25.56 -20.90 34.40
N VAL A 264 24.62 -21.25 35.26
CA VAL A 264 23.28 -20.74 35.07
C VAL A 264 23.38 -19.24 35.27
N MET A 265 22.84 -18.47 34.34
CA MET A 265 22.93 -17.02 34.45
C MET A 265 21.63 -16.43 34.91
N ILE A 266 21.73 -15.46 35.79
CA ILE A 266 20.54 -14.77 36.26
C ILE A 266 20.59 -13.32 35.91
N ARG A 267 19.58 -12.86 35.20
CA ARG A 267 19.60 -11.49 34.77
C ARG A 267 18.33 -10.78 35.18
N SER A 268 18.49 -9.54 35.60
CA SER A 268 17.36 -8.73 36.02
C SER A 268 17.68 -7.28 35.84
N GLU A 269 16.69 -6.46 35.55
CA GLU A 269 16.94 -5.05 35.42
C GLU A 269 17.35 -4.48 36.76
N ASN A 270 16.63 -4.88 37.78
CA ASN A 270 16.87 -4.48 39.15
C ASN A 270 16.56 -5.65 40.06
N ILE A 271 17.57 -6.43 40.40
CA ILE A 271 17.35 -7.64 41.19
C ILE A 271 16.71 -7.32 42.53
N THR A 272 16.96 -6.11 43.01
CA THR A 272 16.45 -5.61 44.23
C THR A 272 14.95 -5.47 44.31
N ASN A 273 14.27 -5.00 43.27
CA ASN A 273 12.85 -4.82 43.48
C ASN A 273 12.08 -6.08 43.13
N ASN A 274 10.76 -6.05 43.28
CA ASN A 274 9.97 -7.25 43.03
C ASN A 274 9.12 -7.12 41.79
N ALA A 275 9.07 -5.93 41.23
CA ALA A 275 8.23 -5.66 40.09
C ALA A 275 8.88 -6.07 38.78
N LYS A 276 10.11 -6.55 38.82
CA LYS A 276 10.79 -6.94 37.60
C LYS A 276 10.89 -8.43 37.49
N ASN A 277 10.85 -8.93 36.27
CA ASN A 277 11.05 -10.35 36.06
C ASN A 277 12.50 -10.72 36.16
N ILE A 278 12.75 -11.89 36.71
CA ILE A 278 14.08 -12.44 36.77
C ILE A 278 14.18 -13.50 35.72
N LEU A 279 15.12 -13.34 34.82
CA LEU A 279 15.23 -14.31 33.76
C LEU A 279 16.35 -15.25 34.11
N VAL A 280 16.09 -16.54 34.05
CA VAL A 280 17.11 -17.50 34.38
C VAL A 280 17.43 -18.34 33.18
N GLN A 281 18.70 -18.38 32.80
CA GLN A 281 19.11 -19.14 31.62
C GLN A 281 19.91 -20.37 32.00
N PHE A 282 19.43 -21.50 31.57
CA PHE A 282 20.06 -22.76 31.89
C PHE A 282 21.30 -23.00 31.07
N ASN A 283 22.26 -23.67 31.68
CA ASN A 283 23.48 -24.11 31.03
C ASN A 283 23.37 -25.57 30.60
N THR A 284 22.16 -26.09 30.66
CA THR A 284 21.88 -27.46 30.27
C THR A 284 20.44 -27.48 29.75
N PRO A 285 20.06 -28.33 28.82
CA PRO A 285 18.70 -28.48 28.40
C PRO A 285 17.93 -29.33 29.41
N VAL A 286 16.64 -29.12 29.54
CA VAL A 286 15.79 -30.04 30.29
C VAL A 286 14.74 -30.55 29.33
N GLN A 287 14.67 -31.85 29.13
CA GLN A 287 13.73 -32.34 28.13
C GLN A 287 12.32 -32.60 28.64
N ILE A 288 11.36 -32.08 27.87
CA ILE A 288 9.94 -32.24 28.10
C ILE A 288 9.24 -32.85 26.90
N ASN A 289 8.45 -33.89 27.17
CA ASN A 289 7.69 -34.60 26.14
C ASN A 289 6.20 -34.39 26.31
N CYS A 290 5.55 -33.76 25.35
CA CYS A 290 4.13 -33.48 25.47
C CYS A 290 3.27 -34.24 24.47
N THR A 291 2.06 -34.53 24.88
CA THR A 291 1.14 -35.21 24.00
C THR A 291 -0.33 -34.89 24.16
N ARG A 292 -1.03 -35.12 23.06
CA ARG A 292 -2.46 -35.01 22.94
C ARG A 292 -2.92 -36.38 22.43
N PRO A 293 -3.17 -37.34 23.32
CA PRO A 293 -3.35 -38.77 23.10
C PRO A 293 -4.61 -39.25 22.36
N ASN A 294 -5.60 -38.39 22.21
CA ASN A 294 -6.84 -38.81 21.57
C ASN A 294 -6.76 -38.72 20.06
N ASN A 295 -7.26 -39.73 19.38
CA ASN A 295 -7.26 -39.76 17.92
C ASN A 295 -8.50 -39.06 17.35
N TYR A 296 -8.31 -37.88 16.77
CA TYR A 296 -9.46 -37.10 16.29
C TYR A 296 -9.67 -37.24 14.81
N THR A 297 -10.92 -37.19 14.41
CA THR A 297 -11.33 -37.20 13.02
C THR A 297 -11.79 -35.82 12.61
N ARG A 298 -11.22 -35.33 11.55
CA ARG A 298 -11.50 -34.02 10.98
C ARG A 298 -12.58 -34.04 9.92
N LYS A 299 -13.54 -33.14 10.03
CA LYS A 299 -14.64 -33.06 9.08
C LYS A 299 -14.82 -31.69 8.47
N SER A 300 -14.89 -31.63 7.15
CA SER A 300 -15.07 -30.34 6.47
C SER A 300 -16.53 -30.04 6.15
N ILE A 301 -16.99 -28.87 6.60
CA ILE A 301 -18.36 -28.41 6.39
C ILE A 301 -18.40 -27.23 5.43
N ARG A 302 -19.16 -27.33 4.36
CA ARG A 302 -19.19 -26.18 3.48
C ARG A 302 -19.96 -25.08 4.16
N ILE A 303 -19.42 -23.88 4.11
CA ILE A 303 -20.01 -22.70 4.69
C ILE A 303 -20.72 -21.91 3.66
N GLY A 304 -20.05 -21.77 2.53
CA GLY A 304 -20.49 -20.90 1.48
C GLY A 304 -19.69 -21.13 0.20
N PRO A 305 -19.86 -20.30 -0.81
CA PRO A 305 -19.29 -20.42 -2.13
C PRO A 305 -17.81 -20.09 -2.14
N GLY A 306 -17.03 -21.01 -1.59
CA GLY A 306 -15.59 -20.86 -1.49
C GLY A 306 -15.08 -20.92 -0.05
N GLN A 307 -15.96 -21.25 0.89
CA GLN A 307 -15.55 -21.33 2.26
C GLN A 307 -15.92 -22.64 2.93
N ALA A 308 -15.07 -23.07 3.86
CA ALA A 308 -15.36 -24.28 4.62
C ALA A 308 -14.83 -24.18 6.03
N PHE A 309 -15.57 -24.81 6.92
CA PHE A 309 -15.25 -24.87 8.32
C PHE A 309 -14.72 -26.23 8.68
N TYR A 310 -13.66 -26.27 9.46
CA TYR A 310 -13.13 -27.55 9.86
C TYR A 310 -13.57 -27.92 11.24
N ALA A 311 -14.49 -28.85 11.26
CA ALA A 311 -15.19 -29.38 12.41
C ALA A 311 -14.47 -30.56 12.96
N THR A 312 -14.79 -30.90 14.20
CA THR A 312 -14.24 -32.11 14.76
C THR A 312 -15.33 -33.13 14.61
N GLY A 313 -15.08 -34.09 13.74
CA GLY A 313 -16.04 -35.10 13.39
C GLY A 313 -16.35 -36.05 14.52
N ASP A 314 -15.31 -36.66 15.06
CA ASP A 314 -15.45 -37.67 16.09
C ASP A 314 -14.13 -38.04 16.78
N ILE A 315 -14.22 -38.82 17.84
CA ILE A 315 -13.04 -39.32 18.53
C ILE A 315 -12.96 -40.81 18.50
N ILE A 316 -11.81 -41.30 18.10
CA ILE A 316 -11.53 -42.70 17.98
C ILE A 316 -10.76 -43.17 19.20
N GLY A 317 -11.32 -44.16 19.86
CA GLY A 317 -10.73 -44.72 21.06
C GLY A 317 -11.12 -43.94 22.31
N ASP A 318 -10.54 -44.35 23.42
CA ASP A 318 -10.79 -43.80 24.76
C ASP A 318 -10.41 -42.34 24.82
N ILE A 319 -11.13 -41.56 25.61
CA ILE A 319 -10.79 -40.16 25.78
C ILE A 319 -9.89 -39.93 26.98
N ARG A 320 -8.70 -39.44 26.70
CA ARG A 320 -7.67 -39.24 27.69
C ARG A 320 -7.24 -37.79 27.77
N GLN A 321 -6.72 -37.40 28.92
CA GLN A 321 -6.26 -36.05 29.15
C GLN A 321 -4.86 -35.78 28.62
N ALA A 322 -4.70 -34.64 27.96
CA ALA A 322 -3.40 -34.18 27.45
C ALA A 322 -2.43 -33.98 28.60
N HIS A 323 -1.16 -34.22 28.35
CA HIS A 323 -0.19 -34.06 29.41
C HIS A 323 1.25 -33.93 28.94
N CYS A 324 2.10 -33.47 29.84
CA CYS A 324 3.53 -33.37 29.57
C CYS A 324 4.34 -34.08 30.63
N ASN A 325 5.39 -34.76 30.19
CA ASN A 325 6.31 -35.49 31.05
C ASN A 325 7.67 -34.82 31.11
N VAL A 326 8.09 -34.48 32.31
CA VAL A 326 9.35 -33.78 32.52
C VAL A 326 10.33 -34.67 33.26
N SER A 327 11.57 -34.80 32.78
CA SER A 327 12.50 -35.63 33.55
C SER A 327 12.59 -35.12 34.98
N LYS A 328 12.32 -35.98 35.95
CA LYS A 328 12.32 -35.53 37.32
C LYS A 328 13.69 -35.28 37.85
N ALA A 329 14.58 -36.23 37.67
CA ALA A 329 15.91 -36.01 38.18
C ALA A 329 16.53 -34.80 37.51
N THR A 330 16.30 -34.61 36.21
CA THR A 330 16.96 -33.50 35.58
C THR A 330 16.43 -32.21 36.17
N TRP A 331 15.12 -32.12 36.34
CA TRP A 331 14.53 -30.93 36.87
C TRP A 331 15.08 -30.63 38.25
N ASN A 332 15.13 -31.64 39.10
CA ASN A 332 15.63 -31.39 40.44
C ASN A 332 17.07 -30.91 40.46
N GLU A 333 17.93 -31.53 39.66
CA GLU A 333 19.32 -31.09 39.65
C GLU A 333 19.41 -29.66 39.15
N THR A 334 18.61 -29.36 38.15
CA THR A 334 18.62 -28.05 37.55
C THR A 334 18.20 -27.02 38.56
N LEU A 335 17.15 -27.27 39.33
CA LEU A 335 16.79 -26.28 40.31
C LEU A 335 17.90 -26.11 41.33
N GLY A 336 18.59 -27.18 41.69
CA GLY A 336 19.64 -26.98 42.65
C GLY A 336 20.66 -25.96 42.15
N LYS A 337 20.95 -25.97 40.85
CA LYS A 337 21.90 -25.03 40.29
C LYS A 337 21.34 -23.62 40.36
N VAL A 338 20.05 -23.48 40.09
CA VAL A 338 19.43 -22.16 40.12
C VAL A 338 19.50 -21.62 41.53
N VAL A 339 19.21 -22.46 42.51
CA VAL A 339 19.26 -22.06 43.89
C VAL A 339 20.65 -21.60 44.28
N LYS A 340 21.66 -22.36 43.89
CA LYS A 340 23.00 -21.95 44.21
C LYS A 340 23.29 -20.55 43.69
N GLN A 341 22.85 -20.25 42.47
CA GLN A 341 23.11 -18.92 41.94
C GLN A 341 22.26 -17.85 42.61
N LEU A 342 21.01 -18.12 42.91
CA LEU A 342 20.16 -17.11 43.55
C LEU A 342 20.66 -16.72 44.91
N ARG A 343 21.24 -17.66 45.64
CA ARG A 343 21.76 -17.35 46.95
C ARG A 343 22.85 -16.27 46.88
N LYS A 344 23.53 -16.12 45.74
CA LYS A 344 24.57 -15.13 45.60
C LYS A 344 24.04 -13.72 45.74
N HIS A 345 22.74 -13.52 45.55
CA HIS A 345 22.18 -12.19 45.65
C HIS A 345 21.36 -12.00 46.90
N PHE A 346 20.90 -13.09 47.51
CA PHE A 346 20.01 -12.93 48.66
C PHE A 346 20.62 -13.37 49.99
N GLY A 347 21.94 -13.48 50.02
CA GLY A 347 22.67 -13.86 51.22
C GLY A 347 23.24 -15.27 51.16
N ASN A 348 24.44 -15.43 51.70
CA ASN A 348 25.07 -16.75 51.64
C ASN A 348 24.23 -17.77 52.36
N ASN A 349 23.65 -17.37 53.49
CA ASN A 349 22.85 -18.27 54.28
C ASN A 349 21.39 -17.91 54.21
N THR A 350 20.68 -18.50 53.27
CA THR A 350 19.28 -18.21 53.10
C THR A 350 18.52 -19.40 52.59
N ILE A 351 17.23 -19.24 52.45
CA ILE A 351 16.36 -20.33 52.03
C ILE A 351 15.57 -19.92 50.84
N ILE A 352 15.56 -20.76 49.85
CA ILE A 352 14.79 -20.47 48.67
C ILE A 352 13.69 -21.44 48.49
N ARG A 353 12.48 -20.95 48.33
CA ARG A 353 11.40 -21.88 48.08
C ARG A 353 10.69 -21.51 46.81
N PHE A 354 10.12 -22.50 46.19
CA PHE A 354 9.36 -22.26 45.00
C PHE A 354 7.92 -22.58 45.26
N ALA A 355 7.06 -21.83 44.62
CA ALA A 355 5.63 -22.03 44.71
C ALA A 355 5.04 -21.92 43.33
N ASN A 356 3.84 -22.44 43.14
CA ASN A 356 3.26 -22.41 41.82
C ASN A 356 2.74 -21.04 41.48
N SER A 357 2.15 -20.90 40.31
CA SER A 357 1.67 -19.61 39.90
C SER A 357 0.53 -19.19 40.80
N SER A 358 0.28 -17.90 40.81
CA SER A 358 -0.77 -17.34 41.62
C SER A 358 -2.01 -17.07 40.78
N GLY A 359 -2.92 -16.26 41.31
CA GLY A 359 -4.17 -16.01 40.63
C GLY A 359 -4.02 -15.36 39.24
N GLY A 360 -4.97 -15.69 38.39
CA GLY A 360 -5.09 -15.23 37.01
C GLY A 360 -6.04 -16.24 36.36
N ASP A 361 -6.41 -16.07 35.10
CA ASP A 361 -7.35 -17.00 34.53
C ASP A 361 -6.79 -18.25 33.83
N LEU A 362 -6.05 -18.11 32.75
CA LEU A 362 -5.50 -19.26 32.06
C LEU A 362 -4.18 -18.89 31.44
N GLU A 363 -4.24 -17.92 30.54
CA GLU A 363 -3.11 -17.43 29.80
C GLU A 363 -2.06 -16.80 30.70
N VAL A 364 -2.51 -16.38 31.87
CA VAL A 364 -1.68 -15.76 32.87
C VAL A 364 -0.98 -16.76 33.76
N THR A 365 -1.74 -17.73 34.23
CA THR A 365 -1.27 -18.69 35.21
C THR A 365 -0.70 -19.99 34.70
N THR A 366 -0.89 -20.32 33.42
CA THR A 366 -0.40 -21.59 32.93
C THR A 366 0.61 -21.45 31.83
N HIS A 367 1.40 -22.48 31.71
CA HIS A 367 2.41 -22.63 30.69
C HIS A 367 1.78 -22.70 29.35
N SER A 368 2.40 -22.11 28.35
CA SER A 368 1.75 -22.18 27.05
C SER A 368 2.68 -22.36 25.92
N PHE A 369 2.24 -23.16 24.99
CA PHE A 369 3.00 -23.46 23.79
C PHE A 369 2.14 -23.98 22.67
N ASN A 370 2.71 -23.97 21.48
CA ASN A 370 2.08 -24.51 20.29
C ASN A 370 2.78 -25.80 19.86
N CYS A 371 2.12 -26.93 20.05
CA CYS A 371 2.67 -28.24 19.75
C CYS A 371 1.84 -28.99 18.73
N GLY A 372 2.40 -29.13 17.55
CA GLY A 372 1.72 -29.82 16.47
C GLY A 372 0.69 -28.92 15.80
N GLY A 373 0.58 -27.69 16.29
CA GLY A 373 -0.42 -26.76 15.83
C GLY A 373 -1.51 -26.60 16.89
N GLU A 374 -1.57 -27.49 17.89
CA GLU A 374 -2.57 -27.31 18.93
C GLU A 374 -2.07 -26.36 20.00
N PHE A 375 -3.00 -25.67 20.64
CA PHE A 375 -2.62 -24.77 21.71
C PHE A 375 -2.86 -25.38 23.06
N PHE A 376 -1.76 -25.59 23.76
CA PHE A 376 -1.71 -26.22 25.07
C PHE A 376 -1.52 -25.26 26.20
N TYR A 377 -2.27 -25.45 27.26
CA TYR A 377 -2.20 -24.68 28.49
C TYR A 377 -1.94 -25.64 29.64
N CYS A 378 -0.71 -25.68 30.15
CA CYS A 378 -0.39 -26.73 31.11
C CYS A 378 -0.16 -26.22 32.52
N ASN A 379 -0.61 -27.02 33.47
CA ASN A 379 -0.54 -26.69 34.88
C ASN A 379 0.79 -27.07 35.51
N THR A 380 1.75 -26.16 35.45
CA THR A 380 3.08 -26.42 35.97
C THR A 380 3.16 -26.29 37.45
N SER A 381 2.40 -27.09 38.16
CA SER A 381 2.40 -27.00 39.60
C SER A 381 3.43 -27.92 40.18
N GLY A 382 3.69 -29.01 39.48
CA GLY A 382 4.59 -30.05 39.94
C GLY A 382 6.04 -29.68 39.74
N LEU A 383 6.27 -28.55 39.12
CA LEU A 383 7.60 -28.10 38.89
C LEU A 383 8.05 -27.06 39.89
N PHE A 384 7.13 -26.36 40.52
CA PHE A 384 7.49 -25.24 41.37
C PHE A 384 7.01 -25.40 42.76
N ASN A 385 7.35 -26.50 43.36
CA ASN A 385 6.94 -26.77 44.72
C ASN A 385 8.05 -27.50 45.46
N SER A 386 8.87 -26.72 46.16
CA SER A 386 10.02 -27.26 46.88
C SER A 386 10.62 -26.24 47.84
N THR A 387 11.40 -26.69 48.82
CA THR A 387 12.15 -25.78 49.68
C THR A 387 13.60 -26.19 49.77
N TRP A 388 14.49 -25.24 49.54
CA TRP A 388 15.91 -25.49 49.56
C TRP A 388 16.59 -24.83 50.73
N ILE A 389 16.93 -25.67 51.69
CA ILE A 389 17.53 -25.31 52.97
C ILE A 389 19.01 -25.10 52.79
N SER A 390 19.56 -24.09 53.48
CA SER A 390 20.98 -23.80 53.41
C SER A 390 21.82 -24.94 53.98
N ASN A 391 23.09 -24.96 53.61
CA ASN A 391 24.00 -25.99 54.06
C ASN A 391 23.37 -27.37 53.89
N ASN A 403 11.63 -44.08 35.92
CA ASN A 403 12.41 -42.85 35.89
C ASN A 403 11.71 -41.79 36.69
N ASP A 404 10.48 -42.11 37.09
CA ASP A 404 9.64 -41.23 37.90
C ASP A 404 9.45 -39.84 37.30
N SER A 405 9.03 -39.76 36.05
CA SER A 405 8.82 -38.48 35.39
C SER A 405 7.75 -37.65 36.10
N ILE A 406 7.89 -36.33 36.06
CA ILE A 406 6.85 -35.47 36.62
C ILE A 406 5.81 -35.31 35.57
N THR A 407 4.56 -35.55 35.89
CA THR A 407 3.53 -35.38 34.87
C THR A 407 2.64 -34.22 35.18
N LEU A 408 2.50 -33.34 34.20
CA LEU A 408 1.65 -32.19 34.34
C LEU A 408 0.40 -32.39 33.49
N PRO A 409 -0.81 -32.15 34.00
CA PRO A 409 -2.06 -32.24 33.27
C PRO A 409 -2.11 -31.05 32.37
N CYS A 410 -2.82 -31.14 31.27
CA CYS A 410 -2.86 -30.01 30.38
C CYS A 410 -4.14 -29.90 29.55
N ARG A 411 -4.58 -28.66 29.26
CA ARG A 411 -5.79 -28.44 28.45
C ARG A 411 -5.55 -27.85 27.07
N ILE A 412 -6.48 -28.17 26.17
CA ILE A 412 -6.49 -27.71 24.78
C ILE A 412 -7.59 -26.70 24.53
N LYS A 413 -7.26 -25.63 23.81
CA LYS A 413 -8.24 -24.58 23.49
C LYS A 413 -8.17 -24.22 22.00
N GLN A 414 -9.32 -24.09 21.30
CA GLN A 414 -9.27 -23.73 19.87
C GLN A 414 -9.33 -22.23 19.58
N ILE A 415 -9.98 -21.44 20.41
CA ILE A 415 -10.07 -20.02 20.09
C ILE A 415 -9.06 -19.24 20.89
N ILE A 416 -8.12 -18.60 20.23
CA ILE A 416 -7.12 -17.90 21.01
C ILE A 416 -6.98 -16.42 20.72
N ASN A 417 -6.67 -15.66 21.76
CA ASN A 417 -6.43 -14.23 21.66
C ASN A 417 -4.95 -13.99 21.53
N MET A 418 -4.44 -14.16 20.33
CA MET A 418 -3.02 -14.13 20.17
C MET A 418 -2.55 -12.73 20.49
N TRP A 419 -1.40 -12.66 21.13
CA TRP A 419 -0.73 -11.44 21.53
C TRP A 419 -1.51 -10.65 22.55
N GLN A 420 -2.50 -11.28 23.17
CA GLN A 420 -3.30 -10.68 24.20
C GLN A 420 -3.98 -9.39 23.73
N ARG A 421 -4.41 -9.38 22.48
CA ARG A 421 -5.12 -8.24 21.92
C ARG A 421 -6.60 -8.49 22.00
N ILE A 422 -7.38 -7.46 21.72
CA ILE A 422 -8.81 -7.60 21.74
C ILE A 422 -9.42 -7.21 20.40
N GLY A 423 -10.68 -7.60 20.20
CA GLY A 423 -11.43 -7.26 19.00
C GLY A 423 -11.15 -8.20 17.83
N GLN A 424 -10.33 -9.21 18.07
CA GLN A 424 -9.97 -10.13 17.01
C GLN A 424 -9.42 -11.39 17.61
N CYS A 425 -9.49 -12.49 16.90
CA CYS A 425 -8.94 -13.71 17.44
C CYS A 425 -8.74 -14.71 16.35
N MET A 426 -8.17 -15.85 16.67
CA MET A 426 -8.00 -16.86 15.66
C MET A 426 -8.62 -18.17 16.08
N TYR A 427 -9.27 -18.83 15.14
CA TYR A 427 -9.82 -20.15 15.41
C TYR A 427 -8.93 -21.22 14.82
N ALA A 428 -8.39 -22.09 15.65
CA ALA A 428 -7.54 -23.10 15.10
C ALA A 428 -8.40 -24.29 14.64
N PRO A 429 -8.19 -24.85 13.45
CA PRO A 429 -8.89 -26.01 12.97
C PRO A 429 -8.33 -27.19 13.75
N PRO A 430 -9.07 -28.28 13.90
CA PRO A 430 -8.63 -29.50 14.53
C PRO A 430 -7.61 -30.24 13.71
N ILE A 431 -6.76 -30.98 14.39
CA ILE A 431 -5.77 -31.81 13.74
C ILE A 431 -6.07 -33.28 13.87
N GLN A 432 -6.19 -33.93 12.73
CA GLN A 432 -6.49 -35.35 12.65
C GLN A 432 -5.36 -36.19 13.17
N GLY A 433 -5.70 -37.21 13.96
CA GLY A 433 -4.67 -38.10 14.48
C GLY A 433 -4.27 -37.72 15.88
N VAL A 434 -3.04 -38.06 16.23
CA VAL A 434 -2.50 -37.94 17.59
C VAL A 434 -1.23 -37.12 17.59
N ILE A 435 -1.13 -36.21 18.54
CA ILE A 435 0.01 -35.32 18.64
C ILE A 435 1.02 -35.63 19.71
N ARG A 436 2.27 -35.56 19.29
CA ARG A 436 3.40 -35.72 20.17
C ARG A 436 4.53 -34.85 19.69
N CYS A 437 5.19 -34.16 20.61
CA CYS A 437 6.35 -33.35 20.27
C CYS A 437 7.27 -33.24 21.44
N VAL A 438 8.50 -32.83 21.19
CA VAL A 438 9.43 -32.68 22.27
C VAL A 438 10.09 -31.35 22.22
N SER A 439 10.55 -30.89 23.35
CA SER A 439 11.27 -29.65 23.41
C SER A 439 12.20 -29.60 24.60
N ASN A 440 13.16 -28.70 24.54
CA ASN A 440 14.08 -28.49 25.63
C ASN A 440 13.95 -27.11 26.21
N ILE A 441 13.58 -27.05 27.46
CA ILE A 441 13.49 -25.75 28.04
C ILE A 441 14.91 -25.34 28.32
N THR A 442 15.18 -24.06 28.17
CA THR A 442 16.50 -23.48 28.38
C THR A 442 16.48 -22.40 29.42
N GLY A 443 15.35 -22.22 30.06
CA GLY A 443 15.25 -21.17 31.05
C GLY A 443 13.85 -21.00 31.55
N LEU A 444 13.70 -20.09 32.48
CA LEU A 444 12.41 -19.83 33.08
C LEU A 444 12.27 -18.41 33.56
N ILE A 445 11.03 -17.98 33.82
CA ILE A 445 10.81 -16.64 34.34
C ILE A 445 10.26 -16.65 35.75
N LEU A 446 10.99 -16.02 36.66
CA LEU A 446 10.61 -15.97 38.07
C LEU A 446 10.34 -14.57 38.59
N THR A 447 9.48 -14.49 39.60
CA THR A 447 9.18 -13.26 40.35
C THR A 447 9.27 -13.49 41.85
N ARG A 448 9.88 -12.57 42.60
CA ARG A 448 9.90 -12.76 44.06
C ARG A 448 8.67 -12.17 44.68
N ASP A 449 8.20 -12.74 45.77
CA ASP A 449 7.04 -12.17 46.42
C ASP A 449 7.28 -11.04 47.41
N GLY A 450 8.08 -11.26 48.42
CA GLY A 450 8.22 -10.24 49.45
C GLY A 450 9.01 -10.72 50.65
N GLY A 451 8.66 -10.23 51.83
CA GLY A 451 9.39 -10.54 53.05
C GLY A 451 8.80 -9.80 54.23
N SER A 452 9.54 -9.79 55.35
CA SER A 452 9.06 -9.17 56.56
C SER A 452 10.15 -8.45 57.32
N THR A 453 11.38 -8.56 56.81
CA THR A 453 12.62 -8.04 57.39
C THR A 453 13.07 -8.80 58.64
N ASN A 454 12.26 -9.72 59.15
CA ASN A 454 12.61 -10.39 60.39
C ASN A 454 12.57 -11.87 60.18
N SER A 455 12.59 -12.25 58.92
CA SER A 455 12.58 -13.63 58.54
C SER A 455 13.31 -13.84 57.23
N THR A 456 13.18 -15.02 56.71
CA THR A 456 13.84 -15.46 55.50
C THR A 456 12.88 -16.27 54.65
N THR A 457 13.43 -17.05 53.74
CA THR A 457 12.66 -17.88 52.83
C THR A 457 11.88 -17.13 51.76
N GLU A 458 12.58 -16.35 50.96
CA GLU A 458 11.95 -15.67 49.83
C GLU A 458 11.31 -16.71 48.93
N THR A 459 10.14 -16.40 48.38
CA THR A 459 9.51 -17.34 47.48
C THR A 459 9.54 -16.85 46.07
N PHE A 460 9.89 -17.75 45.19
CA PHE A 460 9.91 -17.46 43.79
C PHE A 460 8.75 -18.16 43.14
N ARG A 461 8.04 -17.45 42.28
CA ARG A 461 6.92 -18.02 41.58
C ARG A 461 7.15 -17.81 40.11
N PRO A 462 6.64 -18.66 39.24
CA PRO A 462 6.71 -18.51 37.80
C PRO A 462 5.84 -17.36 37.37
N GLY A 463 6.18 -16.76 36.24
CA GLY A 463 5.41 -15.65 35.69
C GLY A 463 5.80 -15.34 34.25
N GLY A 464 5.77 -14.07 33.87
CA GLY A 464 6.14 -13.72 32.49
C GLY A 464 4.96 -13.37 31.60
N GLY A 465 4.12 -12.45 32.03
CA GLY A 465 2.99 -12.06 31.19
C GLY A 465 3.39 -11.49 29.81
N ASP A 466 4.50 -10.75 29.73
CA ASP A 466 4.89 -10.17 28.45
C ASP A 466 5.50 -11.19 27.52
N MET A 467 5.49 -10.88 26.23
CA MET A 467 6.08 -11.72 25.21
C MET A 467 7.48 -11.31 24.89
N ARG A 468 7.79 -10.05 25.13
CA ARG A 468 9.10 -9.53 24.78
C ARG A 468 10.22 -10.23 25.51
N ASP A 469 9.95 -10.71 26.73
CA ASP A 469 10.96 -11.38 27.53
C ASP A 469 11.48 -12.65 26.85
N ASN A 470 10.72 -13.20 25.93
CA ASN A 470 11.18 -14.39 25.23
C ASN A 470 12.30 -14.07 24.29
N TRP A 471 12.35 -12.83 23.77
CA TRP A 471 13.35 -12.46 22.79
C TRP A 471 14.48 -11.68 23.40
N ARG A 472 14.23 -11.07 24.58
CA ARG A 472 15.30 -10.33 25.24
C ARG A 472 16.43 -11.28 25.49
N SER A 473 16.06 -12.54 25.76
CA SER A 473 16.92 -13.65 26.09
C SER A 473 17.91 -14.03 25.00
N GLU A 474 17.66 -13.65 23.75
CA GLU A 474 18.61 -13.96 22.70
C GLU A 474 19.36 -12.71 22.29
N LEU A 475 18.63 -11.61 22.26
CA LEU A 475 19.17 -10.36 21.78
C LEU A 475 20.03 -9.62 22.77
N TYR A 476 20.21 -10.17 23.95
CA TYR A 476 21.03 -9.55 24.97
C TYR A 476 22.46 -9.36 24.54
N LYS A 477 22.92 -10.11 23.56
CA LYS A 477 24.30 -9.95 23.15
C LYS A 477 24.51 -8.89 22.10
N TYR A 478 23.45 -8.25 21.62
CA TYR A 478 23.65 -7.32 20.54
C TYR A 478 23.28 -5.90 20.85
N LYS A 479 23.93 -4.99 20.12
CA LYS A 479 23.70 -3.56 20.18
C LYS A 479 23.88 -2.94 18.81
N VAL A 480 23.05 -1.97 18.45
CA VAL A 480 23.22 -1.30 17.16
C VAL A 480 23.82 0.07 17.29
N VAL A 481 24.84 0.33 16.48
CA VAL A 481 25.51 1.62 16.51
C VAL A 481 25.60 2.24 15.12
N LYS A 482 25.79 3.54 15.09
CA LYS A 482 25.93 4.32 13.87
C LYS A 482 27.37 4.76 13.64
N ILE A 483 27.86 4.55 12.44
CA ILE A 483 29.26 4.89 12.14
C ILE A 483 29.36 6.35 11.73
N GLU A 484 30.24 7.09 12.42
CA GLU A 484 30.37 8.54 12.26
C GLU A 484 31.77 9.13 11.95
N PRO A 485 32.21 9.17 10.66
CA PRO A 485 33.50 9.60 10.12
C PRO A 485 33.60 11.14 10.18
N LEU A 486 34.63 11.75 9.54
CA LEU A 486 34.87 13.20 9.56
C LEU A 486 35.38 13.65 10.90
N GLY A 487 36.41 12.97 11.35
CA GLY A 487 37.06 13.33 12.58
C GLY A 487 38.02 14.46 12.31
N VAL A 488 38.20 15.31 13.29
CA VAL A 488 39.11 16.42 13.16
C VAL A 488 40.11 16.34 14.27
N ALA A 489 41.37 16.57 13.94
CA ALA A 489 42.44 16.55 14.93
C ALA A 489 43.54 17.53 14.52
N PRO A 490 44.32 18.07 15.45
CA PRO A 490 45.45 18.88 15.15
C PRO A 490 46.65 18.11 14.64
N THR A 491 47.35 18.73 13.71
CA THR A 491 48.65 18.36 13.19
C THR A 491 49.34 19.70 13.05
N ARG A 492 48.59 20.74 13.43
CA ARG A 492 48.91 22.17 13.31
C ARG A 492 49.02 22.67 11.88
N ALA A 493 48.14 22.19 11.01
CA ALA A 493 48.08 22.61 9.61
C ALA A 493 49.46 23.04 9.09
N ARG A 518 42.64 -5.44 7.28
CA ARG A 518 42.67 -5.26 8.72
C ARG A 518 41.31 -5.58 9.33
N GLY A 519 40.26 -5.30 8.56
CA GLY A 519 38.88 -5.56 8.94
C GLY A 519 38.09 -4.30 9.28
N PHE A 520 36.79 -4.34 9.01
CA PHE A 520 35.93 -3.21 9.32
C PHE A 520 35.94 -2.97 10.81
N LEU A 521 36.31 -1.76 11.20
CA LEU A 521 36.48 -1.32 12.58
C LEU A 521 37.57 -2.07 13.31
N GLY A 522 38.42 -2.78 12.59
CA GLY A 522 39.50 -3.51 13.22
C GLY A 522 40.43 -2.58 13.97
N ALA A 523 40.60 -1.37 13.47
CA ALA A 523 41.48 -0.38 14.07
C ALA A 523 40.79 0.44 15.14
N ALA A 524 39.54 0.17 15.45
CA ALA A 524 38.81 0.99 16.41
C ALA A 524 39.51 1.03 17.77
N GLY A 525 40.16 -0.06 18.17
CA GLY A 525 40.86 -0.08 19.45
C GLY A 525 42.30 0.41 19.39
N SER A 526 42.76 0.86 18.21
CA SER A 526 44.12 1.29 18.01
C SER A 526 44.23 2.79 18.07
N THR A 527 45.44 3.31 18.05
CA THR A 527 45.60 4.75 18.18
C THR A 527 45.20 5.50 16.96
N MET A 528 45.04 6.80 17.13
CA MET A 528 44.65 7.68 16.06
C MET A 528 45.62 7.59 14.94
N GLY A 529 46.90 7.51 15.28
CA GLY A 529 47.91 7.39 14.27
C GLY A 529 47.73 6.10 13.49
N ALA A 530 47.66 4.97 14.18
CA ALA A 530 47.55 3.68 13.51
C ALA A 530 46.31 3.56 12.63
N ALA A 531 45.21 4.12 13.09
CA ALA A 531 43.93 4.06 12.42
C ALA A 531 43.93 4.75 11.07
N SER A 532 44.90 5.61 10.81
CA SER A 532 44.91 6.35 9.56
C SER A 532 45.01 5.42 8.37
N MET A 533 45.50 4.20 8.57
CA MET A 533 45.67 3.27 7.46
C MET A 533 44.43 2.51 7.03
N THR A 534 43.30 2.70 7.72
CA THR A 534 42.09 1.97 7.36
C THR A 534 40.96 2.89 6.94
N LEU A 535 41.26 4.11 6.54
CA LEU A 535 40.16 4.99 6.20
C LEU A 535 39.36 4.44 5.01
N THR A 536 40.02 3.78 4.05
CA THR A 536 39.27 3.22 2.92
C THR A 536 38.37 2.08 3.35
N VAL A 537 38.76 1.38 4.39
CA VAL A 537 37.97 0.25 4.83
C VAL A 537 36.66 0.74 5.35
N GLN A 538 36.72 1.79 6.13
CA GLN A 538 35.50 2.27 6.72
C GLN A 538 34.62 2.95 5.68
N ALA A 539 35.23 3.73 4.79
CA ALA A 539 34.47 4.48 3.82
C ALA A 539 33.62 3.59 2.93
N ARG A 540 34.16 2.44 2.57
CA ARG A 540 33.49 1.50 1.71
C ARG A 540 32.23 0.88 2.33
N ASN A 541 32.05 0.97 3.64
CA ASN A 541 30.87 0.39 4.28
C ASN A 541 29.83 1.43 4.67
N LEU A 542 29.99 2.67 4.19
CA LEU A 542 29.04 3.70 4.52
C LEU A 542 27.98 3.82 3.45
N LEU A 543 28.38 3.63 2.20
CA LEU A 543 27.44 3.74 1.10
C LEU A 543 26.84 2.39 0.83
N SER A 544 27.72 1.40 0.72
CA SER A 544 27.37 0.02 0.41
C SER A 544 25.93 -0.16 -0.03
N LEU A 566 1.25 -8.26 -0.29
CA LEU A 566 2.21 -9.32 -0.60
C LEU A 566 3.50 -9.16 0.17
N THR A 567 4.06 -7.95 0.10
CA THR A 567 5.32 -7.67 0.74
C THR A 567 5.18 -6.74 1.94
N VAL A 568 5.70 -7.19 3.07
CA VAL A 568 5.72 -6.40 4.30
C VAL A 568 6.87 -5.44 4.27
N TRP A 569 8.02 -5.97 3.93
CA TRP A 569 9.26 -5.22 3.87
C TRP A 569 9.37 -4.50 2.56
N GLY A 570 8.57 -3.46 2.44
CA GLY A 570 8.41 -2.65 1.25
C GLY A 570 8.97 -1.29 1.51
N ILE A 571 8.14 -0.45 2.10
CA ILE A 571 8.50 0.90 2.46
C ILE A 571 9.71 0.87 3.36
N LYS A 572 9.81 -0.09 4.27
CA LYS A 572 10.98 -0.10 5.13
C LYS A 572 12.27 -0.19 4.31
N GLN A 573 12.30 -0.94 3.21
CA GLN A 573 13.54 -1.03 2.48
C GLN A 573 13.84 0.27 1.77
N LEU A 574 12.81 0.86 1.18
CA LEU A 574 13.08 2.10 0.48
C LEU A 574 13.53 3.18 1.44
N GLN A 575 12.93 3.25 2.62
CA GLN A 575 13.36 4.27 3.55
C GLN A 575 14.79 4.06 3.98
N ALA A 576 15.17 2.82 4.24
CA ALA A 576 16.54 2.59 4.66
C ALA A 576 17.53 2.97 3.54
N ARG A 577 17.21 2.62 2.31
CA ARG A 577 18.13 2.93 1.24
C ARG A 577 18.25 4.42 1.05
N VAL A 578 17.14 5.12 1.13
CA VAL A 578 17.20 6.55 0.92
C VAL A 578 18.00 7.19 2.02
N LEU A 579 17.79 6.80 3.26
CA LEU A 579 18.55 7.39 4.32
C LEU A 579 20.03 7.18 4.14
N ALA A 580 20.45 5.96 3.83
CA ALA A 580 21.87 5.75 3.69
C ALA A 580 22.43 6.68 2.62
N VAL A 581 21.71 6.84 1.52
CA VAL A 581 22.19 7.74 0.49
C VAL A 581 22.23 9.18 0.98
N GLU A 582 21.20 9.64 1.66
CA GLU A 582 21.26 11.02 2.10
C GLU A 582 22.42 11.26 3.04
N ARG A 583 22.68 10.33 3.95
CA ARG A 583 23.78 10.57 4.86
C ARG A 583 25.09 10.68 4.10
N TYR A 584 25.27 9.78 3.15
CA TYR A 584 26.48 9.80 2.35
C TYR A 584 26.64 11.14 1.66
N LEU A 585 25.60 11.58 0.98
CA LEU A 585 25.71 12.81 0.23
C LEU A 585 25.92 14.01 1.12
N ARG A 586 25.32 14.05 2.29
CA ARG A 586 25.54 15.20 3.14
C ARG A 586 27.00 15.28 3.54
N ASP A 587 27.64 14.16 3.86
CA ASP A 587 29.06 14.24 4.20
C ASP A 587 29.87 14.71 3.01
N GLN A 588 29.52 14.25 1.82
CA GLN A 588 30.29 14.68 0.68
C GLN A 588 30.08 16.15 0.37
N GLN A 589 28.87 16.67 0.53
CA GLN A 589 28.67 18.08 0.25
C GLN A 589 29.54 18.91 1.18
N LEU A 590 29.60 18.52 2.45
CA LEU A 590 30.40 19.25 3.40
C LEU A 590 31.87 19.23 3.02
N LEU A 591 32.40 18.06 2.68
CA LEU A 591 33.81 18.01 2.30
C LEU A 591 34.04 18.84 1.06
N GLY A 592 33.09 18.84 0.15
CA GLY A 592 33.17 19.65 -1.04
C GLY A 592 33.35 21.11 -0.68
N ILE A 593 32.47 21.62 0.17
CA ILE A 593 32.51 23.02 0.58
C ILE A 593 33.83 23.34 1.25
N TRP A 594 34.30 22.44 2.09
CA TRP A 594 35.58 22.63 2.75
C TRP A 594 36.80 22.50 1.85
N GLY A 595 36.64 22.13 0.58
CA GLY A 595 37.77 21.97 -0.32
C GLY A 595 38.49 20.64 -0.17
N CYS A 596 37.82 19.65 0.40
CA CYS A 596 38.44 18.36 0.63
C CYS A 596 37.80 17.23 -0.18
N SER A 597 37.11 17.58 -1.25
CA SER A 597 36.52 16.54 -2.08
C SER A 597 37.58 15.62 -2.66
N GLY A 598 37.33 14.31 -2.62
CA GLY A 598 38.22 13.31 -3.22
C GLY A 598 39.41 12.89 -2.37
N LYS A 599 39.51 13.44 -1.16
CA LYS A 599 40.66 13.12 -0.32
C LYS A 599 40.28 12.52 1.01
N LEU A 600 40.87 11.39 1.34
CA LEU A 600 40.59 10.78 2.64
C LEU A 600 41.11 11.68 3.74
N ILE A 601 42.25 12.30 3.48
CA ILE A 601 42.87 13.18 4.46
C ILE A 601 43.15 14.50 3.78
N CYS A 602 42.80 15.59 4.43
CA CYS A 602 43.14 16.86 3.80
C CYS A 602 43.55 17.85 4.83
N THR A 603 44.24 18.88 4.38
CA THR A 603 44.72 19.90 5.28
C THR A 603 44.04 21.20 4.99
N THR A 604 43.58 21.84 6.05
CA THR A 604 42.91 23.12 5.93
C THR A 604 43.97 24.17 6.14
N ASN A 605 43.63 25.42 5.97
CA ASN A 605 44.61 26.46 6.20
C ASN A 605 44.33 27.12 7.55
N VAL A 606 43.62 26.42 8.43
CA VAL A 606 43.30 26.92 9.75
C VAL A 606 44.17 26.20 10.77
N PRO A 607 45.01 26.89 11.53
CA PRO A 607 45.88 26.29 12.52
C PRO A 607 44.98 25.86 13.64
N TRP A 608 45.39 24.87 14.39
CA TRP A 608 44.56 24.48 15.52
C TRP A 608 44.44 25.56 16.57
N ASN A 609 43.22 25.88 16.95
CA ASN A 609 43.01 26.84 18.01
C ASN A 609 43.09 26.06 19.30
N SER A 610 44.11 26.34 20.08
CA SER A 610 44.39 25.62 21.31
C SER A 610 43.29 25.70 22.35
N SER A 611 42.37 26.66 22.24
CA SER A 611 41.30 26.75 23.22
C SER A 611 40.40 25.50 23.20
N TRP A 612 40.44 24.75 22.11
CA TRP A 612 39.65 23.54 21.95
C TRP A 612 40.29 22.30 22.61
N SER A 613 41.60 22.34 22.79
CA SER A 613 42.39 21.23 23.35
C SER A 613 43.81 21.66 23.58
N ASN A 614 44.40 21.21 24.67
CA ASN A 614 45.77 21.57 25.02
C ASN A 614 46.63 20.36 25.36
N ARG A 615 47.01 19.62 24.32
CA ARG A 615 47.79 18.39 24.42
C ARG A 615 48.92 18.47 23.42
N ASN A 616 49.98 17.73 23.63
CA ASN A 616 51.03 17.72 22.63
C ASN A 616 50.64 16.76 21.53
N LEU A 617 51.14 16.94 20.32
CA LEU A 617 50.75 16.02 19.26
C LEU A 617 51.15 14.59 19.57
N SER A 618 52.31 14.40 20.18
CA SER A 618 52.76 13.06 20.50
C SER A 618 51.91 12.41 21.58
N GLU A 619 51.14 13.21 22.30
CA GLU A 619 50.30 12.75 23.38
C GLU A 619 48.93 12.33 22.87
N ILE A 620 48.65 12.64 21.61
CA ILE A 620 47.38 12.37 20.99
C ILE A 620 47.51 11.21 20.06
N TRP A 621 48.36 11.39 19.07
CA TRP A 621 48.45 10.48 17.96
C TRP A 621 48.97 9.10 18.31
N ASP A 622 49.80 9.02 19.34
CA ASP A 622 50.32 7.72 19.74
C ASP A 622 49.65 7.15 20.99
N ASN A 623 48.64 7.84 21.53
CA ASN A 623 48.01 7.33 22.75
C ASN A 623 46.53 7.10 22.69
N MET A 624 45.83 7.98 22.02
CA MET A 624 44.39 7.92 22.04
C MET A 624 43.86 7.23 20.84
N THR A 625 42.69 6.64 21.01
CA THR A 625 41.94 6.07 19.91
C THR A 625 41.05 7.17 19.36
N TRP A 626 40.44 6.97 18.21
CA TRP A 626 39.58 8.02 17.70
C TRP A 626 38.33 8.15 18.53
N LEU A 627 37.86 7.06 19.12
CA LEU A 627 36.67 7.15 19.94
C LEU A 627 36.97 8.08 21.12
N GLN A 628 38.15 7.92 21.72
CA GLN A 628 38.51 8.76 22.84
C GLN A 628 38.66 10.20 22.44
N TRP A 629 39.26 10.40 21.29
CA TRP A 629 39.49 11.75 20.82
C TRP A 629 38.20 12.47 20.62
N ASP A 630 37.25 11.82 19.97
CA ASP A 630 35.99 12.45 19.73
C ASP A 630 35.36 12.83 21.05
N LYS A 631 35.41 11.95 22.03
CA LYS A 631 34.80 12.31 23.30
C LYS A 631 35.45 13.55 23.89
N GLU A 632 36.77 13.68 23.81
CA GLU A 632 37.37 14.86 24.39
C GLU A 632 37.02 16.17 23.70
N ILE A 633 36.85 16.18 22.37
CA ILE A 633 36.58 17.46 21.72
C ILE A 633 35.24 17.60 20.99
N SER A 634 34.27 16.68 21.20
CA SER A 634 33.01 16.78 20.46
C SER A 634 32.26 18.09 20.72
N ASN A 635 32.53 18.72 21.83
CA ASN A 635 31.90 19.97 22.20
C ASN A 635 32.19 21.12 21.23
N TYR A 636 33.25 21.00 20.44
CA TYR A 636 33.66 22.09 19.56
C TYR A 636 33.56 21.77 18.07
N THR A 637 32.97 20.64 17.73
CA THR A 637 32.94 20.23 16.33
C THR A 637 32.28 21.23 15.43
N GLN A 638 31.16 21.76 15.87
CA GLN A 638 30.39 22.71 15.10
C GLN A 638 31.13 24.03 14.88
N ILE A 639 32.13 24.32 15.70
CA ILE A 639 32.84 25.56 15.54
C ILE A 639 33.74 25.41 14.37
N ILE A 640 34.45 24.32 14.37
CA ILE A 640 35.39 24.07 13.32
C ILE A 640 34.67 23.93 12.01
N TYR A 641 33.59 23.15 12.01
CA TYR A 641 32.89 22.96 10.77
C TYR A 641 32.38 24.26 10.21
N GLY A 642 31.87 25.12 11.08
CA GLY A 642 31.39 26.41 10.62
C GLY A 642 32.49 27.27 10.01
N LEU A 643 33.61 27.40 10.70
CA LEU A 643 34.66 28.27 10.23
C LEU A 643 35.21 27.87 8.88
N LEU A 644 35.39 26.58 8.71
CA LEU A 644 35.95 26.04 7.49
C LEU A 644 35.08 26.25 6.28
N GLU A 645 33.78 26.48 6.44
CA GLU A 645 32.95 26.62 5.27
C GLU A 645 33.00 27.97 4.61
N GLU A 646 33.36 29.03 5.34
CA GLU A 646 33.32 30.34 4.72
C GLU A 646 34.68 31.02 4.70
N SER A 647 35.48 30.81 5.74
CA SER A 647 36.76 31.47 5.83
C SER A 647 37.62 31.05 4.68
N GLN A 648 37.50 29.79 4.33
CA GLN A 648 38.29 29.19 3.30
C GLN A 648 37.34 28.60 2.29
N ASN A 649 37.79 28.46 1.05
CA ASN A 649 36.99 27.90 -0.05
C ASN A 649 35.75 28.73 -0.46
N GLN A 650 35.55 29.86 0.18
CA GLN A 650 34.58 30.87 -0.23
C GLN A 650 35.37 32.14 -0.37
N GLN A 651 35.95 32.62 0.72
CA GLN A 651 36.76 33.82 0.58
C GLN A 651 37.96 33.57 -0.31
N GLU A 652 38.52 32.38 -0.21
CA GLU A 652 39.68 32.03 -1.03
C GLU A 652 39.38 32.01 -2.52
N LYS A 653 38.12 31.86 -2.92
CA LYS A 653 37.84 31.74 -4.34
C LYS A 653 37.74 33.09 -5.00
N ASN A 654 37.88 34.15 -4.21
CA ASN A 654 37.89 35.48 -4.74
C ASN A 654 39.34 35.92 -4.79
N GLU A 655 40.24 34.98 -4.53
CA GLU A 655 41.65 35.26 -4.45
C GLU A 655 42.41 34.30 -5.33
N GLN B 1 9.16 2.06 70.11
CA GLN B 1 7.90 1.35 70.23
C GLN B 1 6.72 2.25 69.92
N SER B 2 6.95 3.55 70.00
CA SER B 2 5.90 4.52 69.70
C SER B 2 6.46 5.82 69.16
N LEU B 3 5.58 6.58 68.52
CA LEU B 3 5.96 7.88 68.01
C LEU B 3 5.07 8.94 68.61
N GLU B 4 5.68 10.05 68.97
CA GLU B 4 4.99 11.20 69.52
C GLU B 4 5.21 12.38 68.62
N GLU B 5 4.24 13.28 68.53
CA GLU B 5 4.48 14.41 67.64
C GLU B 5 3.76 15.69 68.05
N SER B 6 4.37 16.82 67.69
CA SER B 6 3.82 18.14 68.01
C SER B 6 4.35 19.27 67.14
N GLY B 7 4.00 20.52 67.50
CA GLY B 7 4.43 21.72 66.77
C GLY B 7 3.44 22.23 65.73
N GLY B 8 2.22 21.71 65.77
CA GLY B 8 1.19 22.14 64.84
C GLY B 8 0.42 23.33 65.37
N GLY B 9 -0.87 23.41 65.02
CA GLY B 9 -1.71 24.53 65.40
C GLY B 9 -2.00 25.51 64.26
N LEU B 10 -2.61 26.61 64.61
CA LEU B 10 -3.02 27.61 63.65
C LEU B 10 -2.02 28.71 63.46
N VAL B 11 -1.68 28.90 62.20
CA VAL B 11 -0.79 29.95 61.78
C VAL B 11 -1.57 30.60 60.67
N LYS B 12 -1.48 31.90 60.53
CA LYS B 12 -2.19 32.52 59.45
C LYS B 12 -1.48 32.15 58.17
N PRO B 13 -2.19 32.08 57.04
CA PRO B 13 -1.63 31.71 55.77
C PRO B 13 -0.42 32.54 55.43
N GLY B 14 0.58 31.84 54.94
CA GLY B 14 1.87 32.39 54.55
C GLY B 14 2.89 32.22 55.67
N GLY B 15 2.43 31.89 56.88
CA GLY B 15 3.35 31.70 57.98
C GLY B 15 3.90 30.28 57.96
N THR B 16 4.78 29.98 58.90
CA THR B 16 5.42 28.67 58.97
C THR B 16 5.32 28.01 60.33
N LEU B 17 5.01 26.72 60.32
CA LEU B 17 5.01 25.90 61.53
C LEU B 17 5.95 24.72 61.29
N THR B 18 6.55 24.18 62.35
CA THR B 18 7.39 23.01 62.20
C THR B 18 6.91 21.86 63.05
N LEU B 19 6.76 20.70 62.44
CA LEU B 19 6.32 19.56 63.23
C LEU B 19 7.51 18.76 63.60
N THR B 20 7.46 18.18 64.76
CA THR B 20 8.54 17.35 65.17
C THR B 20 8.01 15.99 65.49
N CYS B 21 8.84 15.00 65.33
CA CYS B 21 8.48 13.64 65.68
C CYS B 21 9.56 13.00 66.52
N LYS B 22 9.13 12.50 67.65
CA LYS B 22 10.00 11.88 68.61
C LYS B 22 9.77 10.42 68.78
N ALA B 23 10.84 9.66 68.64
CA ALA B 23 10.73 8.24 68.83
C ALA B 23 10.94 7.91 70.29
N SER B 24 10.24 6.88 70.77
CA SER B 24 10.42 6.34 72.12
C SER B 24 11.70 5.52 72.18
N GLY B 25 12.24 5.27 71.00
CA GLY B 25 13.47 4.54 70.75
C GLY B 25 13.28 3.54 69.66
N ILE B 26 13.86 3.89 68.51
CA ILE B 26 13.86 3.06 67.31
C ILE B 26 15.28 3.04 66.77
N ASP B 27 15.54 2.15 65.84
CA ASP B 27 16.84 2.10 65.19
C ASP B 27 16.95 3.13 64.06
N PHE B 28 17.67 4.22 64.31
CA PHE B 28 17.81 5.32 63.35
C PHE B 28 18.99 5.17 62.41
N THR B 29 19.64 4.02 62.42
CA THR B 29 20.78 3.76 61.55
C THR B 29 20.61 2.45 60.81
N SER B 30 19.46 2.24 60.21
CA SER B 30 19.16 0.96 59.57
C SER B 30 18.20 1.07 58.40
N GLY B 31 17.64 -0.06 57.97
CA GLY B 31 16.77 -0.10 56.79
C GLY B 31 15.36 0.46 57.02
N TYR B 32 15.30 1.70 57.51
CA TYR B 32 14.05 2.36 57.80
C TYR B 32 14.06 3.79 57.37
N ASP B 33 12.90 4.35 57.11
CA ASP B 33 12.86 5.79 56.94
C ASP B 33 11.89 6.29 57.99
N MET B 34 11.73 7.60 58.07
CA MET B 34 10.72 8.19 58.91
C MET B 34 10.04 9.13 58.00
N CYS B 35 8.74 9.15 58.05
CA CYS B 35 8.08 9.88 56.99
C CYS B 35 6.78 10.54 57.41
N TRP B 36 6.57 11.71 56.86
CA TRP B 36 5.38 12.47 57.10
C TRP B 36 4.28 12.14 56.13
N VAL B 37 3.11 11.90 56.70
CA VAL B 37 1.89 11.57 55.99
C VAL B 37 0.78 12.54 56.38
N ARG B 38 0.03 13.03 55.41
CA ARG B 38 -1.03 13.98 55.69
C ARG B 38 -2.43 13.45 55.46
N GLN B 39 -3.31 13.67 56.42
CA GLN B 39 -4.68 13.26 56.25
C GLN B 39 -5.56 14.44 56.03
N ALA B 40 -5.95 14.66 54.80
CA ALA B 40 -6.76 15.82 54.53
C ALA B 40 -8.05 15.59 55.32
N PRO B 41 -8.73 16.62 55.80
CA PRO B 41 -9.93 16.54 56.62
C PRO B 41 -11.16 16.07 55.87
N GLY B 42 -11.25 14.74 55.71
CA GLY B 42 -12.33 14.10 54.98
C GLY B 42 -11.84 13.15 53.89
N LYS B 43 -10.52 13.05 53.76
CA LYS B 43 -9.92 12.19 52.74
C LYS B 43 -9.09 11.10 53.40
N GLY B 44 -8.52 10.25 52.55
CA GLY B 44 -7.62 9.20 53.00
C GLY B 44 -6.26 9.84 53.19
N LEU B 45 -5.20 9.07 53.09
CA LEU B 45 -3.90 9.65 53.38
C LEU B 45 -3.10 10.05 52.16
N GLU B 46 -2.39 11.16 52.31
CA GLU B 46 -1.52 11.70 51.29
C GLU B 46 -0.07 11.65 51.73
N TRP B 47 0.79 11.36 50.79
CA TRP B 47 2.21 11.34 51.07
C TRP B 47 2.81 12.75 51.15
N VAL B 48 3.60 13.07 52.20
CA VAL B 48 4.22 14.41 52.24
C VAL B 48 5.73 14.34 51.96
N ALA B 49 6.50 13.66 52.83
CA ALA B 49 7.96 13.60 52.63
C ALA B 49 8.65 12.60 53.53
N CYS B 50 9.66 11.89 53.01
CA CYS B 50 10.38 10.88 53.82
C CYS B 50 11.88 11.08 53.87
N ILE B 51 12.50 10.61 54.96
CA ILE B 51 13.96 10.64 55.06
C ILE B 51 14.53 9.32 55.53
N TYR B 52 15.54 8.83 54.85
CA TYR B 52 16.12 7.56 55.25
C TYR B 52 16.87 7.70 56.56
N LEU B 53 16.60 6.81 57.50
CA LEU B 53 17.25 6.87 58.79
C LEU B 53 18.56 6.12 58.69
N GLY B 54 19.47 6.81 58.04
CA GLY B 54 20.76 6.34 57.61
C GLY B 54 21.42 7.53 56.93
N ASP B 55 21.87 7.36 55.69
CA ASP B 55 22.53 8.43 54.94
C ASP B 55 21.77 9.76 55.07
N GLY B 56 20.46 9.75 54.94
CA GLY B 56 19.67 10.95 55.07
C GLY B 56 19.13 11.46 53.76
N ASN B 57 19.12 10.63 52.73
CA ASN B 57 18.53 11.11 51.50
C ASN B 57 17.06 11.33 51.75
N THR B 58 16.54 12.37 51.14
CA THR B 58 15.13 12.66 51.28
C THR B 58 14.37 12.55 49.99
N TYR B 59 13.08 12.29 50.15
CA TYR B 59 12.15 12.18 49.05
C TYR B 59 10.96 13.07 49.34
N TYR B 60 10.48 13.79 48.35
CA TYR B 60 9.33 14.64 48.60
C TYR B 60 8.21 14.38 47.65
N ALA B 61 7.01 14.51 48.15
CA ALA B 61 5.89 14.39 47.26
C ALA B 61 6.07 15.46 46.27
N SER B 62 5.74 15.23 45.02
CA SER B 62 5.96 16.30 44.08
C SER B 62 5.22 17.58 44.45
N TRP B 63 4.01 17.46 45.00
CA TRP B 63 3.24 18.64 45.37
C TRP B 63 3.90 19.43 46.50
N ALA B 64 4.72 18.76 47.29
CA ALA B 64 5.37 19.31 48.45
C ALA B 64 6.82 19.69 48.20
N LYS B 65 7.35 19.35 47.04
CA LYS B 65 8.78 19.50 46.78
C LYS B 65 9.30 20.92 46.92
N GLY B 66 8.53 21.90 46.46
CA GLY B 66 8.98 23.28 46.52
C GLY B 66 8.52 24.00 47.78
N GLN B 67 7.88 23.30 48.70
CA GLN B 67 7.35 23.95 49.88
C GLN B 67 7.83 23.38 51.19
N PHE B 68 7.89 22.07 51.29
CA PHE B 68 8.19 21.45 52.55
C PHE B 68 9.61 20.93 52.58
N THR B 69 10.21 20.97 53.75
CA THR B 69 11.54 20.40 53.87
C THR B 69 11.71 19.64 55.16
N ILE B 70 12.46 18.54 55.09
CA ILE B 70 12.67 17.72 56.27
C ILE B 70 14.12 17.38 56.52
N SER B 71 14.43 17.14 57.77
CA SER B 71 15.77 16.71 58.12
C SER B 71 15.84 16.05 59.47
N LYS B 72 16.75 15.10 59.60
CA LYS B 72 17.04 14.47 60.88
C LYS B 72 17.64 15.51 61.79
N THR B 73 17.19 15.63 63.03
CA THR B 73 17.78 16.64 63.90
C THR B 73 18.56 16.02 65.05
N SER B 74 18.22 14.80 65.41
CA SER B 74 18.89 14.14 66.51
C SER B 74 18.71 12.64 66.42
N SER B 75 19.28 11.95 67.40
CA SER B 75 19.17 10.49 67.50
C SER B 75 17.78 10.04 67.95
N THR B 76 16.91 10.99 68.35
CA THR B 76 15.56 10.64 68.76
C THR B 76 14.51 11.38 67.92
N THR B 77 14.91 12.47 67.25
CA THR B 77 13.92 13.27 66.51
C THR B 77 14.26 13.63 65.07
N VAL B 78 13.19 13.82 64.30
CA VAL B 78 13.18 14.28 62.90
C VAL B 78 12.15 15.40 62.76
N THR B 79 12.46 16.46 62.00
CA THR B 79 11.45 17.51 61.87
C THR B 79 11.05 17.87 60.44
N LEU B 80 9.83 18.42 60.34
CA LEU B 80 9.23 18.91 59.10
C LEU B 80 8.91 20.38 59.12
N GLN B 81 9.57 21.13 58.26
CA GLN B 81 9.30 22.56 58.24
C GLN B 81 8.30 22.86 57.17
N MET B 82 7.13 23.23 57.61
CA MET B 82 6.02 23.46 56.73
C MET B 82 6.03 24.91 56.33
N THR B 83 6.94 25.21 55.45
CA THR B 83 7.17 26.56 55.01
C THR B 83 5.91 27.07 54.31
N SER B 84 5.49 28.29 54.65
CA SER B 84 4.35 28.93 54.00
C SER B 84 3.06 28.12 53.99
N LEU B 85 2.64 27.66 55.15
CA LEU B 85 1.38 26.92 55.22
C LEU B 85 0.24 27.79 54.76
N THR B 86 -0.70 27.18 54.06
CA THR B 86 -1.90 27.91 53.64
C THR B 86 -3.18 27.16 53.96
N ALA B 87 -4.32 27.65 53.49
CA ALA B 87 -5.61 27.05 53.80
C ALA B 87 -5.69 25.60 53.34
N ALA B 88 -5.10 25.34 52.19
CA ALA B 88 -5.05 24.04 51.54
C ALA B 88 -4.27 23.01 52.34
N ASP B 89 -3.46 23.46 53.30
CA ASP B 89 -2.64 22.54 54.06
C ASP B 89 -3.27 22.13 55.37
N THR B 90 -4.51 22.57 55.62
CA THR B 90 -5.20 22.19 56.83
C THR B 90 -5.33 20.68 56.82
N ALA B 91 -4.82 20.00 57.84
CA ALA B 91 -4.87 18.53 57.86
C ALA B 91 -4.31 17.97 59.15
N THR B 92 -4.50 16.65 59.34
CA THR B 92 -3.79 16.00 60.42
C THR B 92 -2.51 15.44 59.84
N TYR B 93 -1.41 15.78 60.41
CA TYR B 93 -0.13 15.29 59.94
C TYR B 93 0.30 14.19 60.85
N PHE B 94 0.82 13.11 60.27
CA PHE B 94 1.27 11.96 61.01
C PHE B 94 2.71 11.62 60.79
N CYS B 95 3.30 11.15 61.86
CA CYS B 95 4.64 10.63 61.82
C CYS B 95 4.59 9.12 61.73
N ALA B 96 5.30 8.54 60.77
CA ALA B 96 5.31 7.08 60.67
C ALA B 96 6.67 6.55 60.30
N ARG B 97 6.93 5.31 60.68
CA ARG B 97 8.18 4.66 60.32
C ARG B 97 7.89 3.58 59.30
N PHE B 98 8.76 3.48 58.31
CA PHE B 98 8.64 2.46 57.28
C PHE B 98 9.80 1.52 57.20
N ALA B 99 9.49 0.26 57.06
CA ALA B 99 10.47 -0.82 56.93
C ALA B 99 10.55 -1.30 55.49
N GLY B 100 11.55 -2.10 55.14
CA GLY B 100 11.53 -2.69 53.80
C GLY B 100 10.86 -4.05 53.95
N TYR B 101 11.16 -4.98 53.05
CA TYR B 101 10.55 -6.30 53.14
C TYR B 101 11.61 -7.36 53.37
N ARG B 102 12.56 -7.49 52.46
CA ARG B 102 13.67 -8.40 52.69
C ARG B 102 14.89 -7.74 52.11
N TYR B 103 14.92 -7.72 50.79
CA TYR B 103 15.86 -6.96 50.00
C TYR B 103 14.99 -6.25 49.02
N SER B 104 14.66 -5.01 49.32
CA SER B 104 13.73 -4.31 48.48
C SER B 104 13.81 -2.82 48.62
N VAL B 105 12.98 -2.18 47.83
CA VAL B 105 12.80 -0.75 47.74
C VAL B 105 11.37 -0.37 48.06
N TRP B 106 10.58 -1.40 48.18
CA TRP B 106 9.19 -1.24 48.50
C TRP B 106 9.17 -1.14 49.99
N SER B 107 8.52 -0.15 50.53
CA SER B 107 8.53 0.02 51.95
C SER B 107 7.29 -0.56 52.59
N TYR B 108 7.31 -0.61 53.88
CA TYR B 108 6.30 -1.21 54.67
C TYR B 108 6.04 -0.46 55.97
N PRO B 109 5.09 0.45 56.08
CA PRO B 109 4.93 1.22 57.29
C PRO B 109 4.67 0.25 58.38
N ASP B 110 5.26 0.45 59.55
CA ASP B 110 4.96 -0.47 60.62
C ASP B 110 4.74 0.22 61.95
N LEU B 111 4.90 1.53 61.98
CA LEU B 111 4.72 2.24 63.23
C LEU B 111 4.16 3.61 62.98
N TRP B 112 3.09 3.96 63.68
CA TRP B 112 2.48 5.26 63.49
C TRP B 112 2.32 6.01 64.79
N GLY B 113 2.43 7.34 64.69
CA GLY B 113 2.14 8.22 65.81
C GLY B 113 0.65 8.56 65.76
N PRO B 114 0.14 9.30 66.73
CA PRO B 114 -1.24 9.74 66.83
C PRO B 114 -1.65 10.84 65.86
N GLY B 115 -0.70 11.54 65.27
CA GLY B 115 -1.03 12.64 64.39
C GLY B 115 -1.28 13.95 65.12
N THR B 116 -1.15 15.06 64.41
CA THR B 116 -1.42 16.39 64.97
C THR B 116 -1.97 17.35 63.93
N LEU B 117 -2.78 18.32 64.34
CA LEU B 117 -3.37 19.25 63.38
C LEU B 117 -2.66 20.55 63.14
N VAL B 118 -2.75 21.04 61.91
CA VAL B 118 -2.33 22.39 61.58
C VAL B 118 -3.50 23.01 60.84
N THR B 119 -3.60 24.33 60.91
CA THR B 119 -4.62 25.07 60.18
C THR B 119 -4.01 26.34 59.57
N ASP C 1 3.08 7.50 41.45
CA ASP C 1 2.43 7.62 40.17
C ASP C 1 1.22 6.74 40.06
N ILE C 2 0.87 6.10 41.16
CA ILE C 2 -0.28 5.21 41.17
C ILE C 2 -1.30 5.54 42.21
N VAL C 3 -2.51 5.10 41.95
CA VAL C 3 -3.57 5.29 42.89
C VAL C 3 -4.14 3.96 43.28
N MET C 4 -4.30 3.79 44.57
CA MET C 4 -4.93 2.59 45.09
C MET C 4 -6.37 3.03 45.30
N THR C 5 -7.34 2.25 44.87
CA THR C 5 -8.71 2.68 45.11
C THR C 5 -9.47 1.60 45.78
N GLN C 6 -10.48 1.98 46.53
CA GLN C 6 -11.31 0.99 47.16
C GLN C 6 -12.74 1.20 46.72
N THR C 7 -13.44 0.10 46.54
CA THR C 7 -14.82 0.17 46.10
C THR C 7 -15.90 0.24 47.20
N PRO C 8 -15.95 -0.65 48.19
CA PRO C 8 -16.98 -0.73 49.17
C PRO C 8 -16.77 0.31 50.24
N ALA C 9 -17.06 1.56 49.92
CA ALA C 9 -16.77 2.70 50.79
C ALA C 9 -17.38 2.51 52.18
N SER C 10 -18.53 1.87 52.25
CA SER C 10 -19.13 1.63 53.54
C SER C 10 -19.91 0.35 53.55
N VAL C 11 -19.62 -0.48 54.54
CA VAL C 11 -20.29 -1.76 54.69
C VAL C 11 -20.80 -1.92 56.09
N GLU C 12 -21.79 -2.78 56.24
CA GLU C 12 -22.35 -3.04 57.54
C GLU C 12 -22.77 -4.48 57.67
N ALA C 13 -22.53 -5.04 58.84
CA ALA C 13 -22.94 -6.40 59.12
C ALA C 13 -23.26 -6.54 60.58
N ASP C 14 -24.08 -7.51 60.92
CA ASP C 14 -24.33 -7.70 62.32
C ASP C 14 -23.17 -8.45 62.92
N VAL C 15 -23.15 -8.53 64.23
CA VAL C 15 -22.09 -9.22 64.91
C VAL C 15 -22.05 -10.68 64.51
N GLY C 16 -20.87 -11.15 64.16
CA GLY C 16 -20.61 -12.50 63.71
C GLY C 16 -20.63 -12.64 62.20
N GLY C 17 -21.01 -11.57 61.50
CA GLY C 17 -21.07 -11.62 60.05
C GLY C 17 -19.70 -11.42 59.41
N THR C 18 -19.67 -11.33 58.08
CA THR C 18 -18.43 -11.14 57.33
C THR C 18 -18.56 -10.07 56.26
N VAL C 19 -17.55 -9.22 56.16
CA VAL C 19 -17.51 -8.21 55.10
C VAL C 19 -16.22 -8.31 54.32
N THR C 20 -16.24 -7.81 53.10
CA THR C 20 -15.02 -7.79 52.33
C THR C 20 -14.75 -6.40 51.83
N ILE C 21 -13.47 -6.12 51.68
CA ILE C 21 -12.99 -4.87 51.16
C ILE C 21 -12.12 -5.12 49.94
N LYS C 22 -12.44 -4.49 48.83
CA LYS C 22 -11.66 -4.69 47.62
C LYS C 22 -10.88 -3.48 47.19
N CYS C 23 -9.56 -3.67 47.09
CA CYS C 23 -8.63 -2.61 46.72
C CYS C 23 -8.01 -2.85 45.35
N GLN C 24 -8.28 -1.94 44.45
CA GLN C 24 -7.81 -2.00 43.08
C GLN C 24 -6.55 -1.17 42.90
N ALA C 25 -5.50 -1.77 42.37
CA ALA C 25 -4.26 -1.03 42.14
C ALA C 25 -4.21 -0.53 40.70
N SER C 26 -3.40 0.47 40.46
CA SER C 26 -3.23 1.04 39.12
C SER C 26 -2.20 0.32 38.27
N GLN C 27 -1.45 -0.58 38.86
CA GLN C 27 -0.42 -1.26 38.11
C GLN C 27 -0.09 -2.57 38.74
N ARG C 28 0.66 -3.37 38.04
CA ARG C 28 1.09 -4.60 38.61
C ARG C 28 2.04 -4.37 39.78
N ILE C 29 1.66 -4.89 40.92
CA ILE C 29 2.37 -4.89 42.18
C ILE C 29 2.40 -6.35 42.49
N VAL C 30 3.47 -6.92 42.95
CA VAL C 30 3.35 -8.35 43.13
C VAL C 30 2.39 -8.75 44.26
N ASN C 31 2.69 -8.37 45.49
CA ASN C 31 1.81 -8.66 46.61
C ASN C 31 2.00 -7.62 47.69
N LEU C 32 2.52 -6.50 47.34
CA LEU C 32 2.98 -5.59 48.35
C LEU C 32 1.93 -4.66 48.94
N VAL C 33 1.02 -5.23 49.71
CA VAL C 33 -0.07 -4.49 50.34
C VAL C 33 -0.12 -4.67 51.87
N ALA C 34 -0.28 -3.56 52.58
CA ALA C 34 -0.30 -3.57 54.07
C ALA C 34 -1.66 -3.77 54.82
N TRP C 35 -2.77 -3.21 54.35
CA TRP C 35 -4.06 -3.33 55.07
C TRP C 35 -4.10 -2.91 56.56
N TYR C 36 -4.06 -1.63 56.86
CA TYR C 36 -4.17 -1.19 58.27
C TYR C 36 -5.59 -0.96 58.75
N GLN C 37 -5.82 -1.23 60.04
CA GLN C 37 -7.08 -0.93 60.72
C GLN C 37 -6.94 0.41 61.43
N HIS C 38 -7.84 1.34 61.18
CA HIS C 38 -7.70 2.63 61.81
C HIS C 38 -8.94 3.13 62.54
N LYS C 39 -8.79 3.35 63.83
CA LYS C 39 -9.87 3.83 64.66
C LYS C 39 -9.55 5.28 64.96
N PRO C 40 -10.53 6.16 65.14
CA PRO C 40 -10.31 7.54 65.39
C PRO C 40 -9.64 7.73 66.72
N GLY C 41 -8.73 8.69 66.77
CA GLY C 41 -8.01 9.01 67.98
C GLY C 41 -6.83 8.07 68.21
N GLN C 42 -6.62 7.14 67.28
CA GLN C 42 -5.56 6.16 67.43
C GLN C 42 -4.66 6.13 66.21
N PRO C 43 -3.40 5.68 66.36
CA PRO C 43 -2.51 5.40 65.26
C PRO C 43 -3.06 4.16 64.56
N PRO C 44 -2.96 4.00 63.24
CA PRO C 44 -3.33 2.81 62.50
C PRO C 44 -2.59 1.56 62.97
N LYS C 45 -3.30 0.43 63.01
CA LYS C 45 -2.71 -0.85 63.40
C LYS C 45 -2.56 -1.77 62.20
N LEU C 46 -1.36 -2.24 61.98
CA LEU C 46 -1.06 -3.12 60.87
C LEU C 46 -1.75 -4.47 60.93
N LEU C 47 -2.43 -4.89 59.86
CA LEU C 47 -3.02 -6.21 59.88
C LEU C 47 -2.27 -7.22 59.00
N ILE C 48 -1.84 -6.79 57.81
CA ILE C 48 -1.25 -7.71 56.83
C ILE C 48 0.14 -7.35 56.26
N ILE C 49 0.98 -8.36 56.14
CA ILE C 49 2.29 -8.24 55.54
C ILE C 49 2.30 -8.94 54.18
N GLY C 50 2.65 -8.23 53.12
CA GLY C 50 2.76 -8.91 51.83
C GLY C 50 1.44 -9.36 51.22
N ALA C 51 0.37 -8.63 51.53
CA ALA C 51 -0.99 -8.90 51.11
C ALA C 51 -1.57 -10.22 51.61
N SER C 52 -0.87 -10.99 52.47
CA SER C 52 -1.56 -12.15 53.02
C SER C 52 -1.05 -12.65 54.37
N ASP C 53 0.18 -12.34 54.77
CA ASP C 53 0.62 -12.86 56.05
C ASP C 53 0.04 -12.00 57.12
N LEU C 54 -0.28 -12.53 58.29
CA LEU C 54 -0.75 -11.60 59.30
C LEU C 54 0.34 -11.00 60.12
N ALA C 55 0.10 -9.76 60.45
CA ALA C 55 0.96 -9.03 61.34
C ALA C 55 0.90 -9.70 62.69
N SER C 56 1.98 -9.73 63.42
CA SER C 56 1.87 -10.30 64.74
C SER C 56 0.91 -9.44 65.55
N GLY C 57 0.07 -10.07 66.36
CA GLY C 57 -0.85 -9.32 67.21
C GLY C 57 -2.28 -9.13 66.70
N VAL C 58 -2.69 -9.85 65.66
CA VAL C 58 -4.07 -9.70 65.19
C VAL C 58 -4.70 -11.09 65.17
N PRO C 59 -6.02 -11.21 65.35
CA PRO C 59 -6.75 -12.45 65.31
C PRO C 59 -6.91 -12.99 63.91
N SER C 60 -7.11 -14.30 63.81
CA SER C 60 -7.38 -14.97 62.55
C SER C 60 -8.83 -14.78 62.15
N ARG C 61 -9.15 -13.55 61.90
CA ARG C 61 -10.42 -13.03 61.48
C ARG C 61 -10.09 -12.31 60.25
N PHE C 62 -8.85 -11.85 60.22
CA PHE C 62 -8.44 -11.06 59.10
C PHE C 62 -7.71 -11.97 58.14
N SER C 63 -8.03 -11.85 56.88
CA SER C 63 -7.38 -12.63 55.86
C SER C 63 -7.47 -11.94 54.53
N GLY C 64 -6.54 -12.21 53.64
CA GLY C 64 -6.65 -11.57 52.36
C GLY C 64 -5.72 -12.18 51.34
N SER C 65 -5.88 -11.73 50.11
CA SER C 65 -5.09 -12.24 49.01
C SER C 65 -5.17 -11.39 47.77
N GLY C 66 -4.29 -11.68 46.83
CA GLY C 66 -4.29 -11.03 45.52
C GLY C 66 -2.92 -11.19 44.93
N TYR C 67 -2.76 -10.83 43.66
CA TYR C 67 -1.45 -10.94 43.09
C TYR C 67 -1.23 -9.91 42.02
N GLY C 68 -1.56 -8.70 42.33
CA GLY C 68 -1.34 -7.63 41.40
C GLY C 68 -2.60 -7.17 40.75
N THR C 69 -2.75 -5.88 40.79
CA THR C 69 -3.86 -5.08 40.30
C THR C 69 -5.11 -5.25 41.16
N GLU C 70 -5.26 -6.33 41.92
CA GLU C 70 -6.41 -6.44 42.80
C GLU C 70 -6.13 -7.25 44.03
N PHE C 71 -6.47 -6.68 45.17
CA PHE C 71 -6.26 -7.34 46.43
C PHE C 71 -7.48 -7.21 47.30
N THR C 72 -7.80 -8.23 48.09
CA THR C 72 -8.93 -8.10 48.97
C THR C 72 -8.63 -8.46 50.40
N LEU C 73 -9.40 -7.85 51.28
CA LEU C 73 -9.39 -8.11 52.71
C LEU C 73 -10.73 -8.61 53.18
N THR C 74 -10.73 -9.74 53.84
CA THR C 74 -11.95 -10.34 54.35
C THR C 74 -11.92 -10.31 55.85
N ILE C 75 -12.99 -9.83 56.45
CA ILE C 75 -13.04 -9.78 57.89
C ILE C 75 -14.20 -10.59 58.39
N SER C 76 -13.93 -11.74 58.99
CA SER C 76 -15.01 -12.61 59.45
C SER C 76 -15.21 -12.49 60.94
N ASP C 77 -16.32 -13.05 61.45
CA ASP C 77 -16.60 -13.05 62.88
C ASP C 77 -16.54 -11.65 63.44
N LEU C 78 -17.18 -10.71 62.76
CA LEU C 78 -17.16 -9.32 63.14
C LEU C 78 -17.76 -8.98 64.49
N GLU C 79 -17.08 -8.09 65.21
CA GLU C 79 -17.58 -7.57 66.48
C GLU C 79 -17.75 -6.07 66.40
N CYS C 80 -18.45 -5.46 67.34
CA CYS C 80 -18.57 -4.01 67.34
C CYS C 80 -17.18 -3.37 67.43
N ALA C 81 -16.27 -4.08 68.08
CA ALA C 81 -14.88 -3.70 68.28
C ALA C 81 -14.12 -3.53 66.95
N ASP C 82 -14.61 -4.15 65.89
CA ASP C 82 -13.97 -4.08 64.60
C ASP C 82 -14.45 -2.92 63.77
N ALA C 83 -15.38 -2.13 64.29
CA ALA C 83 -15.77 -1.01 63.49
C ALA C 83 -14.55 -0.11 63.35
N ALA C 84 -14.19 0.21 62.12
CA ALA C 84 -12.98 0.98 61.85
C ALA C 84 -12.88 1.37 60.38
N THR C 85 -11.92 2.23 60.08
CA THR C 85 -11.59 2.57 58.71
C THR C 85 -10.47 1.64 58.28
N TYR C 86 -10.55 1.05 57.10
CA TYR C 86 -9.49 0.15 56.66
C TYR C 86 -8.74 0.70 55.47
N PHE C 87 -7.42 0.67 55.57
CA PHE C 87 -6.47 1.19 54.58
C PHE C 87 -6.01 0.19 53.55
N CYS C 88 -5.44 0.71 52.48
CA CYS C 88 -4.81 -0.07 51.43
C CYS C 88 -3.63 0.74 50.92
N GLN C 89 -2.45 0.14 50.76
CA GLN C 89 -1.31 0.93 50.25
C GLN C 89 -0.24 0.07 49.63
N SER C 90 0.56 0.70 48.75
CA SER C 90 1.69 0.05 48.07
C SER C 90 3.05 0.42 48.65
N ALA C 91 3.15 1.63 49.18
CA ALA C 91 4.33 2.17 49.85
C ALA C 91 5.73 2.12 49.14
N TYR C 92 5.91 2.53 47.89
CA TYR C 92 7.27 2.56 47.30
C TYR C 92 8.02 3.88 47.50
N ASN C 93 9.31 3.84 47.87
CA ASN C 93 10.08 5.09 47.94
C ASN C 93 10.99 5.22 46.74
N GLY C 94 10.77 6.24 45.96
CA GLY C 94 11.51 6.43 44.74
C GLY C 94 10.63 7.26 43.85
N ASP C 95 10.65 7.02 42.57
CA ASP C 95 9.85 7.83 41.69
C ASP C 95 8.36 7.45 41.72
N GLY C 96 8.04 6.18 41.48
CA GLY C 96 6.64 5.71 41.44
C GLY C 96 6.16 5.42 42.85
N ASP C 97 6.12 6.47 43.63
CA ASP C 97 6.01 6.43 45.06
C ASP C 97 4.70 6.21 45.81
N ASN C 98 4.79 6.37 47.14
CA ASN C 98 3.74 6.07 48.08
C ASN C 98 2.36 6.52 47.69
N ALA C 99 1.44 5.59 47.88
CA ALA C 99 0.04 5.77 47.59
C ALA C 99 -0.80 4.99 48.58
N PHE C 100 -1.88 5.60 48.99
CA PHE C 100 -2.83 5.00 49.92
C PHE C 100 -4.20 5.08 49.30
N GLY C 101 -5.08 4.18 49.70
CA GLY C 101 -6.45 4.25 49.23
C GLY C 101 -7.26 5.22 50.07
N GLY C 102 -8.48 5.51 49.64
CA GLY C 102 -9.37 6.40 50.36
C GLY C 102 -9.73 5.90 51.74
N GLY C 103 -9.79 4.59 51.88
CA GLY C 103 -10.17 3.93 53.10
C GLY C 103 -11.65 3.63 53.05
N THR C 104 -12.04 2.51 53.65
CA THR C 104 -13.46 2.13 53.67
C THR C 104 -13.86 1.96 55.11
N GLU C 105 -15.13 2.13 55.41
CA GLU C 105 -15.61 1.97 56.78
C GLU C 105 -16.47 0.75 57.02
N VAL C 106 -16.14 0.04 58.09
CA VAL C 106 -16.91 -1.13 58.48
C VAL C 106 -17.66 -0.81 59.75
N VAL C 107 -18.98 -1.01 59.70
CA VAL C 107 -19.85 -0.77 60.83
C VAL C 107 -20.39 -2.09 61.32
N VAL C 108 -20.27 -2.36 62.62
CA VAL C 108 -20.75 -3.62 63.13
C VAL C 108 -21.59 -3.38 64.38
N VAL D 30 48.45 1.06 -16.11
CA VAL D 30 47.03 1.02 -15.78
C VAL D 30 46.37 2.39 -15.94
N THR D 31 45.47 2.48 -16.92
CA THR D 31 44.73 3.69 -17.20
C THR D 31 43.23 3.41 -17.08
N VAL D 32 42.51 4.31 -16.43
CA VAL D 32 41.09 4.10 -16.16
C VAL D 32 40.16 4.99 -16.98
N TYR D 33 39.16 4.37 -17.59
CA TYR D 33 38.20 5.07 -18.43
C TYR D 33 36.75 4.96 -17.98
N TYR D 34 36.13 6.10 -17.70
CA TYR D 34 34.76 6.10 -17.26
C TYR D 34 33.88 6.62 -18.34
N GLY D 35 32.86 5.84 -18.67
CA GLY D 35 31.95 6.18 -19.76
C GLY D 35 32.18 5.24 -20.95
N VAL D 36 32.90 4.16 -20.72
CA VAL D 36 33.17 3.18 -21.76
C VAL D 36 31.89 2.49 -22.23
N PRO D 37 31.58 2.47 -23.54
CA PRO D 37 30.36 1.95 -24.14
C PRO D 37 30.25 0.44 -24.25
N VAL D 38 30.17 -0.22 -23.11
CA VAL D 38 30.05 -1.68 -23.05
C VAL D 38 28.89 -2.10 -22.19
N TRP D 39 28.44 -3.34 -22.38
CA TRP D 39 27.32 -3.84 -21.61
C TRP D 39 27.34 -5.33 -21.40
N LYS D 40 26.50 -5.73 -20.45
CA LYS D 40 26.25 -7.12 -20.11
C LYS D 40 24.76 -7.40 -20.07
N ASP D 41 24.36 -8.61 -20.38
CA ASP D 41 22.96 -8.95 -20.31
C ASP D 41 22.45 -8.78 -18.90
N ALA D 42 21.23 -8.26 -18.75
CA ALA D 42 20.71 -8.09 -17.40
C ALA D 42 19.21 -8.03 -17.36
N GLU D 43 18.64 -8.30 -16.19
CA GLU D 43 17.22 -8.22 -16.01
C GLU D 43 16.84 -7.13 -15.04
N THR D 44 15.91 -6.29 -15.45
CA THR D 44 15.42 -5.23 -14.58
C THR D 44 13.98 -4.94 -14.87
N THR D 45 13.43 -3.98 -14.15
CA THR D 45 12.04 -3.57 -14.27
C THR D 45 11.87 -2.59 -15.39
N LEU D 46 10.95 -2.86 -16.28
CA LEU D 46 10.70 -1.91 -17.34
C LEU D 46 9.44 -1.16 -17.02
N PHE D 47 9.34 0.08 -17.46
CA PHE D 47 8.14 0.84 -17.15
C PHE D 47 7.23 1.03 -18.31
N CYS D 48 5.96 0.85 -18.07
CA CYS D 48 5.00 1.06 -19.13
C CYS D 48 4.87 2.54 -19.44
N ALA D 49 4.64 2.82 -20.70
CA ALA D 49 4.42 4.17 -21.15
C ALA D 49 3.39 4.17 -22.27
N SER D 50 2.70 5.29 -22.45
CA SER D 50 1.70 5.39 -23.51
C SER D 50 1.75 6.71 -24.23
N HIS D 60 -12.34 4.47 -19.28
CA HIS D 60 -11.06 3.81 -19.04
C HIS D 60 -11.09 2.33 -19.36
N ASN D 61 -9.94 1.83 -19.75
CA ASN D 61 -9.75 0.42 -20.03
C ASN D 61 -9.32 -0.34 -18.79
N VAL D 62 -9.34 -1.66 -18.86
CA VAL D 62 -8.88 -2.41 -17.71
C VAL D 62 -7.36 -2.31 -17.57
N TRP D 63 -6.65 -2.13 -18.68
CA TRP D 63 -5.21 -1.94 -18.60
C TRP D 63 -5.06 -0.44 -18.49
N ALA D 64 -5.54 0.10 -17.39
CA ALA D 64 -5.62 1.52 -17.21
C ALA D 64 -4.31 2.17 -17.40
N THR D 65 -4.35 3.31 -18.07
CA THR D 65 -3.17 4.09 -18.33
C THR D 65 -3.04 5.23 -17.33
N HIS D 66 -3.85 5.19 -16.29
CA HIS D 66 -3.74 6.17 -15.24
C HIS D 66 -2.33 6.03 -14.69
N ALA D 67 -2.00 4.80 -14.27
CA ALA D 67 -0.68 4.51 -13.75
C ALA D 67 0.26 4.21 -14.91
N CYS D 68 0.57 5.22 -15.71
CA CYS D 68 1.38 5.06 -16.92
C CYS D 68 2.03 6.34 -17.34
N VAL D 69 3.30 6.26 -17.74
CA VAL D 69 4.07 7.42 -18.14
C VAL D 69 3.77 7.84 -19.58
N PRO D 70 3.51 9.12 -19.89
CA PRO D 70 3.34 9.59 -21.25
C PRO D 70 4.60 9.31 -22.07
N THR D 71 4.46 8.96 -23.34
CA THR D 71 5.66 8.73 -24.14
C THR D 71 6.20 9.97 -24.79
N ASP D 72 7.51 10.00 -24.90
CA ASP D 72 8.23 11.01 -25.64
C ASP D 72 7.96 10.72 -27.11
N PRO D 73 7.52 11.70 -27.92
CA PRO D 73 7.21 11.52 -29.33
C PRO D 73 8.41 11.15 -30.20
N ASN D 74 9.64 11.37 -29.72
CA ASN D 74 10.84 11.09 -30.49
C ASN D 74 11.40 9.68 -30.28
N PRO D 75 11.27 8.75 -31.23
CA PRO D 75 11.70 7.37 -31.14
C PRO D 75 13.19 7.33 -31.35
N GLN D 76 13.92 7.84 -30.37
CA GLN D 76 15.35 7.94 -30.50
C GLN D 76 15.91 6.56 -30.74
N GLU D 77 16.71 6.42 -31.79
CA GLU D 77 17.31 5.16 -32.15
C GLU D 77 18.68 5.34 -32.76
N ILE D 78 19.63 4.51 -32.31
CA ILE D 78 21.00 4.56 -32.80
C ILE D 78 21.46 3.24 -33.37
N HIS D 79 21.68 3.17 -34.67
CA HIS D 79 22.15 1.90 -35.21
C HIS D 79 23.57 1.67 -34.73
N LEU D 80 23.90 0.43 -34.36
CA LEU D 80 25.24 0.10 -33.93
C LEU D 80 26.00 -0.52 -35.10
N GLU D 81 26.81 0.30 -35.74
CA GLU D 81 27.46 0.00 -37.01
C GLU D 81 28.10 -1.38 -37.14
N ASN D 82 28.84 -1.82 -36.14
CA ASN D 82 29.52 -3.10 -36.23
C ASN D 82 29.22 -4.01 -35.07
N VAL D 83 27.98 -4.04 -34.59
CA VAL D 83 27.70 -4.88 -33.43
C VAL D 83 26.78 -6.06 -33.73
N THR D 84 27.24 -7.25 -33.34
CA THR D 84 26.45 -8.49 -33.50
C THR D 84 26.13 -9.07 -32.14
N GLU D 85 24.85 -9.21 -31.84
CA GLU D 85 24.42 -9.68 -30.51
C GLU D 85 23.53 -10.88 -30.59
N GLU D 86 23.63 -11.76 -29.61
CA GLU D 86 22.73 -12.89 -29.57
C GLU D 86 21.44 -12.60 -28.84
N PHE D 87 20.36 -12.87 -29.53
CA PHE D 87 19.02 -12.69 -29.04
C PHE D 87 18.42 -14.06 -28.83
N ASN D 88 17.52 -14.19 -27.86
CA ASN D 88 16.86 -15.46 -27.63
C ASN D 88 15.43 -15.26 -27.22
N MET D 89 14.54 -15.41 -28.19
CA MET D 89 13.12 -15.18 -28.02
C MET D 89 12.48 -16.01 -26.91
N TRP D 90 13.06 -17.14 -26.59
CA TRP D 90 12.45 -18.04 -25.65
C TRP D 90 12.89 -17.85 -24.21
N LYS D 91 13.90 -17.01 -23.99
CA LYS D 91 14.45 -16.83 -22.65
C LYS D 91 14.31 -15.38 -22.24
N ASN D 92 13.53 -14.65 -23.00
CA ASN D 92 13.32 -13.23 -22.83
C ASN D 92 12.40 -12.91 -21.67
N ASN D 93 12.93 -12.36 -20.58
CA ASN D 93 12.12 -12.10 -19.40
C ASN D 93 11.24 -10.86 -19.58
N MET D 94 11.34 -10.21 -20.72
CA MET D 94 10.47 -9.09 -20.94
C MET D 94 9.06 -9.63 -21.05
N VAL D 95 8.95 -10.87 -21.52
CA VAL D 95 7.67 -11.50 -21.72
C VAL D 95 7.03 -11.75 -20.39
N GLU D 96 7.82 -12.24 -19.46
CA GLU D 96 7.29 -12.56 -18.16
C GLU D 96 6.81 -11.31 -17.46
N GLN D 97 7.54 -10.19 -17.56
CA GLN D 97 6.99 -9.01 -16.90
C GLN D 97 5.71 -8.57 -17.55
N MET D 98 5.63 -8.64 -18.87
CA MET D 98 4.40 -8.20 -19.47
C MET D 98 3.25 -9.03 -18.94
N HIS D 99 3.44 -10.32 -18.85
CA HIS D 99 2.40 -11.18 -18.34
C HIS D 99 1.97 -10.80 -16.94
N THR D 100 2.90 -10.67 -16.01
CA THR D 100 2.43 -10.39 -14.67
C THR D 100 1.88 -8.99 -14.51
N ASP D 101 2.37 -8.03 -15.28
CA ASP D 101 1.81 -6.69 -15.15
C ASP D 101 0.38 -6.70 -15.64
N ILE D 102 0.11 -7.43 -16.70
CA ILE D 102 -1.23 -7.50 -17.20
C ILE D 102 -2.18 -8.13 -16.23
N ILE D 103 -1.78 -9.21 -15.61
CA ILE D 103 -2.69 -9.81 -14.67
C ILE D 103 -2.98 -8.84 -13.55
N SER D 104 -1.96 -8.17 -13.03
CA SER D 104 -2.20 -7.22 -11.98
C SER D 104 -3.16 -6.13 -12.41
N LEU D 105 -2.95 -5.56 -13.58
CA LEU D 105 -3.86 -4.51 -14.02
C LEU D 105 -5.27 -5.03 -14.16
N TRP D 106 -5.42 -6.22 -14.72
CA TRP D 106 -6.72 -6.81 -14.85
C TRP D 106 -7.39 -6.89 -13.51
N ASP D 107 -6.71 -7.49 -12.53
CA ASP D 107 -7.31 -7.62 -11.22
C ASP D 107 -7.66 -6.30 -10.59
N GLN D 108 -6.79 -5.31 -10.72
CA GLN D 108 -7.11 -4.04 -10.10
C GLN D 108 -8.35 -3.43 -10.69
N SER D 109 -8.58 -3.62 -11.97
CA SER D 109 -9.74 -3.03 -12.61
C SER D 109 -11.05 -3.60 -12.10
N LEU D 110 -11.01 -4.78 -11.48
CA LEU D 110 -12.25 -5.38 -11.02
C LEU D 110 -12.44 -5.15 -9.54
N LYS D 111 -11.48 -4.48 -8.92
CA LYS D 111 -11.50 -4.24 -7.52
C LYS D 111 -12.75 -3.55 -7.00
N PRO D 112 -13.30 -2.51 -7.66
CA PRO D 112 -14.48 -1.80 -7.22
C PRO D 112 -15.78 -2.39 -7.72
N CYS D 113 -15.76 -3.55 -8.35
CA CYS D 113 -16.98 -4.00 -8.99
C CYS D 113 -17.83 -4.83 -8.04
N VAL D 114 -19.12 -4.91 -8.30
CA VAL D 114 -20.03 -5.68 -7.46
C VAL D 114 -19.78 -7.16 -7.43
N LYS D 115 -19.66 -7.71 -6.22
CA LYS D 115 -19.44 -9.12 -6.09
C LYS D 115 -20.78 -9.81 -5.95
N LEU D 116 -21.08 -10.66 -6.91
CA LEU D 116 -22.36 -11.28 -6.99
C LEU D 116 -22.52 -12.50 -6.12
N THR D 117 -22.68 -12.27 -4.83
CA THR D 117 -22.88 -13.38 -3.93
C THR D 117 -24.37 -13.72 -3.78
N PRO D 118 -25.33 -12.75 -3.86
CA PRO D 118 -26.75 -12.97 -3.75
C PRO D 118 -27.33 -13.88 -4.80
N LEU D 119 -26.61 -14.11 -5.91
CA LEU D 119 -27.15 -14.93 -6.97
C LEU D 119 -26.96 -16.40 -6.78
N CYS D 120 -26.31 -16.81 -5.72
CA CYS D 120 -26.16 -18.24 -5.52
C CYS D 120 -27.41 -18.83 -4.91
N VAL D 121 -28.39 -19.00 -5.77
CA VAL D 121 -29.72 -19.47 -5.41
C VAL D 121 -30.18 -20.56 -6.32
N THR D 122 -31.24 -21.25 -5.94
CA THR D 122 -31.81 -22.18 -6.88
C THR D 122 -32.59 -21.44 -7.91
N LEU D 123 -32.33 -21.76 -9.15
CA LEU D 123 -33.04 -21.19 -10.26
C LEU D 123 -34.07 -22.20 -10.68
N GLN D 124 -35.26 -21.74 -11.03
CA GLN D 124 -36.31 -22.64 -11.52
C GLN D 124 -36.52 -22.32 -12.96
N CYS D 125 -36.16 -23.24 -13.86
CA CYS D 125 -36.28 -22.79 -15.23
C CYS D 125 -36.41 -23.81 -16.34
N THR D 126 -36.80 -23.25 -17.49
CA THR D 126 -37.10 -23.91 -18.75
C THR D 126 -36.35 -23.29 -19.88
N ASN D 127 -36.59 -23.79 -21.09
CA ASN D 127 -35.98 -23.19 -22.27
C ASN D 127 -36.73 -21.93 -22.64
N VAL D 128 -36.33 -21.31 -23.75
CA VAL D 128 -36.91 -20.05 -24.16
C VAL D 128 -37.89 -20.27 -25.27
N THR D 129 -38.89 -19.40 -25.35
CA THR D 129 -39.87 -19.52 -26.41
C THR D 129 -39.66 -18.43 -27.44
N ASN D 130 -39.33 -18.86 -28.64
CA ASN D 130 -39.08 -17.93 -29.72
C ASN D 130 -38.94 -18.71 -31.02
N ASN D 131 -38.73 -17.99 -32.10
CA ASN D 131 -38.44 -18.59 -33.37
C ASN D 131 -36.96 -18.87 -33.38
N ILE D 132 -36.59 -20.12 -33.27
CA ILE D 132 -35.19 -20.42 -33.13
C ILE D 132 -34.67 -21.19 -34.31
N THR D 133 -33.39 -21.04 -34.56
CA THR D 133 -32.72 -21.86 -35.51
C THR D 133 -32.84 -23.27 -35.00
N ASP D 134 -33.24 -24.20 -35.85
CA ASP D 134 -33.46 -25.60 -35.46
C ASP D 134 -32.27 -26.29 -34.82
N ASP D 135 -31.08 -25.84 -35.15
CA ASP D 135 -29.88 -26.45 -34.62
C ASP D 135 -29.53 -25.88 -33.25
N MET D 136 -29.87 -24.61 -33.02
CA MET D 136 -29.46 -23.96 -31.81
C MET D 136 -30.46 -24.22 -30.71
N ARG D 137 -30.39 -25.40 -30.16
CA ARG D 137 -31.36 -25.81 -29.17
C ARG D 137 -30.70 -26.05 -27.84
N GLY D 138 -31.38 -25.63 -26.80
CA GLY D 138 -30.91 -25.84 -25.45
C GLY D 138 -29.87 -24.82 -25.05
N GLU D 139 -29.53 -23.89 -25.94
CA GLU D 139 -28.51 -22.91 -25.63
C GLU D 139 -28.95 -21.92 -24.60
N LEU D 140 -30.22 -21.58 -24.60
CA LEU D 140 -30.68 -20.58 -23.68
C LEU D 140 -31.72 -21.08 -22.71
N LYS D 141 -31.60 -20.63 -21.49
CA LYS D 141 -32.57 -20.92 -20.47
C LYS D 141 -33.22 -19.67 -19.99
N ASN D 142 -34.48 -19.78 -19.69
CA ASN D 142 -35.26 -18.69 -19.13
C ASN D 142 -35.49 -18.90 -17.65
N CYS D 143 -34.68 -18.25 -16.80
CA CYS D 143 -34.80 -18.62 -15.41
C CYS D 143 -35.27 -17.58 -14.44
N SER D 144 -36.10 -18.02 -13.50
CA SER D 144 -36.60 -17.14 -12.44
C SER D 144 -36.05 -17.53 -11.09
N PHE D 145 -35.99 -16.54 -10.19
CA PHE D 145 -35.47 -16.74 -8.85
C PHE D 145 -35.85 -15.70 -7.79
N ASN D 146 -35.61 -16.05 -6.51
CA ASN D 146 -35.84 -15.16 -5.38
C ASN D 146 -34.64 -14.26 -5.14
N MET D 147 -34.75 -13.04 -5.56
CA MET D 147 -33.66 -12.08 -5.49
C MET D 147 -33.81 -11.10 -4.31
N THR D 148 -32.71 -10.61 -3.78
CA THR D 148 -32.75 -9.63 -2.69
C THR D 148 -33.10 -8.26 -3.24
N THR D 149 -33.41 -7.32 -2.35
CA THR D 149 -33.71 -5.94 -2.73
C THR D 149 -32.87 -5.02 -1.89
N GLU D 150 -33.01 -3.71 -2.08
CA GLU D 150 -32.26 -2.74 -1.29
C GLU D 150 -32.64 -2.78 0.18
N LEU D 151 -33.76 -3.39 0.54
CA LEU D 151 -34.12 -3.49 1.93
C LEU D 151 -33.93 -4.92 2.36
N ARG D 152 -33.33 -5.08 3.51
CA ARG D 152 -33.04 -6.37 4.07
C ARG D 152 -34.27 -7.25 4.25
N ASP D 153 -35.38 -6.65 4.62
CA ASP D 153 -36.61 -7.36 4.88
C ASP D 153 -37.51 -7.64 3.67
N LYS D 154 -37.08 -7.29 2.44
CA LYS D 154 -37.94 -7.57 1.29
C LYS D 154 -37.22 -8.27 0.15
N LYS D 155 -37.92 -9.23 -0.44
CA LYS D 155 -37.45 -9.98 -1.60
C LYS D 155 -38.26 -9.64 -2.83
N GLN D 156 -37.73 -9.96 -4.00
CA GLN D 156 -38.41 -9.73 -5.26
C GLN D 156 -38.27 -10.94 -6.15
N LYS D 157 -39.22 -11.15 -7.05
CA LYS D 157 -39.09 -12.25 -7.99
C LYS D 157 -38.71 -11.73 -9.34
N VAL D 158 -37.59 -12.20 -9.84
CA VAL D 158 -37.04 -11.73 -11.11
C VAL D 158 -36.64 -12.85 -12.02
N TYR D 159 -36.33 -12.53 -13.27
CA TYR D 159 -35.83 -13.55 -14.16
C TYR D 159 -34.78 -12.97 -15.07
N SER D 160 -34.00 -13.85 -15.69
CA SER D 160 -32.95 -13.47 -16.63
C SER D 160 -32.67 -14.61 -17.58
N LEU D 161 -32.27 -14.31 -18.80
CA LEU D 161 -31.89 -15.40 -19.66
C LEU D 161 -30.44 -15.74 -19.40
N PHE D 162 -30.11 -17.03 -19.48
CA PHE D 162 -28.74 -17.51 -19.29
C PHE D 162 -28.31 -18.44 -20.38
N TYR D 163 -27.02 -18.54 -20.59
CA TYR D 163 -26.52 -19.52 -21.54
C TYR D 163 -26.37 -20.83 -20.83
N ARG D 164 -26.61 -21.91 -21.54
CA ARG D 164 -26.48 -23.21 -20.96
C ARG D 164 -25.12 -23.46 -20.33
N LEU D 165 -24.08 -22.91 -20.93
CA LEU D 165 -22.72 -23.08 -20.45
C LEU D 165 -22.49 -22.54 -19.05
N ASP D 166 -23.31 -21.60 -18.62
CA ASP D 166 -23.12 -20.97 -17.33
C ASP D 166 -23.93 -21.60 -16.20
N VAL D 167 -24.72 -22.64 -16.47
CA VAL D 167 -25.53 -23.23 -15.40
C VAL D 167 -25.37 -24.73 -15.27
N VAL D 168 -25.71 -25.22 -14.09
CA VAL D 168 -25.63 -26.62 -13.74
C VAL D 168 -26.96 -27.16 -13.31
N GLN D 169 -27.36 -28.31 -13.83
CA GLN D 169 -28.61 -28.85 -13.34
C GLN D 169 -28.35 -29.56 -12.03
N ILE D 170 -29.18 -29.28 -11.06
CA ILE D 170 -29.06 -29.87 -9.73
C ILE D 170 -30.36 -30.51 -9.32
N ASN D 171 -30.33 -31.29 -8.25
CA ASN D 171 -31.55 -31.89 -7.75
C ASN D 171 -32.03 -31.19 -6.49
N ASN D 182 -36.48 -31.09 -10.72
CA ASN D 182 -36.99 -31.17 -12.07
C ASN D 182 -36.37 -30.09 -12.92
N LYS D 183 -36.60 -28.87 -12.50
CA LYS D 183 -36.16 -27.66 -13.16
C LYS D 183 -35.14 -26.89 -12.33
N GLU D 184 -34.53 -27.53 -11.36
CA GLU D 184 -33.59 -26.83 -10.50
C GLU D 184 -32.21 -26.68 -11.12
N TYR D 185 -31.74 -25.45 -11.20
CA TYR D 185 -30.42 -25.13 -11.72
C TYR D 185 -29.70 -24.17 -10.81
N ARG D 186 -28.40 -24.07 -10.97
CA ARG D 186 -27.65 -23.06 -10.24
C ARG D 186 -26.55 -22.52 -11.09
N LEU D 187 -26.01 -21.37 -10.73
CA LEU D 187 -24.89 -20.88 -11.48
C LEU D 187 -23.71 -21.78 -11.22
N ILE D 188 -22.97 -22.06 -12.25
CA ILE D 188 -21.83 -22.92 -12.11
C ILE D 188 -20.73 -22.43 -11.17
N ASN D 189 -20.54 -21.12 -11.03
CA ASN D 189 -19.46 -20.68 -10.18
C ASN D 189 -19.76 -20.71 -8.69
N CYS D 190 -21.00 -21.02 -8.29
CA CYS D 190 -21.29 -20.99 -6.86
C CYS D 190 -20.71 -22.20 -6.20
N ASN D 191 -20.23 -23.10 -7.01
CA ASN D 191 -19.60 -24.30 -6.52
C ASN D 191 -18.27 -23.98 -5.85
N THR D 192 -17.57 -22.95 -6.36
CA THR D 192 -16.25 -22.64 -5.84
C THR D 192 -16.01 -21.21 -5.42
N SER D 193 -16.59 -20.23 -6.10
CA SER D 193 -16.30 -18.85 -5.74
C SER D 193 -17.32 -17.88 -6.32
N ALA D 194 -17.91 -17.04 -5.48
CA ALA D 194 -18.80 -16.02 -6.00
C ALA D 194 -17.94 -15.09 -6.84
N CYS D 195 -18.48 -14.55 -7.93
CA CYS D 195 -17.65 -13.71 -8.77
C CYS D 195 -18.17 -12.30 -8.97
N THR D 196 -17.23 -11.41 -9.20
CA THR D 196 -17.54 -10.03 -9.53
C THR D 196 -17.95 -9.83 -10.94
N GLN D 197 -18.92 -8.99 -11.15
CA GLN D 197 -19.25 -8.69 -12.52
C GLN D 197 -18.27 -7.69 -13.01
N ALA D 198 -18.00 -7.70 -14.30
CA ALA D 198 -17.17 -6.65 -14.83
C ALA D 198 -17.88 -5.36 -14.63
N CYS D 199 -17.18 -4.31 -14.27
CA CYS D 199 -17.85 -3.05 -14.16
C CYS D 199 -18.36 -2.69 -15.55
N PRO D 200 -19.61 -2.23 -15.68
CA PRO D 200 -20.27 -1.89 -16.92
C PRO D 200 -19.65 -0.68 -17.59
N LYS D 201 -18.82 0.04 -16.84
CA LYS D 201 -18.18 1.23 -17.33
C LYS D 201 -16.73 1.05 -17.72
N VAL D 202 -16.21 -0.18 -17.80
CA VAL D 202 -14.80 -0.28 -18.19
C VAL D 202 -14.68 -1.04 -19.49
N SER D 203 -13.67 -0.64 -20.25
CA SER D 203 -13.41 -1.24 -21.54
C SER D 203 -12.36 -2.32 -21.55
N PHE D 204 -12.55 -3.26 -22.44
CA PHE D 204 -11.57 -4.32 -22.63
C PHE D 204 -10.76 -4.11 -23.87
N GLU D 205 -10.76 -2.90 -24.40
CA GLU D 205 -9.97 -2.61 -25.59
C GLU D 205 -8.49 -2.68 -25.25
N PRO D 206 -7.69 -3.49 -25.97
CA PRO D 206 -6.28 -3.71 -25.74
C PRO D 206 -5.43 -2.58 -26.28
N ILE D 207 -5.49 -1.45 -25.63
CA ILE D 207 -4.75 -0.27 -26.00
C ILE D 207 -3.28 -0.55 -25.76
N PRO D 208 -2.38 -0.35 -26.73
CA PRO D 208 -0.99 -0.67 -26.65
C PRO D 208 -0.21 0.17 -25.71
N ILE D 209 0.81 -0.44 -25.13
CA ILE D 209 1.74 0.23 -24.26
C ILE D 209 3.16 -0.01 -24.74
N HIS D 210 4.08 0.78 -24.23
CA HIS D 210 5.47 0.67 -24.62
C HIS D 210 6.26 0.34 -23.37
N TYR D 211 7.36 -0.41 -23.48
CA TYR D 211 8.20 -0.66 -22.30
C TYR D 211 9.49 0.07 -22.38
N CYS D 212 9.71 0.96 -21.43
CA CYS D 212 10.89 1.81 -21.48
C CYS D 212 11.92 1.40 -20.45
N ALA D 213 13.20 1.48 -20.82
CA ALA D 213 14.29 1.13 -19.91
C ALA D 213 14.56 2.24 -18.90
N PRO D 214 14.97 1.90 -17.68
CA PRO D 214 15.43 2.79 -16.64
C PRO D 214 16.84 3.27 -16.95
N ALA D 215 17.28 4.33 -16.29
CA ALA D 215 18.63 4.84 -16.47
C ALA D 215 19.63 3.75 -16.17
N GLY D 216 20.71 3.72 -16.94
CA GLY D 216 21.76 2.72 -16.76
C GLY D 216 21.54 1.46 -17.59
N PHE D 217 20.37 1.35 -18.20
CA PHE D 217 19.98 0.21 -19.02
C PHE D 217 19.58 0.63 -20.40
N ALA D 218 19.57 -0.32 -21.32
CA ALA D 218 19.19 -0.02 -22.68
C ALA D 218 18.51 -1.20 -23.32
N ILE D 219 17.73 -0.93 -24.37
CA ILE D 219 17.10 -2.02 -25.08
C ILE D 219 17.75 -2.18 -26.42
N LEU D 220 18.17 -3.38 -26.72
CA LEU D 220 18.78 -3.63 -27.99
C LEU D 220 17.72 -4.18 -28.89
N LYS D 221 17.78 -3.81 -30.16
CA LYS D 221 16.77 -4.26 -31.10
C LYS D 221 17.36 -4.93 -32.32
N CYS D 222 16.86 -6.11 -32.64
CA CYS D 222 17.34 -6.85 -33.80
C CYS D 222 16.61 -6.47 -35.07
N LYS D 223 17.35 -6.03 -36.08
CA LYS D 223 16.79 -5.65 -37.38
C LYS D 223 16.95 -6.68 -38.47
N ASP D 224 17.41 -7.86 -38.11
CA ASP D 224 17.61 -8.88 -39.12
C ASP D 224 16.28 -9.51 -39.50
N LYS D 225 15.86 -9.22 -40.71
CA LYS D 225 14.60 -9.62 -41.27
C LYS D 225 14.42 -11.13 -41.37
N LYS D 226 15.53 -11.86 -41.37
CA LYS D 226 15.48 -13.30 -41.50
C LYS D 226 15.73 -13.98 -40.16
N PHE D 227 15.72 -13.22 -39.08
CA PHE D 227 16.01 -13.80 -37.80
C PHE D 227 14.91 -14.69 -37.24
N ASN D 228 15.30 -15.91 -36.91
CA ASN D 228 14.39 -16.87 -36.30
C ASN D 228 14.44 -16.71 -34.78
N GLY D 229 13.95 -17.63 -34.00
CA GLY D 229 13.91 -17.34 -32.57
C GLY D 229 15.27 -17.04 -31.90
N THR D 230 16.34 -17.72 -32.30
CA THR D 230 17.58 -17.49 -31.59
C THR D 230 18.81 -17.30 -32.46
N GLY D 231 19.89 -16.86 -31.81
CA GLY D 231 21.20 -16.76 -32.42
C GLY D 231 21.64 -15.31 -32.64
N PRO D 232 22.84 -15.10 -33.21
CA PRO D 232 23.48 -13.82 -33.44
C PRO D 232 22.82 -13.00 -34.52
N CYS D 233 22.30 -11.87 -34.12
CA CYS D 233 21.65 -10.93 -35.01
C CYS D 233 22.71 -9.96 -35.54
N PRO D 234 23.01 -9.93 -36.85
CA PRO D 234 24.04 -9.13 -37.51
C PRO D 234 23.77 -7.62 -37.58
N SER D 235 22.55 -7.20 -37.32
CA SER D 235 22.26 -5.78 -37.41
C SER D 235 21.50 -5.42 -36.17
N VAL D 236 22.17 -4.71 -35.28
CA VAL D 236 21.64 -4.41 -33.98
C VAL D 236 21.57 -2.93 -33.79
N SER D 237 20.46 -2.49 -33.25
CA SER D 237 20.29 -1.09 -32.96
C SER D 237 19.92 -0.94 -31.52
N THR D 238 19.62 0.26 -31.11
CA THR D 238 19.23 0.44 -29.73
C THR D 238 18.24 1.53 -29.55
N VAL D 239 17.32 1.28 -28.64
CA VAL D 239 16.25 2.20 -28.36
C VAL D 239 16.04 2.44 -26.89
N GLN D 240 15.45 3.59 -26.62
CA GLN D 240 15.05 3.92 -25.27
C GLN D 240 13.86 3.12 -24.82
N CYS D 241 12.96 2.83 -25.76
CA CYS D 241 11.69 2.22 -25.43
C CYS D 241 11.17 1.41 -26.61
N THR D 242 10.47 0.31 -26.35
CA THR D 242 9.95 -0.58 -27.40
C THR D 242 8.79 0.04 -28.11
N HIS D 243 8.38 -0.59 -29.22
CA HIS D 243 7.20 -0.13 -29.92
C HIS D 243 6.00 -0.43 -29.06
N GLY D 244 4.86 0.12 -29.44
CA GLY D 244 3.67 -0.16 -28.66
C GLY D 244 3.17 -1.56 -28.94
N ILE D 245 2.89 -2.31 -27.89
CA ILE D 245 2.39 -3.66 -28.01
C ILE D 245 1.03 -3.81 -27.41
N LYS D 246 0.11 -4.33 -28.19
CA LYS D 246 -1.26 -4.51 -27.71
C LYS D 246 -1.37 -5.78 -26.89
N PRO D 247 -1.96 -5.74 -25.69
CA PRO D 247 -2.18 -6.89 -24.83
C PRO D 247 -3.38 -7.67 -25.31
N VAL D 248 -3.29 -8.22 -26.51
CA VAL D 248 -4.40 -8.98 -27.04
C VAL D 248 -4.33 -10.37 -26.46
N VAL D 249 -5.45 -10.84 -25.97
CA VAL D 249 -5.49 -12.17 -25.41
C VAL D 249 -6.36 -13.04 -26.29
N SER D 250 -5.80 -14.13 -26.78
CA SER D 250 -6.48 -15.05 -27.67
C SER D 250 -5.84 -16.40 -27.66
N THR D 251 -6.50 -17.35 -28.31
CA THR D 251 -5.87 -18.65 -28.47
C THR D 251 -6.13 -19.25 -29.82
N GLN D 252 -5.17 -20.06 -30.23
CA GLN D 252 -4.98 -20.82 -31.47
C GLN D 252 -4.66 -19.96 -32.68
N LEU D 253 -5.06 -18.69 -32.66
CA LEU D 253 -4.72 -17.76 -33.72
C LEU D 253 -4.29 -16.47 -33.08
N LEU D 254 -3.33 -15.82 -33.70
CA LEU D 254 -2.79 -14.59 -33.21
C LEU D 254 -3.49 -13.43 -33.88
N LEU D 255 -4.13 -12.59 -33.10
CA LEU D 255 -4.94 -11.51 -33.65
C LEU D 255 -4.37 -10.12 -33.49
N ASN D 256 -4.42 -9.36 -34.58
CA ASN D 256 -4.01 -7.97 -34.64
C ASN D 256 -2.55 -7.75 -34.25
N GLY D 257 -1.67 -8.67 -34.60
CA GLY D 257 -0.27 -8.49 -34.26
C GLY D 257 0.50 -7.89 -35.43
N SER D 258 1.82 -7.92 -35.35
CA SER D 258 2.63 -7.41 -36.44
C SER D 258 2.77 -8.48 -37.50
N LEU D 259 3.01 -8.05 -38.73
CA LEU D 259 3.28 -8.98 -39.82
C LEU D 259 4.75 -9.18 -40.03
N ALA D 260 5.06 -10.31 -40.62
CA ALA D 260 6.39 -10.71 -41.00
C ALA D 260 6.84 -9.95 -42.21
N GLU D 261 8.12 -10.04 -42.46
CA GLU D 261 8.77 -9.48 -43.63
C GLU D 261 8.30 -10.37 -44.77
N GLU D 262 8.83 -10.24 -45.95
CA GLU D 262 8.25 -10.96 -47.09
C GLU D 262 8.05 -12.48 -46.97
N GLU D 263 8.66 -13.18 -46.01
CA GLU D 263 8.44 -14.61 -45.89
C GLU D 263 7.69 -14.96 -44.62
N VAL D 264 6.89 -16.00 -44.69
CA VAL D 264 6.27 -16.48 -43.48
C VAL D 264 7.40 -17.01 -42.62
N MET D 265 7.44 -16.60 -41.37
CA MET D 265 8.52 -17.03 -40.49
C MET D 265 8.05 -18.10 -39.55
N ILE D 266 8.90 -19.09 -39.34
CA ILE D 266 8.58 -20.15 -38.42
C ILE D 266 9.59 -20.19 -37.30
N ARG D 267 9.10 -20.07 -36.08
CA ARG D 267 10.01 -20.04 -34.97
C ARG D 267 9.65 -21.08 -33.94
N SER D 268 10.67 -21.71 -33.38
CA SER D 268 10.47 -22.73 -32.37
C SER D 268 11.69 -22.82 -31.50
N GLU D 269 11.50 -23.16 -30.25
CA GLU D 269 12.65 -23.31 -29.38
C GLU D 269 13.49 -24.48 -29.85
N ASN D 270 12.82 -25.56 -30.16
CA ASN D 270 13.43 -26.78 -30.65
C ASN D 270 12.51 -27.41 -31.67
N ILE D 271 12.72 -27.11 -32.95
CA ILE D 271 11.82 -27.58 -33.99
C ILE D 271 11.74 -29.11 -34.02
N THR D 272 12.81 -29.73 -33.56
CA THR D 272 12.94 -31.15 -33.48
C THR D 272 11.96 -31.84 -32.55
N ASN D 273 11.69 -31.31 -31.37
CA ASN D 273 10.83 -32.10 -30.50
C ASN D 273 9.37 -31.78 -30.76
N ASN D 274 8.46 -32.43 -30.04
CA ASN D 274 7.04 -32.22 -30.27
C ASN D 274 6.39 -31.48 -29.13
N ALA D 275 7.12 -31.32 -28.04
CA ALA D 275 6.57 -30.71 -26.85
C ALA D 275 6.59 -29.19 -26.90
N LYS D 276 7.15 -28.62 -27.96
CA LYS D 276 7.22 -27.18 -28.06
C LYS D 276 6.24 -26.66 -29.09
N ASN D 277 5.73 -25.46 -28.84
CA ASN D 277 4.86 -24.84 -29.82
C ASN D 277 5.65 -24.25 -30.95
N ILE D 278 5.09 -24.35 -32.14
CA ILE D 278 5.66 -23.74 -33.31
C ILE D 278 4.87 -22.49 -33.60
N LEU D 279 5.55 -21.37 -33.63
CA LEU D 279 4.83 -20.14 -33.87
C LEU D 279 5.02 -19.78 -35.33
N VAL D 280 3.94 -19.49 -36.00
CA VAL D 280 4.03 -19.14 -37.40
C VAL D 280 3.54 -17.73 -37.60
N GLN D 281 4.37 -16.89 -38.20
CA GLN D 281 4.01 -15.49 -38.41
C GLN D 281 3.77 -15.20 -39.88
N PHE D 282 2.59 -14.72 -40.17
CA PHE D 282 2.21 -14.42 -41.53
C PHE D 282 2.83 -13.15 -42.04
N ASN D 283 3.12 -13.14 -43.33
CA ASN D 283 3.61 -11.98 -44.04
C ASN D 283 2.47 -11.26 -44.76
N THR D 284 1.25 -11.65 -44.43
CA THR D 284 0.06 -11.07 -45.02
C THR D 284 -1.04 -11.17 -43.95
N PRO D 285 -2.00 -10.28 -43.88
CA PRO D 285 -3.13 -10.41 -43.00
C PRO D 285 -4.15 -11.39 -43.60
N VAL D 286 -4.91 -12.05 -42.75
CA VAL D 286 -6.07 -12.82 -43.22
C VAL D 286 -7.27 -12.26 -42.52
N GLN D 287 -8.25 -11.77 -43.26
CA GLN D 287 -9.37 -11.13 -42.59
C GLN D 287 -10.49 -12.07 -42.17
N ILE D 288 -10.91 -11.89 -40.92
CA ILE D 288 -12.00 -12.62 -40.30
C ILE D 288 -13.06 -11.68 -39.76
N ASN D 289 -14.32 -11.95 -40.13
CA ASN D 289 -15.46 -11.17 -39.70
C ASN D 289 -16.36 -11.96 -38.77
N CYS D 290 -16.50 -11.52 -37.52
CA CYS D 290 -17.30 -12.26 -36.56
C CYS D 290 -18.56 -11.52 -36.13
N THR D 291 -19.57 -12.29 -35.80
CA THR D 291 -20.80 -11.70 -35.31
C THR D 291 -21.61 -12.49 -34.32
N ARG D 292 -22.40 -11.74 -33.58
CA ARG D 292 -23.35 -12.23 -32.61
C ARG D 292 -24.69 -11.60 -33.03
N PRO D 293 -25.42 -12.24 -33.95
CA PRO D 293 -26.57 -11.75 -34.71
C PRO D 293 -27.88 -11.47 -33.95
N ASN D 294 -28.01 -11.95 -32.73
CA ASN D 294 -29.26 -11.76 -32.00
C ASN D 294 -29.31 -10.42 -31.30
N ASN D 295 -30.45 -9.75 -31.37
CA ASN D 295 -30.63 -8.46 -30.73
C ASN D 295 -31.09 -8.63 -29.28
N TYR D 296 -30.22 -8.33 -28.33
CA TYR D 296 -30.55 -8.56 -26.92
C TYR D 296 -30.96 -7.30 -26.22
N THR D 297 -31.87 -7.45 -25.27
CA THR D 297 -32.33 -6.38 -24.41
C THR D 297 -31.75 -6.57 -23.03
N ARG D 298 -31.12 -5.52 -22.54
CA ARG D 298 -30.48 -5.47 -21.24
C ARG D 298 -31.39 -4.95 -20.15
N LYS D 299 -31.43 -5.66 -19.03
CA LYS D 299 -32.27 -5.28 -17.90
C LYS D 299 -31.52 -5.15 -16.59
N SER D 300 -31.68 -4.03 -15.91
CA SER D 300 -31.00 -3.84 -14.64
C SER D 300 -31.86 -4.20 -13.43
N ILE D 301 -31.34 -5.08 -12.59
CA ILE D 301 -32.01 -5.54 -11.37
C ILE D 301 -31.33 -5.03 -10.13
N ARG D 302 -32.07 -4.36 -9.27
CA ARG D 302 -31.39 -3.89 -8.07
C ARG D 302 -31.10 -5.07 -7.19
N ILE D 303 -29.90 -5.12 -6.68
CA ILE D 303 -29.43 -6.17 -5.80
C ILE D 303 -29.51 -5.74 -4.37
N GLY D 304 -29.06 -4.52 -4.17
CA GLY D 304 -28.89 -3.99 -2.84
C GLY D 304 -28.63 -2.48 -2.88
N PRO D 305 -28.29 -1.87 -1.76
CA PRO D 305 -28.13 -0.45 -1.58
C PRO D 305 -26.85 0.06 -2.21
N GLY D 306 -26.86 0.11 -3.53
CA GLY D 306 -25.72 0.55 -4.32
C GLY D 306 -25.23 -0.51 -5.30
N GLN D 307 -25.99 -1.59 -5.44
CA GLN D 307 -25.58 -2.63 -6.36
C GLN D 307 -26.68 -3.03 -7.34
N ALA D 308 -26.26 -3.40 -8.54
CA ALA D 308 -27.22 -3.87 -9.53
C ALA D 308 -26.61 -4.94 -10.42
N PHE D 309 -27.47 -5.85 -10.82
CA PHE D 309 -27.13 -6.94 -11.69
C PHE D 309 -27.64 -6.71 -13.07
N TYR D 310 -26.83 -6.97 -14.06
CA TYR D 310 -27.29 -6.79 -15.42
C TYR D 310 -27.70 -8.08 -16.05
N ALA D 311 -29.01 -8.22 -16.14
CA ALA D 311 -29.73 -9.37 -16.62
C ALA D 311 -29.97 -9.28 -18.08
N THR D 312 -30.30 -10.40 -18.69
CA THR D 312 -30.68 -10.38 -20.08
C THR D 312 -32.17 -10.40 -20.06
N GLY D 313 -32.76 -9.29 -20.46
CA GLY D 313 -34.18 -9.10 -20.43
C GLY D 313 -34.93 -9.99 -21.39
N ASP D 314 -34.55 -9.89 -22.66
CA ASP D 314 -35.23 -10.59 -23.73
C ASP D 314 -34.47 -10.58 -25.05
N ILE D 315 -34.95 -11.36 -26.02
CA ILE D 315 -34.37 -11.38 -27.36
C ILE D 315 -35.36 -10.94 -28.40
N ILE D 316 -34.92 -10.01 -29.21
CA ILE D 316 -35.70 -9.44 -30.26
C ILE D 316 -35.34 -10.08 -31.58
N GLY D 317 -36.36 -10.64 -32.23
CA GLY D 317 -36.18 -11.32 -33.49
C GLY D 317 -35.77 -12.77 -33.31
N ASP D 318 -35.52 -13.43 -34.43
CA ASP D 318 -35.16 -14.84 -34.51
C ASP D 318 -33.87 -15.13 -33.78
N ILE D 319 -33.75 -16.31 -33.20
CA ILE D 319 -32.52 -16.68 -32.52
C ILE D 319 -31.58 -17.45 -33.45
N ARG D 320 -30.43 -16.85 -33.68
CA ARG D 320 -29.44 -17.38 -34.59
C ARG D 320 -28.12 -17.65 -33.90
N GLN D 321 -27.35 -18.57 -34.47
CA GLN D 321 -26.06 -18.93 -33.92
C GLN D 321 -24.93 -17.99 -34.32
N ALA D 322 -24.11 -17.63 -33.35
CA ALA D 322 -22.92 -16.78 -33.56
C ALA D 322 -21.96 -17.48 -34.51
N HIS D 323 -21.25 -16.70 -35.29
CA HIS D 323 -20.32 -17.29 -36.23
C HIS D 323 -19.27 -16.34 -36.77
N CYS D 324 -18.23 -16.92 -37.36
CA CYS D 324 -17.18 -16.14 -38.01
C CYS D 324 -16.97 -16.58 -39.44
N ASN D 325 -16.76 -15.60 -40.31
CA ASN D 325 -16.50 -15.81 -41.72
C ASN D 325 -15.06 -15.51 -42.10
N VAL D 326 -14.38 -16.49 -42.66
CA VAL D 326 -12.98 -16.35 -43.01
C VAL D 326 -12.82 -16.39 -44.52
N SER D 327 -12.07 -15.45 -45.11
CA SER D 327 -11.90 -15.56 -46.57
C SER D 327 -11.32 -16.90 -46.92
N LYS D 328 -11.99 -17.65 -47.77
CA LYS D 328 -11.52 -18.98 -48.10
C LYS D 328 -10.31 -18.98 -48.97
N ALA D 329 -10.36 -18.22 -50.04
CA ALA D 329 -9.20 -18.20 -50.90
C ALA D 329 -8.00 -17.67 -50.15
N THR D 330 -8.18 -16.67 -49.29
CA THR D 330 -7.01 -16.14 -48.63
C THR D 330 -6.43 -17.20 -47.73
N TRP D 331 -7.29 -17.88 -46.99
CA TRP D 331 -6.81 -18.89 -46.08
C TRP D 331 -6.06 -19.98 -46.82
N ASN D 332 -6.62 -20.45 -47.93
CA ASN D 332 -5.94 -21.50 -48.66
C ASN D 332 -4.58 -21.07 -49.19
N GLU D 333 -4.49 -19.86 -49.74
CA GLU D 333 -3.19 -19.42 -50.24
C GLU D 333 -2.20 -19.32 -49.11
N THR D 334 -2.67 -18.83 -47.99
CA THR D 334 -1.84 -18.62 -46.83
C THR D 334 -1.29 -19.95 -46.34
N LEU D 335 -2.13 -20.97 -46.25
CA LEU D 335 -1.60 -22.24 -45.84
C LEU D 335 -0.57 -22.75 -46.83
N GLY D 336 -0.77 -22.52 -48.11
CA GLY D 336 0.22 -23.00 -49.04
C GLY D 336 1.60 -22.42 -48.71
N LYS D 337 1.64 -21.16 -48.28
CA LYS D 337 2.92 -20.53 -47.95
C LYS D 337 3.50 -21.18 -46.71
N VAL D 338 2.64 -21.48 -45.73
CA VAL D 338 3.12 -22.09 -44.51
C VAL D 338 3.71 -23.45 -44.82
N VAL D 339 3.04 -24.21 -45.66
CA VAL D 339 3.51 -25.52 -46.05
C VAL D 339 4.85 -25.43 -46.73
N LYS D 340 5.01 -24.50 -47.64
CA LYS D 340 6.28 -24.35 -48.30
C LYS D 340 7.40 -24.15 -47.28
N GLN D 341 7.15 -23.31 -46.28
CA GLN D 341 8.19 -23.07 -45.29
C GLN D 341 8.41 -24.29 -44.37
N LEU D 342 7.36 -24.97 -43.97
CA LEU D 342 7.52 -26.13 -43.09
C LEU D 342 8.32 -27.24 -43.74
N ARG D 343 8.16 -27.41 -45.03
CA ARG D 343 8.90 -28.44 -45.72
C ARG D 343 10.41 -28.23 -45.60
N LYS D 344 10.87 -27.00 -45.37
CA LYS D 344 12.28 -26.72 -45.25
C LYS D 344 12.90 -27.41 -44.05
N HIS D 345 12.08 -27.80 -43.07
CA HIS D 345 12.62 -28.46 -41.90
C HIS D 345 12.31 -29.93 -41.86
N PHE D 346 11.30 -30.37 -42.60
CA PHE D 346 10.92 -31.78 -42.50
C PHE D 346 11.19 -32.60 -43.76
N GLY D 347 12.06 -32.08 -44.63
CA GLY D 347 12.45 -32.76 -45.84
C GLY D 347 11.88 -32.11 -47.10
N ASN D 348 12.68 -32.07 -48.16
CA ASN D 348 12.21 -31.44 -49.38
C ASN D 348 10.99 -32.14 -49.91
N ASN D 349 10.99 -33.47 -49.82
CA ASN D 349 9.88 -34.25 -50.32
C ASN D 349 9.08 -34.86 -49.19
N THR D 350 8.06 -34.15 -48.75
CA THR D 350 7.25 -34.63 -47.66
C THR D 350 5.81 -34.16 -47.79
N ILE D 351 5.00 -34.60 -46.87
CA ILE D 351 3.58 -34.28 -46.91
C ILE D 351 3.17 -33.66 -45.62
N ILE D 352 2.46 -32.56 -45.73
CA ILE D 352 1.97 -31.90 -44.56
C ILE D 352 0.49 -31.91 -44.49
N ARG D 353 -0.04 -32.38 -43.38
CA ARG D 353 -1.48 -32.34 -43.27
C ARG D 353 -1.88 -31.60 -42.03
N PHE D 354 -3.04 -31.03 -42.07
CA PHE D 354 -3.56 -30.34 -40.94
C PHE D 354 -4.78 -31.04 -40.43
N ALA D 355 -4.95 -31.01 -39.13
CA ALA D 355 -6.09 -31.60 -38.47
C ALA D 355 -6.59 -30.65 -37.43
N ASN D 356 -7.83 -30.81 -37.00
CA ASN D 356 -8.37 -29.88 -36.04
C ASN D 356 -7.83 -30.14 -34.65
N SER D 357 -8.29 -29.38 -33.69
CA SER D 357 -7.78 -29.54 -32.36
C SER D 357 -8.20 -30.88 -31.82
N SER D 358 -7.49 -31.31 -30.79
CA SER D 358 -7.76 -32.59 -30.18
C SER D 358 -8.55 -32.41 -28.90
N GLY D 359 -8.58 -33.43 -28.07
CA GLY D 359 -9.37 -33.40 -26.86
C GLY D 359 -8.97 -32.28 -25.89
N GLY D 360 -9.97 -31.82 -25.15
CA GLY D 360 -9.90 -30.76 -24.14
C GLY D 360 -11.35 -30.30 -23.99
N ASP D 361 -11.64 -29.38 -23.08
CA ASP D 361 -13.02 -29.00 -22.90
C ASP D 361 -13.57 -27.85 -23.75
N LEU D 362 -13.07 -26.64 -23.59
CA LEU D 362 -13.55 -25.52 -24.37
C LEU D 362 -12.43 -24.56 -24.62
N GLU D 363 -11.91 -24.03 -23.52
CA GLU D 363 -10.84 -23.05 -23.50
C GLU D 363 -9.55 -23.60 -24.10
N VAL D 364 -9.45 -24.91 -24.09
CA VAL D 364 -8.32 -25.63 -24.61
C VAL D 364 -8.40 -25.89 -26.10
N THR D 365 -9.57 -26.35 -26.52
CA THR D 365 -9.78 -26.78 -27.88
C THR D 365 -10.34 -25.77 -28.86
N THR D 366 -10.85 -24.63 -28.38
CA THR D 366 -11.43 -23.69 -29.31
C THR D 366 -10.74 -22.36 -29.30
N HIS D 367 -10.91 -21.67 -30.41
CA HIS D 367 -10.41 -20.34 -30.62
C HIS D 367 -11.06 -19.38 -29.69
N SER D 368 -10.32 -18.41 -29.20
CA SER D 368 -10.99 -17.50 -28.29
C SER D 368 -10.58 -16.09 -28.44
N PHE D 369 -11.56 -15.23 -28.29
CA PHE D 369 -11.36 -13.80 -28.39
C PHE D 369 -12.47 -13.01 -27.73
N ASN D 370 -12.19 -11.74 -27.51
CA ASN D 370 -13.16 -10.80 -26.97
C ASN D 370 -13.59 -9.81 -28.05
N CYS D 371 -14.82 -9.95 -28.50
CA CYS D 371 -15.38 -9.12 -29.59
C CYS D 371 -16.60 -8.37 -29.14
N GLY D 372 -16.44 -7.06 -29.02
CA GLY D 372 -17.52 -6.20 -28.59
C GLY D 372 -17.71 -6.25 -27.10
N GLY D 373 -16.88 -7.04 -26.42
CA GLY D 373 -17.00 -7.27 -25.00
C GLY D 373 -17.55 -8.67 -24.74
N GLU D 374 -18.09 -9.34 -25.75
CA GLU D 374 -18.56 -10.70 -25.53
C GLU D 374 -17.42 -11.70 -25.66
N PHE D 375 -17.54 -12.80 -24.96
CA PHE D 375 -16.51 -13.83 -25.05
C PHE D 375 -16.95 -14.96 -25.95
N PHE D 376 -16.23 -15.10 -27.04
CA PHE D 376 -16.49 -16.06 -28.09
C PHE D 376 -15.55 -17.24 -28.07
N TYR D 377 -16.10 -18.41 -28.24
CA TYR D 377 -15.37 -19.68 -28.32
C TYR D 377 -15.72 -20.34 -29.64
N CYS D 378 -14.81 -20.30 -30.62
CA CYS D 378 -15.20 -20.75 -31.95
C CYS D 378 -14.52 -22.04 -32.38
N ASN D 379 -15.28 -22.85 -33.09
CA ASN D 379 -14.84 -24.15 -33.55
C ASN D 379 -14.09 -24.08 -34.86
N THR D 380 -12.78 -23.89 -34.78
CA THR D 380 -11.95 -23.76 -35.97
C THR D 380 -11.63 -25.07 -36.60
N SER D 381 -12.64 -25.79 -37.02
CA SER D 381 -12.42 -27.09 -37.62
C SER D 381 -12.25 -26.95 -39.11
N GLY D 382 -12.91 -25.95 -39.66
CA GLY D 382 -12.93 -25.73 -41.10
C GLY D 382 -11.67 -25.08 -41.60
N LEU D 383 -10.79 -24.74 -40.69
CA LEU D 383 -9.56 -24.13 -41.07
C LEU D 383 -8.40 -25.10 -41.08
N PHE D 384 -8.50 -26.20 -40.36
CA PHE D 384 -7.37 -27.10 -40.20
C PHE D 384 -7.66 -28.48 -40.66
N ASN D 385 -8.13 -28.58 -41.88
CA ASN D 385 -8.44 -29.87 -42.44
C ASN D 385 -8.06 -29.90 -43.91
N SER D 386 -6.86 -30.41 -44.19
CA SER D 386 -6.33 -30.45 -45.55
C SER D 386 -5.09 -31.32 -45.64
N THR D 387 -4.74 -31.76 -46.85
CA THR D 387 -3.47 -32.47 -47.06
C THR D 387 -2.71 -31.87 -48.22
N TRP D 388 -1.44 -31.56 -47.99
CA TRP D 388 -0.60 -30.96 -48.99
C TRP D 388 0.48 -31.89 -49.49
N ILE D 389 0.25 -32.39 -50.68
CA ILE D 389 1.07 -33.37 -51.37
C ILE D 389 2.25 -32.69 -52.01
N SER D 390 3.42 -33.33 -51.96
CA SER D 390 4.62 -32.79 -52.56
C SER D 390 4.50 -32.68 -54.06
N ASN D 391 5.34 -31.84 -54.65
CA ASN D 391 5.33 -31.62 -56.09
C ASN D 391 3.91 -31.37 -56.57
N ASN D 403 -18.10 -15.81 -52.83
CA ASN D 403 -16.70 -15.79 -52.44
C ASN D 403 -16.36 -17.06 -51.67
N ASP D 404 -17.42 -17.81 -51.37
CA ASP D 404 -17.31 -19.07 -50.65
C ASP D 404 -16.55 -18.98 -49.33
N SER D 405 -16.94 -18.06 -48.46
CA SER D 405 -16.28 -17.89 -47.17
C SER D 405 -16.39 -19.15 -46.32
N ILE D 406 -15.38 -19.40 -45.49
CA ILE D 406 -15.46 -20.53 -44.57
C ILE D 406 -16.21 -20.04 -43.37
N THR D 407 -17.23 -20.76 -42.95
CA THR D 407 -17.97 -20.30 -41.77
C THR D 407 -17.75 -21.23 -40.61
N LEU D 408 -17.37 -20.64 -39.49
CA LEU D 408 -17.15 -21.41 -38.29
C LEU D 408 -18.28 -21.09 -37.31
N PRO D 409 -18.92 -22.08 -36.67
CA PRO D 409 -19.95 -21.89 -35.68
C PRO D 409 -19.27 -21.43 -34.45
N CYS D 410 -19.97 -20.71 -33.57
CA CYS D 410 -19.31 -20.23 -32.40
C CYS D 410 -20.25 -20.04 -31.20
N ARG D 411 -19.73 -20.26 -29.98
CA ARG D 411 -20.54 -20.08 -28.76
C ARG D 411 -20.12 -18.92 -27.87
N ILE D 412 -21.10 -18.42 -27.12
CA ILE D 412 -20.95 -17.31 -26.18
C ILE D 412 -21.06 -17.77 -24.74
N LYS D 413 -20.17 -17.28 -23.89
CA LYS D 413 -20.18 -17.66 -22.47
C LYS D 413 -20.05 -16.41 -21.59
N GLN D 414 -20.87 -16.27 -20.51
CA GLN D 414 -20.74 -15.09 -19.65
C GLN D 414 -19.78 -15.23 -18.47
N ILE D 415 -19.60 -16.44 -17.94
CA ILE D 415 -18.71 -16.55 -16.79
C ILE D 415 -17.37 -17.05 -17.21
N ILE D 416 -16.33 -16.26 -17.02
CA ILE D 416 -15.04 -16.75 -17.49
C ILE D 416 -13.95 -16.81 -16.43
N ASN D 417 -13.08 -17.80 -16.57
CA ASN D 417 -11.93 -17.99 -15.71
C ASN D 417 -10.72 -17.36 -16.34
N MET D 418 -10.62 -16.06 -16.21
CA MET D 418 -9.61 -15.36 -16.93
C MET D 418 -8.27 -15.83 -16.43
N TRP D 419 -7.33 -15.96 -17.34
CA TRP D 419 -5.95 -16.36 -17.08
C TRP D 419 -5.84 -17.77 -16.57
N GLN D 420 -6.92 -18.53 -16.69
CA GLN D 420 -6.95 -19.92 -16.28
C GLN D 420 -6.60 -20.10 -14.81
N ARG D 421 -7.05 -19.17 -13.98
CA ARG D 421 -6.82 -19.25 -12.55
C ARG D 421 -8.04 -19.83 -11.89
N ILE D 422 -7.91 -20.16 -10.62
CA ILE D 422 -9.03 -20.70 -9.89
C ILE D 422 -9.35 -19.87 -8.67
N GLY D 423 -10.53 -20.08 -8.11
CA GLY D 423 -10.97 -19.40 -6.89
C GLY D 423 -11.56 -18.02 -7.16
N GLN D 424 -11.65 -17.64 -8.41
CA GLN D 424 -12.15 -16.33 -8.77
C GLN D 424 -12.56 -16.33 -10.21
N CYS D 425 -13.46 -15.43 -10.58
CA CYS D 425 -13.85 -15.39 -11.98
C CYS D 425 -14.52 -14.08 -12.27
N MET D 426 -14.87 -13.86 -13.52
CA MET D 426 -15.57 -12.64 -13.85
C MET D 426 -16.86 -12.91 -14.56
N TYR D 427 -17.89 -12.18 -14.18
CA TYR D 427 -19.17 -12.28 -14.88
C TYR D 427 -19.34 -11.14 -15.86
N ALA D 428 -19.46 -11.44 -17.13
CA ALA D 428 -19.63 -10.36 -18.06
C ALA D 428 -21.11 -9.99 -18.15
N PRO D 429 -21.49 -8.71 -18.11
CA PRO D 429 -22.84 -8.26 -18.27
C PRO D 429 -23.18 -8.42 -19.74
N PRO D 430 -24.44 -8.57 -20.11
CA PRO D 430 -24.90 -8.65 -21.48
C PRO D 430 -24.77 -7.33 -22.20
N ILE D 431 -24.60 -7.40 -23.49
CA ILE D 431 -24.55 -6.23 -24.33
C ILE D 431 -25.77 -6.08 -25.23
N GLN D 432 -26.43 -4.95 -25.07
CA GLN D 432 -27.64 -4.63 -25.80
C GLN D 432 -27.36 -4.44 -27.28
N GLY D 433 -28.21 -5.00 -28.12
CA GLY D 433 -28.04 -4.83 -29.55
C GLY D 433 -27.33 -6.01 -30.18
N VAL D 434 -26.65 -5.75 -31.28
CA VAL D 434 -26.03 -6.75 -32.12
C VAL D 434 -24.55 -6.47 -32.31
N ILE D 435 -23.74 -7.51 -32.18
CA ILE D 435 -22.30 -7.38 -32.30
C ILE D 435 -21.67 -7.84 -33.58
N ARG D 436 -20.79 -7.00 -34.08
CA ARG D 436 -19.99 -7.29 -35.24
C ARG D 436 -18.63 -6.65 -35.09
N CYS D 437 -17.59 -7.38 -35.43
CA CYS D 437 -16.23 -6.83 -35.40
C CYS D 437 -15.37 -7.53 -36.40
N VAL D 438 -14.24 -6.94 -36.71
CA VAL D 438 -13.35 -7.56 -37.66
C VAL D 438 -11.96 -7.59 -37.11
N SER D 439 -11.18 -8.54 -37.58
CA SER D 439 -9.80 -8.63 -37.20
C SER D 439 -8.98 -9.31 -38.25
N ASN D 440 -7.66 -9.12 -38.16
CA ASN D 440 -6.74 -9.77 -39.07
C ASN D 440 -5.81 -10.69 -38.33
N ILE D 441 -5.89 -11.96 -38.64
CA ILE D 441 -4.98 -12.84 -37.97
C ILE D 441 -3.66 -12.64 -38.64
N THR D 442 -2.60 -12.73 -37.87
CA THR D 442 -1.24 -12.54 -38.35
C THR D 442 -0.38 -13.74 -38.08
N GLY D 443 -0.98 -14.80 -37.59
CA GLY D 443 -0.22 -15.98 -37.27
C GLY D 443 -1.04 -17.01 -36.58
N LEU D 444 -0.41 -18.13 -36.30
CA LEU D 444 -1.08 -19.23 -35.64
C LEU D 444 -0.13 -20.08 -34.82
N ILE D 445 -0.69 -20.91 -33.94
CA ILE D 445 0.14 -21.80 -33.14
C ILE D 445 -0.10 -23.26 -33.46
N LEU D 446 0.96 -23.93 -33.89
CA LEU D 446 0.89 -25.34 -34.27
C LEU D 446 1.73 -26.27 -33.41
N THR D 447 1.29 -27.52 -33.31
CA THR D 447 2.01 -28.60 -32.65
C THR D 447 2.09 -29.84 -33.54
N ARG D 448 3.25 -30.50 -33.62
CA ARG D 448 3.29 -31.73 -34.42
C ARG D 448 2.91 -32.92 -33.57
N ASP D 449 2.30 -33.92 -34.19
CA ASP D 449 1.94 -35.09 -33.44
C ASP D 449 3.01 -36.16 -33.26
N GLY D 450 3.55 -36.69 -34.33
CA GLY D 450 4.47 -37.79 -34.19
C GLY D 450 4.84 -38.42 -35.53
N GLY D 451 5.07 -39.73 -35.52
CA GLY D 451 5.51 -40.44 -36.71
C GLY D 451 5.74 -41.90 -36.42
N SER D 452 6.40 -42.61 -37.33
CA SER D 452 6.63 -44.03 -37.19
C SER D 452 7.99 -44.45 -37.70
N THR D 453 8.73 -43.49 -38.24
CA THR D 453 10.04 -43.65 -38.89
C THR D 453 9.98 -44.38 -40.22
N ASN D 454 8.82 -44.91 -40.61
CA ASN D 454 8.75 -45.69 -41.82
C ASN D 454 7.67 -45.15 -42.70
N SER D 455 7.28 -43.92 -42.41
CA SER D 455 6.27 -43.24 -43.16
C SER D 455 6.50 -41.74 -43.12
N THR D 456 5.52 -41.03 -43.60
CA THR D 456 5.55 -39.59 -43.73
C THR D 456 4.21 -39.01 -43.34
N THR D 457 3.96 -37.79 -43.76
CA THR D 457 2.73 -37.07 -43.47
C THR D 457 2.57 -36.64 -42.01
N GLU D 458 3.52 -35.83 -41.53
CA GLU D 458 3.41 -35.27 -40.20
C GLU D 458 2.13 -34.46 -40.11
N THR D 459 1.45 -34.52 -38.97
CA THR D 459 0.24 -33.73 -38.84
C THR D 459 0.44 -32.59 -37.87
N PHE D 460 -0.03 -31.45 -38.28
CA PHE D 460 0.02 -30.28 -37.47
C PHE D 460 -1.36 -29.98 -36.96
N ARG D 461 -1.48 -29.69 -35.69
CA ARG D 461 -2.75 -29.35 -35.09
C ARG D 461 -2.62 -28.02 -34.41
N PRO D 462 -3.67 -27.24 -34.29
CA PRO D 462 -3.68 -25.99 -33.59
C PRO D 462 -3.55 -26.25 -32.11
N GLY D 463 -3.03 -25.26 -31.38
CA GLY D 463 -2.87 -25.36 -29.93
C GLY D 463 -2.54 -24.02 -29.31
N GLY D 464 -1.72 -24.02 -28.26
CA GLY D 464 -1.37 -22.76 -27.61
C GLY D 464 -2.08 -22.52 -26.28
N GLY D 465 -2.00 -23.46 -25.37
CA GLY D 465 -2.63 -23.26 -24.07
C GLY D 465 -2.10 -22.04 -23.29
N ASP D 466 -0.81 -21.72 -23.40
CA ASP D 466 -0.28 -20.59 -22.65
C ASP D 466 -0.66 -19.26 -23.27
N MET D 467 -0.60 -18.21 -22.47
CA MET D 467 -0.88 -16.85 -22.91
C MET D 467 0.37 -16.13 -23.31
N ARG D 468 1.49 -16.54 -22.74
CA ARG D 468 2.74 -15.86 -22.99
C ARG D 468 3.14 -15.89 -24.45
N ASP D 469 2.75 -16.93 -25.17
CA ASP D 469 3.09 -17.06 -26.58
C ASP D 469 2.52 -15.94 -27.42
N ASN D 470 1.48 -15.28 -26.94
CA ASN D 470 0.92 -14.19 -27.68
C ASN D 470 1.82 -12.99 -27.70
N TRP D 471 2.65 -12.84 -26.66
CA TRP D 471 3.51 -11.66 -26.54
C TRP D 471 4.93 -11.98 -26.95
N ARG D 472 5.30 -13.25 -26.93
CA ARG D 472 6.65 -13.61 -27.35
C ARG D 472 6.83 -13.15 -28.77
N SER D 473 5.73 -13.21 -29.52
CA SER D 473 5.61 -12.88 -30.92
C SER D 473 5.92 -11.43 -31.26
N GLU D 474 5.86 -10.53 -30.29
CA GLU D 474 6.20 -9.13 -30.57
C GLU D 474 7.56 -8.81 -29.97
N LEU D 475 7.80 -9.35 -28.80
CA LEU D 475 8.99 -9.03 -28.05
C LEU D 475 10.23 -9.76 -28.50
N TYR D 476 10.11 -10.59 -29.51
CA TYR D 476 11.24 -11.33 -30.04
C TYR D 476 12.35 -10.44 -30.54
N LYS D 477 12.03 -9.18 -30.88
CA LYS D 477 13.09 -8.33 -31.38
C LYS D 477 13.85 -7.60 -30.30
N TYR D 478 13.48 -7.76 -29.04
CA TYR D 478 14.14 -6.96 -28.03
C TYR D 478 14.90 -7.75 -27.01
N LYS D 479 15.90 -7.08 -26.45
CA LYS D 479 16.74 -7.59 -25.37
C LYS D 479 17.14 -6.47 -24.43
N VAL D 480 17.18 -6.73 -23.14
CA VAL D 480 17.61 -5.69 -22.20
C VAL D 480 19.01 -5.92 -21.68
N VAL D 481 19.82 -4.88 -21.73
CA VAL D 481 21.19 -4.96 -21.26
C VAL D 481 21.53 -3.87 -20.27
N LYS D 482 22.56 -4.10 -19.49
CA LYS D 482 23.06 -3.17 -18.49
C LYS D 482 24.37 -2.52 -18.91
N ILE D 483 24.43 -1.20 -18.81
CA ILE D 483 25.62 -0.48 -19.25
C ILE D 483 26.66 -0.45 -18.14
N GLU D 484 27.88 -0.90 -18.46
CA GLU D 484 28.96 -1.08 -17.49
C GLU D 484 30.33 -0.41 -17.77
N PRO D 485 30.52 0.88 -17.41
CA PRO D 485 31.68 1.75 -17.63
C PRO D 485 32.82 1.36 -16.67
N LEU D 486 33.90 2.16 -16.57
CA LEU D 486 35.08 1.86 -15.75
C LEU D 486 35.90 0.77 -16.34
N GLY D 487 36.22 0.96 -17.60
CA GLY D 487 37.07 0.03 -18.30
C GLY D 487 38.51 0.35 -17.97
N VAL D 488 39.34 -0.66 -17.95
CA VAL D 488 40.74 -0.47 -17.68
C VAL D 488 41.53 -1.04 -18.81
N ALA D 489 42.54 -0.31 -19.25
CA ALA D 489 43.40 -0.75 -20.34
C ALA D 489 44.82 -0.22 -20.13
N PRO D 490 45.85 -0.87 -20.63
CA PRO D 490 47.19 -0.36 -20.60
C PRO D 490 47.45 0.75 -21.60
N THR D 491 48.27 1.68 -21.15
CA THR D 491 48.88 2.75 -21.93
C THR D 491 50.29 2.81 -21.36
N ARG D 492 50.52 1.90 -20.39
CA ARG D 492 51.72 1.77 -19.57
C ARG D 492 51.98 2.95 -18.65
N ALA D 493 50.92 3.49 -18.05
CA ALA D 493 51.01 4.59 -17.10
C ALA D 493 52.22 5.49 -17.37
N ARG D 518 27.44 11.72 -31.78
CA ARG D 518 27.75 10.42 -32.34
C ARG D 518 26.63 9.43 -32.04
N GLY D 519 25.99 9.63 -30.89
CA GLY D 519 24.88 8.81 -30.43
C GLY D 519 25.22 7.88 -29.28
N PHE D 520 24.24 7.61 -28.43
CA PHE D 520 24.44 6.72 -27.31
C PHE D 520 24.78 5.34 -27.82
N LEU D 521 25.94 4.83 -27.40
CA LEU D 521 26.52 3.57 -27.84
C LEU D 521 26.86 3.54 -29.31
N GLY D 522 26.89 4.69 -29.96
CA GLY D 522 27.23 4.75 -31.36
C GLY D 522 28.62 4.21 -31.62
N ALA D 523 29.52 4.42 -30.67
CA ALA D 523 30.89 3.98 -30.79
C ALA D 523 31.10 2.55 -30.33
N ALA D 524 30.06 1.86 -29.93
CA ALA D 524 30.22 0.51 -29.39
C ALA D 524 30.90 -0.43 -30.39
N GLY D 525 30.66 -0.24 -31.67
CA GLY D 525 31.28 -1.10 -32.68
C GLY D 525 32.64 -0.60 -33.16
N SER D 526 33.14 0.50 -32.58
CA SER D 526 34.39 1.11 -33.00
C SER D 526 35.52 0.71 -32.07
N THR D 527 36.74 1.06 -32.42
CA THR D 527 37.86 0.65 -31.61
C THR D 527 37.95 1.38 -30.29
N MET D 528 38.76 0.82 -29.41
CA MET D 528 38.96 1.40 -28.10
C MET D 528 39.47 2.79 -28.21
N GLY D 529 40.36 3.02 -29.17
CA GLY D 529 40.89 4.33 -29.39
C GLY D 529 39.77 5.27 -29.80
N ALA D 530 39.02 4.92 -30.83
CA ALA D 530 37.97 5.81 -31.32
C ALA D 530 36.90 6.13 -30.29
N ALA D 531 36.57 5.15 -29.48
CA ALA D 531 35.53 5.26 -28.47
C ALA D 531 35.85 6.27 -27.39
N SER D 532 37.10 6.66 -27.26
CA SER D 532 37.48 7.57 -26.20
C SER D 532 36.78 8.90 -26.34
N MET D 533 36.30 9.24 -27.54
CA MET D 533 35.65 10.52 -27.75
C MET D 533 34.19 10.60 -27.35
N THR D 534 33.60 9.51 -26.89
CA THR D 534 32.19 9.54 -26.50
C THR D 534 31.97 9.23 -25.04
N LEU D 535 32.98 9.38 -24.20
CA LEU D 535 32.77 9.02 -22.82
C LEU D 535 31.68 9.90 -22.19
N THR D 536 31.59 11.18 -22.57
CA THR D 536 30.53 12.02 -22.00
C THR D 536 29.15 11.58 -22.44
N VAL D 537 29.06 11.00 -23.62
CA VAL D 537 27.77 10.59 -24.12
C VAL D 537 27.24 9.49 -23.26
N GLN D 538 28.10 8.55 -22.95
CA GLN D 538 27.63 7.44 -22.18
C GLN D 538 27.36 7.83 -20.73
N ALA D 539 28.22 8.65 -20.17
CA ALA D 539 28.09 9.03 -18.77
C ALA D 539 26.77 9.70 -18.47
N ARG D 540 26.32 10.53 -19.41
CA ARG D 540 25.08 11.26 -19.25
C ARG D 540 23.83 10.38 -19.22
N ASN D 541 23.91 9.13 -19.65
CA ASN D 541 22.75 8.25 -19.65
C ASN D 541 22.77 7.23 -18.51
N LEU D 542 23.69 7.40 -17.56
CA LEU D 542 23.76 6.47 -16.46
C LEU D 542 22.96 6.97 -15.27
N LEU D 543 22.98 8.27 -15.06
CA LEU D 543 22.25 8.85 -13.95
C LEU D 543 20.87 9.20 -14.39
N SER D 544 20.79 9.90 -15.51
CA SER D 544 19.55 10.38 -16.09
C SER D 544 18.35 10.26 -15.17
N LEU D 566 -4.86 2.87 -6.16
CA LEU D 566 -4.95 3.79 -7.29
C LEU D 566 -3.83 3.58 -8.28
N THR D 567 -2.60 3.54 -7.77
CA THR D 567 -1.44 3.41 -8.61
C THR D 567 -0.76 2.06 -8.44
N VAL D 568 -0.56 1.38 -9.56
CA VAL D 568 0.13 0.10 -9.60
C VAL D 568 1.62 0.32 -9.61
N TRP D 569 2.03 1.22 -10.48
CA TRP D 569 3.42 1.56 -10.67
C TRP D 569 3.85 2.59 -9.64
N GLY D 570 3.99 2.10 -8.43
CA GLY D 570 4.30 2.89 -7.25
C GLY D 570 5.67 2.52 -6.78
N ILE D 571 5.73 1.46 -5.99
CA ILE D 571 6.96 0.93 -5.46
C ILE D 571 7.91 0.62 -6.59
N LYS D 572 7.42 0.10 -7.70
CA LYS D 572 8.34 -0.19 -8.78
C LYS D 572 9.11 1.05 -9.23
N GLN D 573 8.48 2.23 -9.25
CA GLN D 573 9.22 3.39 -9.71
C GLN D 573 10.24 3.81 -8.67
N LEU D 574 9.86 3.77 -7.41
CA LEU D 574 10.82 4.18 -6.41
C LEU D 574 12.00 3.23 -6.38
N GLN D 575 11.76 1.94 -6.52
CA GLN D 575 12.88 1.02 -6.51
C GLN D 575 13.80 1.26 -7.68
N ALA D 576 13.25 1.49 -8.87
CA ALA D 576 14.12 1.72 -9.99
C ALA D 576 14.95 2.99 -9.81
N ARG D 577 14.33 4.05 -9.30
CA ARG D 577 15.08 5.28 -9.14
C ARG D 577 16.18 5.10 -8.11
N VAL D 578 15.88 4.43 -7.03
CA VAL D 578 16.89 4.26 -6.02
C VAL D 578 18.04 3.44 -6.55
N LEU D 579 17.75 2.36 -7.25
CA LEU D 579 18.83 1.57 -7.78
C LEU D 579 19.72 2.36 -8.70
N ALA D 580 19.13 3.12 -9.62
CA ALA D 580 19.99 3.86 -10.52
C ALA D 580 20.90 4.78 -9.74
N VAL D 581 20.38 5.43 -8.71
CA VAL D 581 21.22 6.29 -7.92
C VAL D 581 22.30 5.52 -7.19
N GLU D 582 21.97 4.39 -6.59
CA GLU D 582 23.01 3.67 -5.90
C GLU D 582 24.11 3.23 -6.84
N ARG D 583 23.76 2.77 -8.02
CA ARG D 583 24.82 2.33 -8.92
C ARG D 583 25.73 3.50 -9.26
N TYR D 584 25.13 4.65 -9.54
CA TYR D 584 25.91 5.81 -9.87
C TYR D 584 26.87 6.13 -8.75
N LEU D 585 26.36 6.21 -7.53
CA LEU D 585 27.21 6.60 -6.43
C LEU D 585 28.29 5.60 -6.15
N ARG D 586 28.02 4.32 -6.30
CA ARG D 586 29.07 3.36 -6.05
C ARG D 586 30.22 3.56 -7.02
N ASP D 587 29.94 3.82 -8.29
CA ASP D 587 31.04 4.05 -9.21
C ASP D 587 31.81 5.29 -8.82
N GLN D 588 31.10 6.33 -8.39
CA GLN D 588 31.82 7.52 -8.04
C GLN D 588 32.65 7.34 -6.78
N GLN D 589 32.16 6.59 -5.80
CA GLN D 589 32.96 6.39 -4.60
C GLN D 589 34.27 5.71 -4.97
N LEU D 590 34.19 4.71 -5.84
CA LEU D 590 35.37 4.00 -6.25
C LEU D 590 36.36 4.92 -6.95
N LEU D 591 35.89 5.73 -7.90
CA LEU D 591 36.81 6.63 -8.57
C LEU D 591 37.41 7.59 -7.58
N GLY D 592 36.63 8.02 -6.62
CA GLY D 592 37.11 8.91 -5.58
C GLY D 592 38.29 8.27 -4.86
N ILE D 593 38.11 7.05 -4.39
CA ILE D 593 39.16 6.35 -3.66
C ILE D 593 40.40 6.20 -4.52
N TRP D 594 40.21 5.87 -5.77
CA TRP D 594 41.33 5.73 -6.69
C TRP D 594 42.01 7.04 -7.08
N GLY D 595 41.48 8.20 -6.66
CA GLY D 595 42.07 9.48 -7.02
C GLY D 595 41.69 9.97 -8.40
N CYS D 596 40.59 9.46 -8.94
CA CYS D 596 40.16 9.83 -10.27
C CYS D 596 38.83 10.59 -10.30
N SER D 597 38.46 11.17 -9.17
CA SER D 597 37.21 11.93 -9.16
C SER D 597 37.27 13.11 -10.12
N GLY D 598 36.19 13.31 -10.88
CA GLY D 598 36.06 14.44 -11.79
C GLY D 598 36.72 14.26 -13.16
N LYS D 599 37.31 13.10 -13.41
CA LYS D 599 38.00 12.89 -14.67
C LYS D 599 37.47 11.71 -15.45
N LEU D 600 37.14 11.95 -16.71
CA LEU D 600 36.67 10.85 -17.54
C LEU D 600 37.79 9.86 -17.75
N ILE D 601 39.01 10.37 -17.88
CA ILE D 601 40.17 9.53 -18.08
C ILE D 601 41.21 9.88 -17.05
N CYS D 602 41.78 8.90 -16.40
CA CYS D 602 42.83 9.26 -15.47
C CYS D 602 43.94 8.25 -15.51
N THR D 603 45.08 8.67 -15.00
CA THR D 603 46.24 7.80 -15.01
C THR D 603 46.62 7.45 -13.60
N THR D 604 46.86 6.17 -13.38
CA THR D 604 47.25 5.69 -12.09
C THR D 604 48.75 5.65 -12.08
N ASN D 605 49.37 5.34 -10.96
CA ASN D 605 50.81 5.25 -10.94
C ASN D 605 51.22 3.78 -10.94
N VAL D 606 50.33 2.91 -11.41
CA VAL D 606 50.60 1.48 -11.48
C VAL D 606 50.84 1.12 -12.94
N PRO D 607 52.01 0.59 -13.31
CA PRO D 607 52.33 0.21 -14.66
C PRO D 607 51.51 -1.02 -14.94
N TRP D 608 51.21 -1.27 -16.19
CA TRP D 608 50.48 -2.48 -16.49
C TRP D 608 51.26 -3.74 -16.17
N ASN D 609 50.66 -4.63 -15.41
CA ASN D 609 51.30 -5.90 -15.12
C ASN D 609 50.96 -6.80 -16.29
N SER D 610 51.97 -7.17 -17.05
CA SER D 610 51.81 -7.96 -18.26
C SER D 610 51.20 -9.33 -18.03
N SER D 611 51.20 -9.84 -16.80
CA SER D 611 50.62 -11.16 -16.57
C SER D 611 49.11 -11.17 -16.87
N TRP D 612 48.49 -9.99 -16.91
CA TRP D 612 47.07 -9.85 -17.19
C TRP D 612 46.75 -9.86 -18.69
N SER D 613 47.73 -9.52 -19.52
CA SER D 613 47.58 -9.41 -20.97
C SER D 613 48.92 -9.17 -21.61
N ASN D 614 49.15 -9.79 -22.76
CA ASN D 614 50.42 -9.64 -23.47
C ASN D 614 50.23 -9.29 -24.95
N ARG D 615 49.87 -8.04 -25.19
CA ARG D 615 49.59 -7.52 -26.53
C ARG D 615 50.33 -6.20 -26.67
N ASN D 616 50.60 -5.78 -27.88
CA ASN D 616 51.22 -4.48 -28.04
C ASN D 616 50.15 -3.42 -27.97
N LEU D 617 50.50 -2.20 -27.57
CA LEU D 617 49.46 -1.18 -27.49
C LEU D 617 48.79 -0.92 -28.83
N SER D 618 49.55 -0.95 -29.90
CA SER D 618 48.98 -0.72 -31.22
C SER D 618 48.06 -1.85 -31.65
N GLU D 619 48.14 -2.99 -30.99
CA GLU D 619 47.34 -4.14 -31.31
C GLU D 619 46.02 -4.13 -30.55
N ILE D 620 45.90 -3.21 -29.62
CA ILE D 620 44.73 -3.10 -28.78
C ILE D 620 43.91 -1.91 -29.20
N TRP D 621 44.53 -0.76 -29.13
CA TRP D 621 43.84 0.49 -29.30
C TRP D 621 43.29 0.73 -30.69
N ASP D 622 43.94 0.17 -31.70
CA ASP D 622 43.46 0.36 -33.05
C ASP D 622 42.73 -0.86 -33.61
N ASN D 623 42.54 -1.91 -32.82
CA ASN D 623 41.89 -3.11 -33.34
C ASN D 623 40.67 -3.57 -32.60
N MET D 624 40.70 -3.48 -31.30
CA MET D 624 39.64 -4.06 -30.52
C MET D 624 38.65 -3.03 -30.12
N THR D 625 37.43 -3.48 -29.91
CA THR D 625 36.36 -2.65 -29.37
C THR D 625 36.43 -2.81 -27.87
N TRP D 626 35.73 -1.98 -27.12
CA TRP D 626 35.78 -2.13 -25.68
C TRP D 626 35.08 -3.39 -25.23
N LEU D 627 34.06 -3.81 -25.97
CA LEU D 627 33.37 -5.05 -25.59
C LEU D 627 34.36 -6.20 -25.68
N GLN D 628 35.16 -6.21 -26.74
CA GLN D 628 36.12 -7.29 -26.90
C GLN D 628 37.18 -7.24 -25.83
N TRP D 629 37.62 -6.04 -25.52
CA TRP D 629 38.66 -5.88 -24.53
C TRP D 629 38.22 -6.40 -23.19
N ASP D 630 37.02 -6.03 -22.80
CA ASP D 630 36.53 -6.48 -21.52
C ASP D 630 36.50 -7.99 -21.50
N LYS D 631 36.03 -8.61 -22.57
CA LYS D 631 36.00 -10.06 -22.54
C LYS D 631 37.39 -10.65 -22.36
N GLU D 632 38.40 -10.08 -23.01
CA GLU D 632 39.72 -10.67 -22.82
C GLU D 632 40.30 -10.53 -21.42
N ILE D 633 40.03 -9.43 -20.71
CA ILE D 633 40.64 -9.29 -19.39
C ILE D 633 39.70 -9.21 -18.19
N SER D 634 38.41 -9.53 -18.34
CA SER D 634 37.49 -9.41 -17.20
C SER D 634 37.89 -10.25 -16.01
N ASN D 635 38.65 -11.31 -16.25
CA ASN D 635 39.10 -12.20 -15.20
C ASN D 635 39.99 -11.53 -14.16
N TYR D 636 40.59 -10.38 -14.49
CA TYR D 636 41.53 -9.72 -13.59
C TYR D 636 41.06 -8.37 -13.07
N THR D 637 39.82 -8.01 -13.35
CA THR D 637 39.35 -6.67 -12.97
C THR D 637 39.48 -6.40 -11.49
N GLN D 638 39.10 -7.36 -10.68
CA GLN D 638 39.11 -7.23 -9.24
C GLN D 638 40.52 -7.08 -8.68
N ILE D 639 41.53 -7.48 -9.44
CA ILE D 639 42.88 -7.39 -8.94
C ILE D 639 43.28 -5.96 -9.03
N ILE D 640 43.03 -5.40 -10.18
CA ILE D 640 43.41 -4.04 -10.43
C ILE D 640 42.65 -3.13 -9.50
N TYR D 641 41.34 -3.35 -9.40
CA TYR D 641 40.56 -2.48 -8.55
C TYR D 641 41.04 -2.53 -7.13
N GLY D 642 41.37 -3.71 -6.64
CA GLY D 642 41.86 -3.82 -5.29
C GLY D 642 43.18 -3.08 -5.06
N LEU D 643 44.14 -3.28 -5.94
CA LEU D 643 45.44 -2.68 -5.76
C LEU D 643 45.40 -1.17 -5.73
N LEU D 644 44.62 -0.62 -6.64
CA LEU D 644 44.49 0.82 -6.77
C LEU D 644 43.88 1.50 -5.58
N GLU D 645 43.14 0.78 -4.73
CA GLU D 645 42.51 1.45 -3.62
C GLU D 645 43.41 1.71 -2.44
N GLU D 646 44.47 0.94 -2.28
CA GLU D 646 45.28 1.13 -1.08
C GLU D 646 46.72 1.51 -1.40
N SER D 647 47.27 0.95 -2.48
CA SER D 647 48.65 1.20 -2.82
C SER D 647 48.84 2.67 -3.09
N GLN D 648 47.83 3.26 -3.71
CA GLN D 648 47.86 4.64 -4.09
C GLN D 648 46.66 5.30 -3.49
N ASN D 649 46.74 6.61 -3.28
CA ASN D 649 45.66 7.41 -2.69
C ASN D 649 45.30 7.08 -1.23
N GLN D 650 46.02 6.13 -0.62
CA GLN D 650 45.98 5.85 0.79
C GLN D 650 47.41 5.97 1.26
N GLN D 651 48.28 5.10 0.75
CA GLN D 651 49.67 5.24 1.14
C GLN D 651 50.25 6.56 0.68
N GLU D 652 49.83 7.01 -0.48
CA GLU D 652 50.32 8.26 -1.03
C GLU D 652 49.92 9.48 -0.19
N LYS D 653 48.87 9.37 0.62
CA LYS D 653 48.43 10.54 1.35
C LYS D 653 49.21 10.74 2.62
N ASN D 654 50.14 9.82 2.90
CA ASN D 654 51.00 9.96 4.04
C ASN D 654 52.34 10.46 3.51
N GLU D 655 52.36 10.82 2.23
CA GLU D 655 53.57 11.23 1.57
C GLU D 655 53.33 12.56 0.87
N GLN E 1 16.04 -58.83 -35.84
CA GLN E 1 14.66 -59.24 -35.65
C GLN E 1 14.42 -59.67 -34.21
N SER E 2 15.48 -59.98 -33.50
CA SER E 2 15.38 -60.38 -32.11
C SER E 2 16.61 -60.02 -31.32
N LEU E 3 16.44 -59.99 -30.00
CA LEU E 3 17.55 -59.73 -29.11
C LEU E 3 17.72 -60.88 -28.14
N GLU E 4 18.96 -61.24 -27.91
CA GLU E 4 19.33 -62.30 -27.00
C GLU E 4 20.20 -61.71 -25.91
N GLU E 5 20.12 -62.25 -24.71
CA GLU E 5 20.98 -61.67 -23.68
C GLU E 5 21.40 -62.64 -22.59
N SER E 6 22.57 -62.37 -22.01
CA SER E 6 23.13 -63.21 -20.94
C SER E 6 24.20 -62.53 -20.09
N GLY E 7 24.85 -63.30 -19.22
CA GLY E 7 25.90 -62.79 -18.33
C GLY E 7 25.43 -62.40 -16.93
N GLY E 8 24.21 -62.78 -16.59
CA GLY E 8 23.66 -62.46 -15.28
C GLY E 8 23.99 -63.55 -14.26
N GLY E 9 23.10 -63.77 -13.32
CA GLY E 9 23.32 -64.72 -12.24
C GLY E 9 23.66 -64.08 -10.89
N LEU E 10 24.03 -64.92 -9.95
CA LEU E 10 24.31 -64.48 -8.59
C LEU E 10 25.77 -64.20 -8.36
N VAL E 11 26.00 -63.01 -7.85
CA VAL E 11 27.31 -62.55 -7.47
C VAL E 11 27.07 -62.04 -6.07
N LYS E 12 28.02 -62.22 -5.19
CA LYS E 12 27.82 -61.71 -3.86
C LYS E 12 27.92 -60.20 -3.94
N PRO E 13 27.23 -59.46 -3.07
CA PRO E 13 27.23 -58.03 -3.06
C PRO E 13 28.63 -57.47 -3.05
N GLY E 14 28.80 -56.46 -3.88
CA GLY E 14 30.05 -55.76 -4.09
C GLY E 14 30.79 -56.29 -5.30
N GLY E 15 30.37 -57.46 -5.81
CA GLY E 15 31.02 -58.02 -6.98
C GLY E 15 30.43 -57.42 -8.23
N THR E 16 30.96 -57.83 -9.38
CA THR E 16 30.51 -57.30 -10.67
C THR E 16 30.14 -58.38 -11.68
N LEU E 17 29.03 -58.15 -12.36
CA LEU E 17 28.60 -59.01 -13.46
C LEU E 17 28.43 -58.13 -14.69
N THR E 18 28.61 -58.69 -15.89
CA THR E 18 28.37 -57.93 -17.11
C THR E 18 27.34 -58.57 -17.99
N LEU E 19 26.35 -57.80 -18.41
CA LEU E 19 25.34 -58.37 -19.27
C LEU E 19 25.67 -58.02 -20.68
N THR E 20 25.37 -58.92 -21.56
CA THR E 20 25.62 -58.64 -22.94
C THR E 20 24.33 -58.79 -23.68
N CYS E 21 24.22 -58.06 -24.77
CA CYS E 21 23.07 -58.16 -25.63
C CYS E 21 23.49 -58.32 -27.07
N LYS E 22 22.97 -59.36 -27.68
CA LYS E 22 23.27 -59.71 -29.04
C LYS E 22 22.10 -59.56 -29.97
N ALA E 23 22.33 -58.83 -31.03
CA ALA E 23 21.29 -58.68 -32.02
C ALA E 23 21.38 -59.79 -33.02
N SER E 24 20.22 -60.23 -33.52
CA SER E 24 20.14 -61.21 -34.62
C SER E 24 20.48 -60.54 -35.94
N GLY E 25 20.56 -59.23 -35.89
CA GLY E 25 20.91 -58.35 -36.97
C GLY E 25 19.95 -57.19 -37.05
N ILE E 26 20.47 -56.04 -36.63
CA ILE E 26 19.76 -54.78 -36.63
C ILE E 26 20.69 -53.73 -37.24
N ASP E 27 20.15 -52.57 -37.56
CA ASP E 27 20.97 -51.48 -38.05
C ASP E 27 21.63 -50.70 -36.90
N PHE E 28 22.93 -50.92 -36.70
CA PHE E 28 23.67 -50.31 -35.61
C PHE E 28 24.31 -48.97 -35.96
N THR E 29 23.97 -48.42 -37.12
CA THR E 29 24.50 -47.14 -37.57
C THR E 29 23.39 -46.22 -38.03
N SER E 30 22.36 -46.09 -37.21
CA SER E 30 21.19 -45.31 -37.61
C SER E 30 20.44 -44.68 -36.45
N GLY E 31 19.21 -44.24 -36.68
CA GLY E 31 18.42 -43.53 -35.67
C GLY E 31 17.83 -44.43 -34.58
N TYR E 32 18.70 -45.19 -33.93
CA TYR E 32 18.30 -46.12 -32.89
C TYR E 32 19.25 -46.10 -31.73
N ASP E 33 18.79 -46.47 -30.56
CA ASP E 33 19.73 -46.71 -29.50
C ASP E 33 19.51 -48.15 -29.07
N MET E 34 20.32 -48.61 -28.13
CA MET E 34 20.10 -49.91 -27.53
C MET E 34 20.16 -49.61 -26.08
N CYS E 35 19.26 -50.16 -25.33
CA CYS E 35 19.17 -49.68 -23.97
C CYS E 35 18.75 -50.72 -22.97
N TRP E 36 19.35 -50.62 -21.80
CA TRP E 36 19.06 -51.51 -20.71
C TRP E 36 17.93 -51.00 -19.85
N VAL E 37 17.00 -51.90 -19.59
CA VAL E 37 15.81 -51.66 -18.79
C VAL E 37 15.74 -52.69 -17.67
N ARG E 38 15.44 -52.26 -16.46
CA ARG E 38 15.37 -53.16 -15.33
C ARG E 38 13.98 -53.38 -14.76
N GLN E 39 13.62 -54.63 -14.55
CA GLN E 39 12.34 -54.91 -13.95
C GLN E 39 12.50 -55.37 -12.53
N ALA E 40 12.24 -54.49 -11.60
CA ALA E 40 12.44 -54.88 -10.22
C ALA E 40 11.44 -56.01 -9.99
N PRO E 41 11.73 -56.97 -9.11
CA PRO E 41 10.92 -58.14 -8.84
C PRO E 41 9.62 -57.84 -8.11
N GLY E 42 8.63 -57.40 -8.87
CA GLY E 42 7.32 -57.01 -8.35
C GLY E 42 6.89 -55.61 -8.77
N LYS E 43 7.75 -54.94 -9.55
CA LYS E 43 7.46 -53.60 -10.02
C LYS E 43 7.37 -53.56 -11.53
N GLY E 44 7.09 -52.38 -12.05
CA GLY E 44 7.06 -52.15 -13.49
C GLY E 44 8.49 -51.96 -13.94
N LEU E 45 8.71 -51.24 -15.02
CA LEU E 45 10.07 -51.14 -15.52
C LEU E 45 10.78 -49.86 -15.15
N GLU E 46 12.06 -49.99 -14.90
CA GLU E 46 12.94 -48.89 -14.57
C GLU E 46 13.99 -48.70 -15.65
N TRP E 47 14.29 -47.46 -15.92
CA TRP E 47 15.32 -47.14 -16.88
C TRP E 47 16.73 -47.33 -16.31
N VAL E 48 17.64 -48.03 -17.04
CA VAL E 48 19.01 -48.16 -16.52
C VAL E 48 20.01 -47.31 -17.32
N ALA E 49 20.19 -47.60 -18.62
CA ALA E 49 21.16 -46.83 -19.42
C ALA E 49 21.06 -47.10 -20.91
N CYS E 50 21.23 -46.07 -21.74
CA CYS E 50 21.13 -46.23 -23.20
C CYS E 50 22.35 -45.74 -23.96
N ILE E 51 22.59 -46.34 -25.13
CA ILE E 51 23.66 -45.86 -26.01
C ILE E 51 23.21 -45.71 -27.44
N TYR E 52 23.51 -44.58 -28.05
CA TYR E 52 23.09 -44.39 -29.43
C TYR E 52 23.87 -45.29 -30.37
N LEU E 53 23.17 -45.99 -31.24
CA LEU E 53 23.83 -46.89 -32.16
C LEU E 53 24.23 -46.09 -33.38
N GLY E 54 25.28 -45.34 -33.16
CA GLY E 54 25.82 -44.33 -34.03
C GLY E 54 27.04 -43.78 -33.30
N ASP E 55 27.09 -42.46 -33.11
CA ASP E 55 28.22 -41.82 -32.42
C ASP E 55 28.62 -42.57 -31.15
N GLY E 56 27.66 -42.97 -30.34
CA GLY E 56 27.95 -43.70 -29.13
C GLY E 56 27.76 -42.89 -27.87
N ASN E 57 27.06 -41.77 -27.96
CA ASN E 57 26.83 -41.05 -26.74
C ASN E 57 25.97 -41.89 -25.84
N THR E 58 26.25 -41.84 -24.55
CA THR E 58 25.46 -42.58 -23.61
C THR E 58 24.69 -41.72 -22.65
N TYR E 59 23.61 -42.30 -22.15
CA TYR E 59 22.75 -41.66 -21.18
C TYR E 59 22.55 -42.61 -20.03
N TYR E 60 22.59 -42.12 -18.81
CA TYR E 60 22.40 -43.00 -17.67
C TYR E 60 21.30 -42.54 -16.78
N ALA E 61 20.60 -43.48 -16.22
CA ALA E 61 19.61 -43.12 -15.24
C ALA E 61 20.37 -42.44 -14.16
N SER E 62 19.83 -41.40 -13.56
CA SER E 62 20.63 -40.77 -12.54
C SER E 62 21.02 -41.71 -11.41
N TRP E 63 20.14 -42.64 -11.04
CA TRP E 63 20.45 -43.58 -9.97
C TRP E 63 21.60 -44.52 -10.34
N ALA E 64 21.81 -44.71 -11.63
CA ALA E 64 22.78 -45.63 -12.16
C ALA E 64 24.06 -44.94 -12.63
N LYS E 65 24.06 -43.62 -12.64
CA LYS E 65 25.16 -42.87 -13.25
C LYS E 65 26.53 -43.14 -12.66
N GLY E 66 26.60 -43.30 -11.35
CA GLY E 66 27.89 -43.53 -10.71
C GLY E 66 28.20 -45.00 -10.52
N GLN E 67 27.37 -45.89 -11.05
CA GLN E 67 27.57 -47.30 -10.83
C GLN E 67 27.67 -48.12 -12.10
N PHE E 68 26.82 -47.85 -13.06
CA PHE E 68 26.75 -48.69 -14.23
C PHE E 68 27.41 -48.03 -15.41
N THR E 69 28.00 -48.84 -16.26
CA THR E 69 28.56 -48.27 -17.48
C THR E 69 28.30 -49.15 -18.69
N ILE E 70 28.06 -48.51 -19.83
CA ILE E 70 27.78 -49.26 -21.04
C ILE E 70 28.62 -48.81 -22.22
N SER E 71 28.81 -49.75 -23.14
CA SER E 71 29.51 -49.41 -24.36
C SER E 71 29.25 -50.41 -25.47
N LYS E 72 29.27 -49.92 -26.69
CA LYS E 72 29.18 -50.77 -27.86
C LYS E 72 30.44 -51.60 -27.93
N THR E 73 30.33 -52.91 -28.15
CA THR E 73 31.55 -53.70 -28.22
C THR E 73 31.82 -54.26 -29.60
N SER E 74 30.76 -54.39 -30.40
CA SER E 74 30.92 -54.93 -31.73
C SER E 74 29.74 -54.55 -32.59
N SER E 75 29.78 -55.00 -33.84
CA SER E 75 28.70 -54.75 -34.79
C SER E 75 27.45 -55.59 -34.51
N THR E 76 27.53 -56.52 -33.54
CA THR E 76 26.38 -57.33 -33.17
C THR E 76 26.05 -57.19 -31.69
N THR E 77 27.01 -56.72 -30.87
CA THR E 77 26.77 -56.66 -29.43
C THR E 77 27.10 -55.35 -28.72
N VAL E 78 26.39 -55.14 -27.61
CA VAL E 78 26.53 -54.03 -26.67
C VAL E 78 26.56 -54.60 -25.26
N THR E 79 27.42 -54.08 -24.37
CA THR E 79 27.42 -54.63 -23.02
C THR E 79 27.21 -53.61 -21.89
N LEU E 80 26.72 -54.14 -20.76
CA LEU E 80 26.49 -53.41 -19.53
C LEU E 80 27.28 -53.93 -18.36
N GLN E 81 28.17 -53.11 -17.84
CA GLN E 81 28.96 -53.56 -16.72
C GLN E 81 28.34 -53.09 -15.43
N MET E 82 27.81 -54.04 -14.71
CA MET E 82 27.07 -53.75 -13.51
C MET E 82 28.04 -53.77 -12.36
N THR E 83 28.80 -52.71 -12.29
CA THR E 83 29.85 -52.58 -11.30
C THR E 83 29.23 -52.59 -9.92
N SER E 84 29.80 -53.36 -9.00
CA SER E 84 29.37 -53.41 -7.61
C SER E 84 27.88 -53.70 -7.40
N LEU E 85 27.40 -54.76 -8.00
CA LEU E 85 26.00 -55.13 -7.79
C LEU E 85 25.73 -55.39 -6.33
N THR E 86 24.56 -54.99 -5.87
CA THR E 86 24.16 -55.28 -4.50
C THR E 86 22.77 -55.87 -4.40
N ALA E 87 22.25 -56.03 -3.19
CA ALA E 87 20.95 -56.66 -2.99
C ALA E 87 19.83 -55.91 -3.71
N ALA E 88 19.94 -54.60 -3.70
CA ALA E 88 19.00 -53.68 -4.32
C ALA E 88 18.93 -53.81 -5.82
N ASP E 89 19.93 -54.45 -6.44
CA ASP E 89 19.97 -54.56 -7.87
C ASP E 89 19.39 -55.87 -8.38
N THR E 90 18.83 -56.68 -7.47
CA THR E 90 18.22 -57.93 -7.89
C THR E 90 17.09 -57.58 -8.82
N ALA E 91 17.09 -58.10 -10.04
CA ALA E 91 16.04 -57.77 -11.01
C ALA E 91 16.20 -58.53 -12.30
N THR E 92 15.18 -58.44 -13.17
CA THR E 92 15.35 -58.95 -14.52
C THR E 92 15.81 -57.79 -15.36
N TYR E 93 16.90 -57.95 -16.04
CA TYR E 93 17.41 -56.90 -16.90
C TYR E 93 17.06 -57.25 -18.31
N PHE E 94 16.62 -56.26 -19.06
CA PHE E 94 16.23 -56.44 -20.44
C PHE E 94 16.99 -55.60 -21.41
N CYS E 95 17.21 -56.18 -22.56
CA CYS E 95 17.80 -55.49 -23.67
C CYS E 95 16.71 -55.04 -24.61
N ALA E 96 16.70 -53.77 -24.99
CA ALA E 96 15.69 -53.30 -25.92
C ALA E 96 16.24 -52.30 -26.91
N ARG E 97 15.61 -52.22 -28.08
CA ARG E 97 16.01 -51.23 -29.07
C ARG E 97 14.94 -50.18 -29.17
N PHE E 98 15.38 -48.94 -29.29
CA PHE E 98 14.46 -47.81 -29.44
C PHE E 98 14.63 -47.04 -30.71
N ALA E 99 13.52 -46.72 -31.33
CA ALA E 99 13.46 -45.94 -32.56
C ALA E 99 13.01 -44.52 -32.27
N GLY E 100 13.13 -43.61 -33.22
CA GLY E 100 12.56 -42.28 -33.01
C GLY E 100 11.15 -42.32 -33.60
N TYR E 101 10.62 -41.17 -33.99
CA TYR E 101 9.28 -41.15 -34.57
C TYR E 101 9.32 -40.66 -36.01
N ARG E 102 9.81 -39.47 -36.24
CA ARG E 102 10.00 -38.99 -37.59
C ARG E 102 11.26 -38.17 -37.60
N TYR E 103 11.14 -37.00 -37.00
CA TYR E 103 12.24 -36.12 -36.68
C TYR E 103 12.00 -35.79 -35.24
N SER E 104 12.66 -36.50 -34.36
CA SER E 104 12.38 -36.30 -32.96
C SER E 104 13.49 -36.77 -32.06
N VAL E 105 13.26 -36.58 -30.79
CA VAL E 105 14.11 -36.94 -29.69
C VAL E 105 13.38 -37.86 -28.74
N TRP E 106 12.12 -38.02 -29.02
CA TRP E 106 11.29 -38.89 -28.26
C TRP E 106 11.51 -40.24 -28.86
N SER E 107 11.79 -41.22 -28.05
CA SER E 107 12.08 -42.52 -28.59
C SER E 107 10.87 -43.43 -28.55
N TYR E 108 11.00 -44.55 -29.20
CA TYR E 108 9.96 -45.48 -29.36
C TYR E 108 10.45 -46.92 -29.30
N PRO E 109 10.41 -47.63 -28.17
CA PRO E 109 10.97 -48.95 -28.12
C PRO E 109 10.23 -49.78 -29.12
N ASP E 110 10.93 -50.63 -29.86
CA ASP E 110 10.20 -51.45 -30.79
C ASP E 110 10.68 -52.89 -30.81
N LEU E 111 11.70 -53.19 -30.03
CA LEU E 111 12.21 -54.55 -30.02
C LEU E 111 12.73 -54.90 -28.65
N TRP E 112 12.29 -56.03 -28.12
CA TRP E 112 12.73 -56.45 -26.80
C TRP E 112 13.29 -57.84 -26.79
N GLY E 113 14.27 -58.05 -25.92
CA GLY E 113 14.81 -59.38 -25.66
C GLY E 113 13.98 -60.00 -24.54
N PRO E 114 14.24 -61.25 -24.17
CA PRO E 114 13.58 -62.00 -23.13
C PRO E 114 13.93 -61.58 -21.71
N GLY E 115 15.03 -60.87 -21.52
CA GLY E 115 15.45 -60.50 -20.19
C GLY E 115 16.26 -61.59 -19.48
N THR E 116 17.04 -61.19 -18.49
CA THR E 116 17.83 -62.14 -17.70
C THR E 116 17.99 -61.67 -16.25
N LEU E 117 18.13 -62.61 -15.33
CA LEU E 117 18.24 -62.22 -13.91
C LEU E 117 19.62 -62.08 -13.34
N VAL E 118 19.76 -61.15 -12.40
CA VAL E 118 20.95 -61.03 -11.57
C VAL E 118 20.46 -61.01 -10.14
N THR E 119 21.31 -61.45 -9.22
CA THR E 119 21.01 -61.39 -7.80
C THR E 119 22.25 -60.94 -7.03
N ASP F 1 12.17 -37.32 -15.60
CA ASP F 1 11.65 -36.47 -14.56
C ASP F 1 10.15 -36.62 -14.40
N ILE F 2 9.59 -37.56 -15.12
CA ILE F 2 8.16 -37.80 -15.06
C ILE F 2 7.78 -39.20 -14.71
N VAL F 3 6.58 -39.33 -14.20
CA VAL F 3 6.07 -40.63 -13.87
C VAL F 3 4.79 -40.86 -14.63
N MET F 4 4.70 -42.01 -15.23
CA MET F 4 3.48 -42.42 -15.91
C MET F 4 2.79 -43.27 -14.88
N THR F 5 1.51 -43.08 -14.63
CA THR F 5 0.86 -43.94 -13.66
C THR F 5 -0.36 -44.55 -14.25
N GLN F 6 -0.73 -45.71 -13.75
CA GLN F 6 -1.92 -46.34 -14.22
C GLN F 6 -2.86 -46.56 -13.05
N THR F 7 -4.14 -46.39 -13.30
CA THR F 7 -5.12 -46.57 -12.25
C THR F 7 -5.71 -47.98 -12.07
N PRO F 8 -6.25 -48.64 -13.10
CA PRO F 8 -6.92 -49.90 -12.99
C PRO F 8 -5.93 -51.03 -12.90
N ALA F 9 -5.31 -51.18 -11.74
CA ALA F 9 -4.21 -52.13 -11.55
C ALA F 9 -4.62 -53.54 -11.95
N SER F 10 -5.87 -53.89 -11.74
CA SER F 10 -6.31 -55.21 -12.13
C SER F 10 -7.76 -55.19 -12.55
N VAL F 11 -8.01 -55.74 -13.73
CA VAL F 11 -9.35 -55.80 -14.27
C VAL F 11 -9.67 -57.20 -14.73
N GLU F 12 -10.95 -57.50 -14.80
CA GLU F 12 -11.39 -58.81 -15.24
C GLU F 12 -12.67 -58.71 -16.02
N ALA F 13 -12.75 -59.51 -17.06
CA ALA F 13 -13.95 -59.57 -17.88
C ALA F 13 -14.10 -60.95 -18.44
N ASP F 14 -15.31 -61.32 -18.78
CA ASP F 14 -15.47 -62.60 -19.41
C ASP F 14 -15.09 -62.48 -20.86
N VAL F 15 -14.98 -63.61 -21.51
CA VAL F 15 -14.63 -63.62 -22.92
C VAL F 15 -15.66 -62.87 -23.73
N GLY F 16 -15.18 -61.98 -24.57
CA GLY F 16 -15.99 -61.14 -25.43
C GLY F 16 -16.27 -59.78 -24.82
N GLY F 17 -15.88 -59.58 -23.57
CA GLY F 17 -16.12 -58.31 -22.91
C GLY F 17 -15.08 -57.26 -23.28
N THR F 18 -15.15 -56.10 -22.63
CA THR F 18 -14.23 -55.00 -22.87
C THR F 18 -13.70 -54.38 -21.59
N VAL F 19 -12.40 -54.11 -21.56
CA VAL F 19 -11.80 -53.41 -20.43
C VAL F 19 -11.03 -52.21 -20.88
N THR F 20 -10.86 -51.25 -19.99
CA THR F 20 -10.05 -50.11 -20.33
C THR F 20 -8.96 -49.91 -19.32
N ILE F 21 -7.87 -49.35 -19.80
CA ILE F 21 -6.72 -49.01 -19.01
C ILE F 21 -6.41 -47.54 -19.14
N LYS F 22 -6.33 -46.85 -18.01
CA LYS F 22 -6.06 -45.42 -18.06
C LYS F 22 -4.72 -45.04 -17.49
N CYS F 23 -3.92 -44.39 -18.34
CA CYS F 23 -2.56 -43.97 -18.00
C CYS F 23 -2.44 -42.46 -17.90
N GLN F 24 -2.12 -41.99 -16.73
CA GLN F 24 -1.98 -40.59 -16.41
C GLN F 24 -0.53 -40.15 -16.50
N ALA F 25 -0.25 -39.12 -17.28
CA ALA F 25 1.12 -38.62 -17.39
C ALA F 25 1.33 -37.46 -16.43
N SER F 26 2.58 -37.18 -16.12
CA SER F 26 2.94 -36.08 -15.22
C SER F 26 3.07 -34.74 -15.92
N GLN F 27 3.05 -34.73 -17.24
CA GLN F 27 3.23 -33.49 -17.95
C GLN F 27 2.63 -33.58 -19.32
N ARG F 28 2.52 -32.45 -19.96
CA ARG F 28 2.05 -32.48 -21.31
C ARG F 28 3.02 -33.20 -22.23
N ILE F 29 2.52 -34.22 -22.89
CA ILE F 29 3.17 -35.06 -23.87
C ILE F 29 2.21 -34.94 -25.01
N VAL F 30 2.63 -34.77 -26.24
CA VAL F 30 1.58 -34.61 -27.21
C VAL F 30 0.75 -35.89 -27.44
N ASN F 31 1.37 -36.96 -27.92
CA ASN F 31 0.67 -38.22 -28.10
C ASN F 31 1.65 -39.37 -28.00
N LEU F 32 2.75 -39.13 -27.40
CA LEU F 32 3.83 -40.08 -27.51
C LEU F 32 3.79 -41.25 -26.55
N VAL F 33 2.83 -42.15 -26.75
CA VAL F 33 2.65 -43.32 -25.90
C VAL F 33 2.66 -44.64 -26.69
N ALA F 34 3.40 -45.62 -26.16
CA ALA F 34 3.55 -46.93 -26.84
C ALA F 34 2.53 -48.08 -26.53
N TRP F 35 2.08 -48.25 -25.29
CA TRP F 35 1.16 -49.36 -24.95
C TRP F 35 1.59 -50.80 -25.32
N TYR F 36 2.54 -51.38 -24.62
CA TYR F 36 2.93 -52.77 -24.89
C TYR F 36 2.13 -53.82 -24.14
N GLN F 37 1.93 -54.98 -24.77
CA GLN F 37 1.32 -56.15 -24.14
C GLN F 37 2.42 -57.07 -23.65
N HIS F 38 2.40 -57.45 -22.38
CA HIS F 38 3.48 -58.28 -21.89
C HIS F 38 3.02 -59.53 -21.15
N LYS F 39 3.43 -60.67 -21.68
CA LYS F 39 3.09 -61.95 -21.11
C LYS F 39 4.35 -62.46 -20.45
N PRO F 40 4.28 -63.22 -19.37
CA PRO F 40 5.43 -63.73 -18.68
C PRO F 40 6.18 -64.67 -19.55
N GLY F 41 7.50 -64.62 -19.45
CA GLY F 41 8.38 -65.49 -20.21
C GLY F 41 8.59 -64.98 -21.62
N GLN F 42 8.00 -63.84 -21.95
CA GLN F 42 8.09 -63.31 -23.29
C GLN F 42 8.57 -61.86 -23.29
N PRO F 43 9.16 -61.38 -24.39
CA PRO F 43 9.48 -59.99 -24.60
C PRO F 43 8.15 -59.27 -24.81
N PRO F 44 7.96 -58.03 -24.36
CA PRO F 44 6.79 -57.22 -24.62
C PRO F 44 6.50 -57.02 -26.10
N LYS F 45 5.22 -57.04 -26.48
CA LYS F 45 4.80 -56.82 -27.85
C LYS F 45 4.13 -55.46 -28.01
N LEU F 46 4.63 -54.68 -28.93
CA LEU F 46 4.11 -53.36 -29.19
C LEU F 46 2.69 -53.33 -29.73
N LEU F 47 1.78 -52.55 -29.13
CA LEU F 47 0.46 -52.46 -29.69
C LEU F 47 0.19 -51.13 -30.40
N ILE F 48 0.65 -50.02 -29.82
CA ILE F 48 0.33 -48.69 -30.34
C ILE F 48 1.50 -47.73 -30.64
N ILE F 49 1.38 -47.02 -31.76
CA ILE F 49 2.34 -46.02 -32.17
C ILE F 49 1.70 -44.64 -32.02
N GLY F 50 2.31 -43.75 -31.27
CA GLY F 50 1.78 -42.39 -31.20
C GLY F 50 0.46 -42.25 -30.45
N ALA F 51 0.23 -43.13 -29.49
CA ALA F 51 -0.97 -43.23 -28.68
C ALA F 51 -2.24 -43.56 -29.47
N SER F 52 -2.17 -43.85 -30.78
CA SER F 52 -3.41 -44.30 -31.41
C SER F 52 -3.24 -45.17 -32.67
N ASP F 53 -2.10 -45.12 -33.36
CA ASP F 53 -1.99 -45.94 -34.55
C ASP F 53 -1.69 -47.33 -34.11
N LEU F 54 -2.15 -48.34 -34.81
CA LEU F 54 -1.73 -49.66 -34.37
C LEU F 54 -0.44 -50.12 -34.97
N ALA F 55 0.29 -50.83 -34.15
CA ALA F 55 1.51 -51.46 -34.56
C ALA F 55 1.15 -52.50 -35.59
N SER F 56 1.99 -52.71 -36.58
CA SER F 56 1.67 -53.78 -37.49
C SER F 56 1.68 -55.10 -36.72
N GLY F 57 0.73 -55.97 -37.03
CA GLY F 57 0.70 -57.29 -36.38
C GLY F 57 -0.25 -57.44 -35.19
N VAL F 58 -1.16 -56.50 -34.95
CA VAL F 58 -2.09 -56.66 -33.84
C VAL F 58 -3.51 -56.54 -34.40
N PRO F 59 -4.51 -57.18 -33.80
CA PRO F 59 -5.89 -57.11 -34.19
C PRO F 59 -6.54 -55.80 -33.83
N SER F 60 -7.60 -55.46 -34.55
CA SER F 60 -8.41 -54.28 -34.27
C SER F 60 -9.36 -54.55 -33.12
N ARG F 61 -8.75 -54.78 -31.98
CA ARG F 61 -9.35 -55.03 -30.71
C ARG F 61 -8.75 -53.99 -29.84
N PHE F 62 -7.56 -53.59 -30.25
CA PHE F 62 -6.85 -52.65 -29.44
C PHE F 62 -7.06 -51.29 -30.04
N SER F 63 -7.36 -50.33 -29.21
CA SER F 63 -7.56 -48.97 -29.65
C SER F 63 -7.29 -48.01 -28.52
N GLY F 64 -6.92 -46.80 -28.84
CA GLY F 64 -6.71 -45.87 -27.76
C GLY F 64 -6.58 -44.45 -28.26
N SER F 65 -6.53 -43.54 -27.30
CA SER F 65 -6.45 -42.13 -27.60
C SER F 65 -6.06 -41.28 -26.42
N GLY F 66 -5.75 -40.03 -26.69
CA GLY F 66 -5.44 -39.04 -25.66
C GLY F 66 -4.64 -37.95 -26.29
N TYR F 67 -4.42 -36.86 -25.57
CA TYR F 67 -3.64 -35.79 -26.15
C TYR F 67 -2.89 -35.04 -25.09
N GLY F 68 -2.25 -35.75 -24.23
CA GLY F 68 -1.47 -35.11 -23.20
C GLY F 68 -2.12 -35.16 -21.88
N THR F 69 -1.32 -35.58 -20.92
CA THR F 69 -1.61 -35.79 -19.52
C THR F 69 -2.53 -37.00 -19.29
N GLU F 70 -3.29 -37.45 -20.29
CA GLU F 70 -4.08 -38.65 -20.09
C GLU F 70 -4.31 -39.41 -21.36
N PHE F 71 -4.03 -40.70 -21.30
CA PHE F 71 -4.18 -41.57 -22.44
C PHE F 71 -4.86 -42.85 -22.04
N THR F 72 -5.71 -43.40 -22.90
CA THR F 72 -6.32 -44.66 -22.55
C THR F 72 -6.19 -45.71 -23.63
N LEU F 73 -6.22 -46.95 -23.17
CA LEU F 73 -6.22 -48.14 -23.99
C LEU F 73 -7.47 -48.95 -23.76
N THR F 74 -8.17 -49.25 -24.82
CA THR F 74 -9.40 -50.03 -24.76
C THR F 74 -9.18 -51.35 -25.45
N ILE F 75 -9.55 -52.42 -24.77
CA ILE F 75 -9.38 -53.73 -25.36
C ILE F 75 -10.71 -54.42 -25.46
N SER F 76 -11.24 -54.54 -26.66
CA SER F 76 -12.56 -55.14 -26.82
C SER F 76 -12.45 -56.57 -27.30
N ASP F 77 -13.57 -57.32 -27.28
CA ASP F 77 -13.60 -58.69 -27.77
C ASP F 77 -12.52 -59.52 -27.10
N LEU F 78 -12.42 -59.40 -25.79
CA LEU F 78 -11.39 -60.10 -25.04
C LEU F 78 -11.42 -61.61 -25.08
N GLU F 79 -10.24 -62.21 -25.20
CA GLU F 79 -10.09 -63.67 -25.12
C GLU F 79 -9.18 -64.04 -23.99
N CYS F 80 -9.15 -65.30 -23.60
CA CYS F 80 -8.23 -65.72 -22.55
C CYS F 80 -6.78 -65.43 -22.97
N ALA F 81 -6.56 -65.45 -24.27
CA ALA F 81 -5.28 -65.18 -24.92
C ALA F 81 -4.77 -63.76 -24.64
N ASP F 82 -5.68 -62.85 -24.28
CA ASP F 82 -5.32 -61.47 -24.03
C ASP F 82 -4.95 -61.23 -22.58
N ALA F 83 -5.01 -62.26 -21.75
CA ALA F 83 -4.60 -62.00 -20.40
C ALA F 83 -3.13 -61.62 -20.45
N ALA F 84 -2.80 -60.48 -19.87
CA ALA F 84 -1.43 -59.96 -19.94
C ALA F 84 -1.26 -58.73 -19.06
N THR F 85 -0.01 -58.31 -18.90
CA THR F 85 0.30 -57.05 -18.24
C THR F 85 0.40 -55.99 -19.33
N TYR F 86 -0.20 -54.84 -19.14
CA TYR F 86 -0.11 -53.80 -20.17
C TYR F 86 0.66 -52.59 -19.68
N PHE F 87 1.59 -52.15 -20.53
CA PHE F 87 2.51 -51.04 -20.28
C PHE F 87 2.03 -49.69 -20.75
N CYS F 88 2.67 -48.66 -20.24
CA CYS F 88 2.47 -47.28 -20.65
C CYS F 88 3.80 -46.57 -20.56
N GLN F 89 4.22 -45.82 -21.57
CA GLN F 89 5.51 -45.12 -21.49
C GLN F 89 5.61 -43.94 -22.40
N SER F 90 6.50 -43.00 -22.04
CA SER F 90 6.79 -41.79 -22.83
C SER F 90 8.08 -41.87 -23.63
N ALA F 91 9.05 -42.61 -23.12
CA ALA F 91 10.34 -42.87 -23.75
C ALA F 91 11.22 -41.68 -24.27
N TYR F 92 11.49 -40.61 -23.53
CA TYR F 92 12.41 -39.56 -24.03
C TYR F 92 13.88 -39.78 -23.67
N ASN F 93 14.81 -39.58 -24.61
CA ASN F 93 16.23 -39.66 -24.25
C ASN F 93 16.83 -38.28 -24.15
N GLY F 94 17.30 -37.95 -22.98
CA GLY F 94 17.81 -36.62 -22.72
C GLY F 94 17.66 -36.40 -21.25
N ASP F 95 17.36 -35.20 -20.83
CA ASP F 95 17.25 -34.95 -19.41
C ASP F 95 15.93 -35.46 -18.83
N GLY F 96 14.79 -35.05 -19.40
CA GLY F 96 13.46 -35.44 -18.88
C GLY F 96 13.08 -36.80 -19.44
N ASP F 97 13.87 -37.78 -19.05
CA ASP F 97 13.93 -39.08 -19.67
C ASP F 97 12.93 -40.19 -19.39
N ASN F 98 13.26 -41.37 -19.95
CA ASN F 98 12.41 -42.55 -19.98
C ASN F 98 11.70 -42.85 -18.69
N ALA F 99 10.42 -43.15 -18.86
CA ALA F 99 9.52 -43.48 -17.80
C ALA F 99 8.49 -44.49 -18.29
N PHE F 100 8.19 -45.43 -17.44
CA PHE F 100 7.21 -46.47 -17.70
C PHE F 100 6.21 -46.48 -16.57
N GLY F 101 5.01 -46.95 -16.85
CA GLY F 101 4.03 -47.09 -15.79
C GLY F 101 4.23 -48.41 -15.05
N GLY F 102 3.50 -48.57 -13.95
CA GLY F 102 3.57 -49.79 -13.15
C GLY F 102 3.13 -51.03 -13.92
N GLY F 103 2.19 -50.83 -14.82
CA GLY F 103 1.61 -51.89 -15.60
C GLY F 103 0.33 -52.35 -14.93
N THR F 104 -0.65 -52.74 -15.72
CA THR F 104 -1.91 -53.23 -15.16
C THR F 104 -2.15 -54.61 -15.70
N GLU F 105 -2.91 -55.42 -14.98
CA GLU F 105 -3.20 -56.77 -15.43
C GLU F 105 -4.63 -57.01 -15.87
N VAL F 106 -4.76 -57.64 -17.01
CA VAL F 106 -6.08 -57.99 -17.53
C VAL F 106 -6.25 -59.48 -17.46
N VAL F 107 -7.33 -59.90 -16.81
CA VAL F 107 -7.65 -61.31 -16.66
C VAL F 107 -8.90 -61.62 -17.45
N VAL F 108 -8.85 -62.64 -18.30
CA VAL F 108 -10.00 -62.97 -19.10
C VAL F 108 -10.29 -64.45 -19.02
N VAL G 30 33.37 32.99 -20.14
CA VAL G 30 32.38 32.16 -19.49
C VAL G 30 32.84 31.67 -18.11
N THR G 31 32.14 32.17 -17.09
CA THR G 31 32.42 31.82 -15.71
C THR G 31 31.18 31.20 -15.08
N VAL G 32 31.37 30.09 -14.35
CA VAL G 32 30.24 29.36 -13.78
C VAL G 32 30.10 29.49 -12.27
N TYR G 33 28.88 29.80 -11.83
CA TYR G 33 28.59 29.99 -10.42
C TYR G 33 27.53 29.03 -9.85
N TYR G 34 27.92 28.26 -8.85
CA TYR G 34 26.99 27.34 -8.26
C TYR G 34 26.59 27.80 -6.90
N GLY G 35 25.29 27.90 -6.68
CA GLY G 35 24.76 28.42 -5.43
C GLY G 35 24.13 29.79 -5.65
N VAL G 36 23.92 30.15 -6.91
CA VAL G 36 23.32 31.42 -7.25
C VAL G 36 21.87 31.51 -6.75
N PRO G 37 21.48 32.56 -5.99
CA PRO G 37 20.18 32.75 -5.36
C PRO G 37 19.04 33.19 -6.27
N VAL G 38 18.66 32.32 -7.19
CA VAL G 38 17.57 32.59 -8.12
C VAL G 38 16.55 31.49 -8.12
N TRP G 39 15.36 31.79 -8.61
CA TRP G 39 14.30 30.80 -8.66
C TRP G 39 13.31 31.00 -9.76
N LYS G 40 12.54 29.95 -9.98
CA LYS G 40 11.44 29.90 -10.93
C LYS G 40 10.19 29.35 -10.26
N ASP G 41 9.03 29.78 -10.70
CA ASP G 41 7.81 29.26 -10.14
C ASP G 41 7.73 27.77 -10.36
N ALA G 42 7.23 27.02 -9.38
CA ALA G 42 7.14 25.58 -9.58
C ALA G 42 6.12 24.94 -8.69
N GLU G 43 5.66 23.76 -9.08
CA GLU G 43 4.72 23.02 -8.26
C GLU G 43 5.32 21.73 -7.76
N THR G 44 5.19 21.50 -6.46
CA THR G 44 5.68 20.28 -5.86
C THR G 44 4.82 19.89 -4.69
N THR G 45 5.18 18.79 -4.05
CA THR G 45 4.46 18.24 -2.91
C THR G 45 4.88 18.92 -1.65
N LEU G 46 3.94 19.42 -0.89
CA LEU G 46 4.30 20.01 0.39
C LEU G 46 3.95 19.03 1.47
N PHE G 47 4.69 19.07 2.56
CA PHE G 47 4.39 18.13 3.64
C PHE G 47 3.75 18.75 4.83
N CYS G 48 2.74 18.08 5.34
CA CYS G 48 2.09 18.58 6.51
C CYS G 48 2.98 18.43 7.72
N ALA G 49 2.87 19.38 8.61
CA ALA G 49 3.60 19.33 9.86
C ALA G 49 2.74 19.92 10.97
N SER G 50 3.00 19.52 12.20
CA SER G 50 2.23 20.04 13.34
C SER G 50 3.09 20.36 14.54
N HIS G 60 -7.92 11.03 18.96
CA HIS G 60 -7.44 11.48 17.66
C HIS G 60 -8.52 12.14 16.84
N ASN G 61 -8.09 13.07 15.99
CA ASN G 61 -8.96 13.74 15.07
C ASN G 61 -9.03 13.02 13.75
N VAL G 62 -9.97 13.41 12.90
CA VAL G 62 -10.04 12.77 11.60
C VAL G 62 -8.87 13.22 10.73
N TRP G 63 -8.37 14.42 10.94
CA TRP G 63 -7.20 14.87 10.20
C TRP G 63 -6.04 14.45 11.06
N ALA G 64 -5.88 13.15 11.20
CA ALA G 64 -4.94 12.59 12.13
C ALA G 64 -3.57 13.12 11.89
N THR G 65 -2.89 13.39 12.98
CA THR G 65 -1.54 13.89 12.95
C THR G 65 -0.54 12.77 13.18
N HIS G 66 -1.03 11.53 13.15
CA HIS G 66 -0.14 10.40 13.28
C HIS G 66 0.82 10.50 12.10
N ALA G 67 0.25 10.57 10.90
CA ALA G 67 1.05 10.72 9.70
C ALA G 67 1.38 12.18 9.47
N CYS G 68 2.21 12.76 10.33
CA CYS G 68 2.53 14.18 10.30
C CYS G 68 3.84 14.47 10.98
N VAL G 69 4.64 15.35 10.37
CA VAL G 69 5.94 15.71 10.89
C VAL G 69 5.85 16.75 12.00
N PRO G 70 6.51 16.60 13.16
CA PRO G 70 6.57 17.62 14.20
C PRO G 70 7.18 18.90 13.65
N THR G 71 6.68 20.06 14.06
CA THR G 71 7.30 21.29 13.58
C THR G 71 8.46 21.76 14.40
N ASP G 72 9.40 22.37 13.71
CA ASP G 72 10.52 23.04 14.30
C ASP G 72 9.96 24.31 14.94
N PRO G 73 10.23 24.61 16.21
CA PRO G 73 9.73 25.77 16.92
C PRO G 73 10.23 27.10 16.37
N ASN G 74 11.31 27.10 15.58
CA ASN G 74 11.88 28.33 15.06
C ASN G 74 11.33 28.72 13.68
N PRO G 75 10.48 29.76 13.56
CA PRO G 75 9.85 30.19 12.34
C PRO G 75 10.86 30.97 11.53
N GLN G 76 11.84 30.27 11.01
CA GLN G 76 12.91 30.92 10.30
C GLN G 76 12.33 31.71 9.15
N GLU G 77 12.68 32.98 9.08
CA GLU G 77 12.19 33.86 8.04
C GLU G 77 13.22 34.89 7.64
N ILE G 78 13.38 35.08 6.32
CA ILE G 78 14.32 36.04 5.78
C ILE G 78 13.68 37.07 4.89
N HIS G 79 13.63 38.31 5.30
CA HIS G 79 13.03 39.30 4.42
C HIS G 79 13.94 39.50 3.22
N LEU G 80 13.35 39.63 2.02
CA LEU G 80 14.13 39.85 0.83
C LEU G 80 14.10 41.33 0.49
N GLU G 81 15.18 42.00 0.88
CA GLU G 81 15.28 43.46 0.87
C GLU G 81 14.77 44.19 -0.37
N ASN G 82 15.11 43.70 -1.56
CA ASN G 82 14.69 44.39 -2.76
C ASN G 82 13.99 43.47 -3.74
N VAL G 83 13.14 42.57 -3.26
CA VAL G 83 12.49 41.66 -4.18
C VAL G 83 10.98 41.87 -4.31
N THR G 84 10.53 42.00 -5.56
CA THR G 84 9.09 42.15 -5.86
C THR G 84 8.63 40.97 -6.69
N GLU G 85 7.65 40.23 -6.17
CA GLU G 85 7.16 39.03 -6.84
C GLU G 85 5.68 39.06 -7.10
N GLU G 86 5.27 38.45 -8.19
CA GLU G 86 3.85 38.35 -8.46
C GLU G 86 3.22 37.12 -7.84
N PHE G 87 2.18 37.38 -7.08
CA PHE G 87 1.41 36.37 -6.40
C PHE G 87 0.05 36.30 -7.08
N ASN G 88 -0.56 35.13 -7.07
CA ASN G 88 -1.89 34.99 -7.66
C ASN G 88 -2.73 34.02 -6.87
N MET G 89 -3.57 34.56 -6.02
CA MET G 89 -4.40 33.79 -5.12
C MET G 89 -5.30 32.78 -5.80
N TRP G 90 -5.64 33.02 -7.05
CA TRP G 90 -6.59 32.17 -7.73
C TRP G 90 -5.97 31.03 -8.51
N LYS G 91 -4.65 31.02 -8.64
CA LYS G 91 -3.98 30.00 -9.44
C LYS G 91 -3.03 29.21 -8.57
N ASN G 92 -3.16 29.38 -7.28
CA ASN G 92 -2.31 28.79 -6.28
C ASN G 92 -2.61 27.32 -6.05
N ASN G 93 -1.72 26.43 -6.48
CA ASN G 93 -1.98 25.00 -6.37
C ASN G 93 -1.78 24.50 -4.95
N MET G 94 -1.38 25.37 -4.05
CA MET G 94 -1.25 24.94 -2.68
C MET G 94 -2.64 24.62 -2.18
N VAL G 95 -3.64 25.31 -2.74
CA VAL G 95 -5.01 25.14 -2.32
C VAL G 95 -5.48 23.78 -2.73
N GLU G 96 -5.15 23.40 -3.95
CA GLU G 96 -5.60 22.13 -4.44
C GLU G 96 -4.99 21.00 -3.64
N GLN G 97 -3.72 21.09 -3.26
CA GLN G 97 -3.22 19.99 -2.45
C GLN G 97 -3.89 19.94 -1.12
N MET G 98 -4.14 21.09 -0.51
CA MET G 98 -4.79 21.03 0.78
C MET G 98 -6.13 20.33 0.65
N HIS G 99 -6.87 20.65 -0.38
CA HIS G 99 -8.15 20.01 -0.59
C HIS G 99 -8.04 18.51 -0.72
N THR G 100 -7.17 18.02 -1.59
CA THR G 100 -7.16 16.58 -1.75
C THR G 100 -6.56 15.87 -0.54
N ASP G 101 -5.63 16.48 0.17
CA ASP G 101 -5.10 15.81 1.33
C ASP G 101 -6.17 15.67 2.38
N ILE G 102 -6.99 16.70 2.53
CA ILE G 102 -8.05 16.63 3.50
C ILE G 102 -9.05 15.56 3.18
N ILE G 103 -9.45 15.45 1.93
CA ILE G 103 -10.40 14.42 1.63
C ILE G 103 -9.80 13.07 1.95
N SER G 104 -8.56 12.83 1.57
CA SER G 104 -7.95 11.56 1.86
C SER G 104 -7.92 11.29 3.36
N LEU G 105 -7.52 12.26 4.15
CA LEU G 105 -7.49 12.03 5.59
C LEU G 105 -8.87 11.73 6.13
N TRP G 106 -9.87 12.46 5.65
CA TRP G 106 -11.21 12.23 6.08
C TRP G 106 -11.59 10.79 5.80
N ASP G 107 -11.41 10.35 4.56
CA ASP G 107 -11.78 8.99 4.23
C ASP G 107 -11.04 7.96 5.02
N GLN G 108 -9.75 8.16 5.26
CA GLN G 108 -9.02 7.16 6.01
C GLN G 108 -9.56 7.04 7.42
N SER G 109 -10.00 8.13 8.01
CA SER G 109 -10.48 8.08 9.36
C SER G 109 -11.76 7.27 9.51
N LEU G 110 -12.48 7.04 8.41
CA LEU G 110 -13.72 6.30 8.51
C LEU G 110 -13.53 4.86 8.10
N LYS G 111 -12.31 4.52 7.71
CA LYS G 111 -11.99 3.21 7.25
C LYS G 111 -12.35 2.08 8.22
N PRO G 112 -12.09 2.18 9.54
CA PRO G 112 -12.39 1.14 10.50
C PRO G 112 -13.78 1.23 11.09
N CYS G 113 -14.64 2.09 10.58
CA CYS G 113 -15.90 2.29 11.27
C CYS G 113 -16.97 1.33 10.77
N VAL G 114 -17.98 1.08 11.59
CA VAL G 114 -19.05 0.17 11.22
C VAL G 114 -19.90 0.62 10.06
N LYS G 115 -20.06 -0.25 9.07
CA LYS G 115 -20.87 0.08 7.93
C LYS G 115 -22.28 -0.39 8.19
N LEU G 116 -23.18 0.55 8.22
CA LEU G 116 -24.54 0.29 8.58
C LEU G 116 -25.40 -0.23 7.46
N THR G 117 -25.20 -1.49 7.13
CA THR G 117 -26.01 -2.08 6.07
C THR G 117 -27.30 -2.71 6.65
N PRO G 118 -27.31 -3.27 7.89
CA PRO G 118 -28.47 -3.86 8.53
C PRO G 118 -29.63 -2.93 8.73
N LEU G 119 -29.40 -1.61 8.66
CA LEU G 119 -30.48 -0.68 8.91
C LEU G 119 -31.34 -0.39 7.72
N CYS G 120 -31.04 -0.97 6.57
CA CYS G 120 -31.89 -0.72 5.43
C CYS G 120 -33.13 -1.60 5.48
N VAL G 121 -34.04 -1.18 6.33
CA VAL G 121 -35.27 -1.90 6.63
C VAL G 121 -36.46 -1.00 6.57
N THR G 122 -37.65 -1.57 6.55
CA THR G 122 -38.80 -0.73 6.68
C THR G 122 -38.97 -0.30 8.11
N LEU G 123 -39.15 0.98 8.30
CA LEU G 123 -39.39 1.52 9.61
C LEU G 123 -40.87 1.74 9.72
N GLN G 124 -41.44 1.47 10.87
CA GLN G 124 -42.86 1.72 11.11
C GLN G 124 -42.96 2.84 12.10
N CYS G 125 -43.44 4.01 11.68
CA CYS G 125 -43.37 5.05 12.68
C CYS G 125 -44.31 6.24 12.57
N THR G 126 -44.32 6.96 13.70
CA THR G 126 -45.14 8.12 14.00
C THR G 126 -44.31 9.27 14.49
N ASN G 127 -44.96 10.35 14.86
CA ASN G 127 -44.26 11.49 15.43
C ASN G 127 -43.96 11.20 16.89
N VAL G 128 -43.37 12.17 17.57
CA VAL G 128 -42.96 11.99 18.95
C VAL G 128 -43.93 12.63 19.89
N THR G 129 -44.06 12.07 21.08
CA THR G 129 -44.96 12.67 22.05
C THR G 129 -44.17 13.37 23.14
N ASN G 130 -44.37 14.67 23.21
CA ASN G 130 -43.68 15.50 24.18
C ASN G 130 -44.26 16.89 24.17
N ASN G 131 -43.73 17.74 25.01
CA ASN G 131 -44.10 19.13 25.02
C ASN G 131 -43.24 19.79 23.98
N ILE G 132 -43.83 20.17 22.87
CA ILE G 132 -43.02 20.67 21.78
C ILE G 132 -43.32 22.12 21.49
N THR G 133 -42.34 22.80 20.98
CA THR G 133 -42.54 24.13 20.46
C THR G 133 -43.54 23.97 19.35
N ASP G 134 -44.57 24.81 19.33
CA ASP G 134 -45.65 24.74 18.35
C ASP G 134 -45.20 24.82 16.90
N ASP G 135 -44.08 25.46 16.66
CA ASP G 135 -43.59 25.62 15.31
C ASP G 135 -42.79 24.41 14.87
N MET G 136 -42.13 23.74 15.81
CA MET G 136 -41.24 22.66 15.47
C MET G 136 -42.01 21.37 15.37
N ARG G 137 -42.71 21.22 14.29
CA ARG G 137 -43.56 20.06 14.12
C ARG G 137 -43.12 19.22 12.98
N GLY G 138 -43.19 17.92 13.18
CA GLY G 138 -42.85 16.97 12.14
C GLY G 138 -41.35 16.75 12.04
N GLU G 139 -40.57 17.43 12.88
CA GLU G 139 -39.13 17.31 12.80
C GLU G 139 -38.63 15.98 13.26
N LEU G 140 -39.31 15.40 14.23
CA LEU G 140 -38.83 14.14 14.76
C LEU G 140 -39.81 13.01 14.58
N LYS G 141 -39.27 11.86 14.26
CA LYS G 141 -40.05 10.65 14.16
C LYS G 141 -39.58 9.64 15.16
N ASN G 142 -40.52 8.92 15.69
CA ASN G 142 -40.26 7.84 16.63
C ASN G 142 -40.40 6.50 15.94
N CYS G 143 -39.28 5.90 15.53
CA CYS G 143 -39.45 4.72 14.71
C CYS G 143 -38.95 3.41 15.25
N SER G 144 -39.74 2.36 15.00
CA SER G 144 -39.37 1.01 15.40
C SER G 144 -39.08 0.12 14.21
N PHE G 145 -38.26 -0.90 14.43
CA PHE G 145 -37.87 -1.82 13.37
C PHE G 145 -37.30 -3.18 13.82
N ASN G 146 -37.22 -4.12 12.86
CA ASN G 146 -36.64 -5.43 13.08
C ASN G 146 -35.14 -5.41 12.88
N MET G 147 -34.41 -5.39 13.96
CA MET G 147 -32.97 -5.28 13.94
C MET G 147 -32.27 -6.63 14.14
N THR G 148 -31.08 -6.79 13.60
CA THR G 148 -30.30 -8.01 13.79
C THR G 148 -29.66 -8.03 15.16
N THR G 149 -29.14 -9.18 15.57
CA THR G 149 -28.43 -9.31 16.85
C THR G 149 -27.10 -9.96 16.59
N GLU G 150 -26.32 -10.18 17.65
CA GLU G 150 -25.02 -10.83 17.51
C GLU G 150 -25.14 -12.28 17.03
N LEU G 151 -26.34 -12.86 17.11
CA LEU G 151 -26.49 -14.21 16.62
C LEU G 151 -27.30 -14.15 15.35
N ARG G 152 -26.84 -14.89 14.36
CA ARG G 152 -27.47 -14.94 13.07
C ARG G 152 -28.93 -15.35 13.12
N ASP G 153 -29.27 -16.28 14.00
CA ASP G 153 -30.61 -16.81 14.11
C ASP G 153 -31.58 -16.01 15.00
N LYS G 154 -31.17 -14.85 15.54
CA LYS G 154 -32.11 -14.10 16.38
C LYS G 154 -32.21 -12.63 16.01
N LYS G 155 -33.45 -12.14 16.05
CA LYS G 155 -33.77 -10.75 15.78
C LYS G 155 -34.24 -10.06 17.05
N GLN G 156 -34.22 -8.74 17.05
CA GLN G 156 -34.70 -7.95 18.18
C GLN G 156 -35.54 -6.79 17.69
N LYS G 157 -36.46 -6.31 18.51
CA LYS G 157 -37.25 -5.16 18.12
C LYS G 157 -36.77 -3.94 18.87
N VAL G 158 -36.36 -2.94 18.13
CA VAL G 158 -35.78 -1.73 18.71
C VAL G 158 -36.38 -0.48 18.13
N TYR G 159 -36.08 0.66 18.73
CA TYR G 159 -36.53 1.91 18.15
C TYR G 159 -35.49 2.98 18.35
N SER G 160 -35.61 4.05 17.58
CA SER G 160 -34.71 5.19 17.67
C SER G 160 -35.41 6.44 17.16
N LEU G 161 -35.06 7.59 17.68
CA LEU G 161 -35.65 8.78 17.11
C LEU G 161 -34.81 9.21 15.92
N PHE G 162 -35.48 9.74 14.91
CA PHE G 162 -34.82 10.23 13.70
C PHE G 162 -35.28 11.60 13.31
N TYR G 163 -34.46 12.33 12.58
CA TYR G 163 -34.89 13.62 12.08
C TYR G 163 -35.61 13.39 10.79
N ARG G 164 -36.60 14.19 10.52
CA ARG G 164 -37.35 14.07 9.30
C ARG G 164 -36.48 14.10 8.06
N LEU G 165 -35.43 14.91 8.09
CA LEU G 165 -34.53 15.06 6.97
C LEU G 165 -33.82 13.78 6.56
N ASP G 166 -33.70 12.82 7.48
CA ASP G 166 -32.99 11.61 7.21
C ASP G 166 -33.87 10.45 6.73
N VAL G 167 -35.19 10.65 6.61
CA VAL G 167 -36.05 9.53 6.20
C VAL G 167 -36.96 9.87 5.03
N VAL G 168 -37.39 8.82 4.37
CA VAL G 168 -38.27 8.90 3.22
C VAL G 168 -39.55 8.14 3.43
N GLN G 169 -40.68 8.73 3.14
CA GLN G 169 -41.90 7.95 3.27
C GLN G 169 -42.04 7.08 2.05
N ILE G 170 -42.34 5.82 2.28
CA ILE G 170 -42.50 4.86 1.21
C ILE G 170 -43.82 4.14 1.33
N ASN G 171 -44.22 3.41 0.30
CA ASN G 171 -45.45 2.64 0.38
C ASN G 171 -45.16 1.16 0.56
N ASN G 182 -48.74 3.12 5.14
CA ASN G 182 -49.32 4.13 6.00
C ASN G 182 -48.23 4.86 6.75
N LYS G 183 -47.50 4.07 7.52
CA LYS G 183 -46.42 4.52 8.37
C LYS G 183 -45.07 3.99 7.94
N GLU G 184 -44.97 3.53 6.70
CA GLU G 184 -43.71 2.96 6.23
C GLU G 184 -42.70 4.02 5.82
N TYR G 185 -41.52 3.96 6.40
CA TYR G 185 -40.41 4.85 6.09
C TYR G 185 -39.14 4.09 5.90
N ARG G 186 -38.16 4.71 5.28
CA ARG G 186 -36.85 4.10 5.20
C ARG G 186 -35.78 5.15 5.32
N LEU G 187 -34.56 4.74 5.61
CA LEU G 187 -33.51 5.73 5.62
C LEU G 187 -33.26 6.18 4.22
N ILE G 188 -33.05 7.46 4.07
CA ILE G 188 -32.81 8.00 2.75
C ILE G 188 -31.58 7.48 2.03
N ASN G 189 -30.52 7.09 2.74
CA ASN G 189 -29.35 6.65 2.02
C ASN G 189 -29.42 5.23 1.50
N CYS G 190 -30.46 4.47 1.82
CA CYS G 190 -30.49 3.09 1.36
C CYS G 190 -30.84 3.04 -0.10
N ASN G 191 -31.21 4.17 -0.62
CA ASN G 191 -31.54 4.31 -2.02
C ASN G 191 -30.28 4.14 -2.87
N THR G 192 -29.14 4.61 -2.36
CA THR G 192 -27.92 4.59 -3.15
C THR G 192 -26.71 3.95 -2.52
N SER G 193 -26.53 4.07 -1.20
CA SER G 193 -25.33 3.51 -0.61
C SER G 193 -25.44 3.37 0.90
N ALA G 194 -25.19 2.18 1.42
CA ALA G 194 -25.17 2.03 2.87
C ALA G 194 -24.02 2.87 3.38
N CYS G 195 -24.15 3.47 4.55
CA CYS G 195 -23.08 4.33 5.02
C CYS G 195 -22.49 3.94 6.36
N THR G 196 -21.23 4.28 6.52
CA THR G 196 -20.54 4.10 7.77
C THR G 196 -20.85 5.14 8.79
N GLN G 197 -20.99 4.73 10.03
CA GLN G 197 -21.17 5.72 11.04
C GLN G 197 -19.84 6.29 11.37
N ALA G 198 -19.80 7.53 11.79
CA ALA G 198 -18.55 8.05 12.26
C ALA G 198 -18.13 7.27 13.46
N CYS G 199 -16.87 6.95 13.58
CA CYS G 199 -16.46 6.27 14.77
C CYS G 199 -16.73 7.20 15.95
N PRO G 200 -17.33 6.72 17.04
CA PRO G 200 -17.70 7.46 18.22
C PRO G 200 -16.50 7.99 18.98
N LYS G 201 -15.32 7.47 18.64
CA LYS G 201 -14.09 7.84 19.29
C LYS G 201 -13.23 8.80 18.50
N VAL G 202 -13.72 9.39 17.41
CA VAL G 202 -12.83 10.32 16.70
C VAL G 202 -13.42 11.71 16.71
N SER G 203 -12.52 12.67 16.74
CA SER G 203 -12.89 14.06 16.78
C SER G 203 -12.90 14.76 15.44
N PHE G 204 -13.78 15.72 15.31
CA PHE G 204 -13.84 16.54 14.12
C PHE G 204 -13.27 17.91 14.36
N GLU G 205 -12.49 18.06 15.41
CA GLU G 205 -11.86 19.34 15.69
C GLU G 205 -10.81 19.65 14.63
N PRO G 206 -10.89 20.80 13.95
CA PRO G 206 -10.02 21.22 12.87
C PRO G 206 -8.69 21.74 13.38
N ILE G 207 -7.87 20.84 13.89
CA ILE G 207 -6.56 21.16 14.42
C ILE G 207 -5.68 21.60 13.26
N PRO G 208 -5.02 22.76 13.32
CA PRO G 208 -4.24 23.32 12.25
C PRO G 208 -2.99 22.57 11.94
N ILE G 209 -2.63 22.63 10.68
CA ILE G 209 -1.41 22.05 10.17
C ILE G 209 -0.61 23.08 9.41
N HIS G 210 0.65 22.79 9.18
CA HIS G 210 1.51 23.71 8.47
C HIS G 210 2.00 23.00 7.22
N TYR G 211 2.25 23.73 6.13
CA TYR G 211 2.81 23.09 4.94
C TYR G 211 4.22 23.48 4.71
N CYS G 212 5.10 22.50 4.76
CA CYS G 212 6.53 22.78 4.66
C CYS G 212 7.09 22.38 3.32
N ALA G 213 8.02 23.20 2.80
CA ALA G 213 8.66 22.91 1.52
C ALA G 213 9.74 21.84 1.64
N PRO G 214 9.94 21.00 0.61
CA PRO G 214 11.00 20.03 0.48
C PRO G 214 12.31 20.74 0.12
N ALA G 215 13.43 20.05 0.28
CA ALA G 215 14.71 20.63 -0.08
C ALA G 215 14.71 21.03 -1.54
N GLY G 216 15.37 22.14 -1.83
CA GLY G 216 15.44 22.65 -3.19
C GLY G 216 14.32 23.62 -3.54
N PHE G 217 13.34 23.73 -2.65
CA PHE G 217 12.17 24.59 -2.82
C PHE G 217 12.02 25.55 -1.67
N ALA G 218 11.26 26.59 -1.90
CA ALA G 218 11.03 27.57 -0.85
C ALA G 218 9.66 28.18 -0.95
N ILE G 219 9.17 28.72 0.14
CA ILE G 219 7.89 29.38 0.11
C ILE G 219 8.08 30.86 0.22
N LEU G 220 7.52 31.61 -0.69
CA LEU G 220 7.63 33.03 -0.63
C LEU G 220 6.39 33.54 0.03
N LYS G 221 6.54 34.59 0.82
CA LYS G 221 5.41 35.14 1.53
C LYS G 221 5.22 36.62 1.30
N CYS G 222 4.01 37.01 0.93
CA CYS G 222 3.70 38.41 0.67
C CYS G 222 3.30 39.15 1.94
N LYS G 223 4.02 40.23 2.26
CA LYS G 223 3.73 41.04 3.44
C LYS G 223 3.01 42.34 3.14
N ASP G 224 2.56 42.51 1.92
CA ASP G 224 1.88 43.74 1.57
C ASP G 224 0.45 43.71 2.10
N LYS G 225 0.22 44.55 3.09
CA LYS G 225 -1.03 44.65 3.80
C LYS G 225 -2.21 45.06 2.94
N LYS G 226 -1.92 45.67 1.80
CA LYS G 226 -2.97 46.14 0.92
C LYS G 226 -3.11 45.24 -0.29
N PHE G 227 -2.47 44.08 -0.26
CA PHE G 227 -2.52 43.21 -1.41
C PHE G 227 -3.85 42.51 -1.63
N ASN G 228 -4.38 42.68 -2.82
CA ASN G 228 -5.63 42.04 -3.22
C ASN G 228 -5.30 40.68 -3.84
N GLY G 229 -6.20 40.04 -4.53
CA GLY G 229 -5.85 38.68 -4.95
C GLY G 229 -4.61 38.54 -5.85
N THR G 230 -4.36 39.49 -6.75
CA THR G 230 -3.23 39.29 -7.64
C THR G 230 -2.33 40.50 -7.83
N GLY G 231 -1.19 40.23 -8.46
CA GLY G 231 -0.24 41.26 -8.86
C GLY G 231 1.05 41.25 -8.05
N PRO G 232 1.98 42.17 -8.35
CA PRO G 232 3.29 42.30 -7.77
C PRO G 232 3.27 42.78 -6.33
N CYS G 233 3.73 41.93 -5.44
CA CYS G 233 3.81 42.23 -4.03
C CYS G 233 5.17 42.86 -3.75
N PRO G 234 5.26 44.13 -3.31
CA PRO G 234 6.47 44.91 -3.06
C PRO G 234 7.31 44.48 -1.86
N SER G 235 6.77 43.66 -0.98
CA SER G 235 7.53 43.26 0.18
C SER G 235 7.38 41.78 0.31
N VAL G 236 8.45 41.08 -0.02
CA VAL G 236 8.43 39.64 -0.10
C VAL G 236 9.43 39.06 0.86
N SER G 237 9.01 38.04 1.56
CA SER G 237 9.89 37.35 2.47
C SER G 237 9.90 35.90 2.12
N THR G 238 10.56 35.12 2.93
CA THR G 238 10.57 33.70 2.64
C THR G 238 10.64 32.86 3.87
N VAL G 239 9.92 31.77 3.82
CA VAL G 239 9.82 30.87 4.94
C VAL G 239 10.01 29.42 4.56
N GLN G 240 10.42 28.65 5.55
CA GLN G 240 10.52 27.22 5.39
C GLN G 240 9.16 26.55 5.34
N CYS G 241 8.21 27.11 6.10
CA CYS G 241 6.93 26.47 6.27
C CYS G 241 5.86 27.52 6.57
N THR G 242 4.63 27.29 6.10
CA THR G 242 3.52 28.25 6.29
C THR G 242 3.04 28.26 7.70
N HIS G 243 2.19 29.24 8.02
CA HIS G 243 1.59 29.28 9.34
C HIS G 243 0.62 28.13 9.45
N GLY G 244 0.16 27.86 10.66
CA GLY G 244 -0.80 26.79 10.81
C GLY G 244 -2.16 27.20 10.27
N ILE G 245 -2.76 26.35 9.46
CA ILE G 245 -4.06 26.61 8.88
C ILE G 245 -5.07 25.58 9.31
N LYS G 246 -6.17 26.04 9.85
CA LYS G 246 -7.21 25.13 10.30
C LYS G 246 -8.08 24.69 9.14
N PRO G 247 -8.34 23.39 8.97
CA PRO G 247 -9.19 22.84 7.94
C PRO G 247 -10.64 22.99 8.32
N VAL G 248 -11.09 24.22 8.43
CA VAL G 248 -12.47 24.46 8.81
C VAL G 248 -13.32 24.32 7.57
N VAL G 249 -14.39 23.58 7.67
CA VAL G 249 -15.27 23.40 6.55
C VAL G 249 -16.59 24.06 6.88
N SER G 250 -17.00 24.99 6.04
CA SER G 250 -18.23 25.75 6.23
C SER G 250 -18.71 26.35 4.93
N THR G 251 -19.91 26.91 4.97
CA THR G 251 -20.38 27.63 3.80
C THR G 251 -21.14 28.87 4.16
N GLN G 252 -21.06 29.81 3.24
CA GLN G 252 -21.59 31.19 3.19
C GLN G 252 -20.91 32.15 4.14
N LEU G 253 -20.31 31.66 5.20
CA LEU G 253 -19.55 32.48 6.12
C LEU G 253 -18.27 31.76 6.45
N LEU G 254 -17.22 32.52 6.61
CA LEU G 254 -15.92 31.97 6.90
C LEU G 254 -15.69 32.00 8.40
N LEU G 255 -15.48 30.83 8.98
CA LEU G 255 -15.37 30.73 10.43
C LEU G 255 -13.99 30.46 10.96
N ASN G 256 -13.62 31.20 12.00
CA ASN G 256 -12.37 31.06 12.72
C ASN G 256 -11.13 31.23 11.85
N GLY G 257 -11.19 32.12 10.88
CA GLY G 257 -10.02 32.33 10.03
C GLY G 257 -9.20 33.51 10.52
N SER G 258 -8.27 33.97 9.70
CA SER G 258 -7.46 35.11 10.07
C SER G 258 -8.23 36.38 9.75
N LEU G 259 -7.90 37.45 10.45
CA LEU G 259 -8.48 38.76 10.16
C LEU G 259 -7.59 39.57 9.27
N ALA G 260 -8.23 40.51 8.59
CA ALA G 260 -7.60 41.46 7.72
C ALA G 260 -6.89 42.51 8.53
N GLU G 261 -6.07 43.27 7.83
CA GLU G 261 -5.36 44.40 8.36
C GLU G 261 -6.44 45.45 8.56
N GLU G 262 -6.11 46.67 8.88
CA GLU G 262 -7.14 47.63 9.25
C GLU G 262 -8.34 47.84 8.28
N GLU G 263 -8.27 47.42 7.03
CA GLU G 263 -9.41 47.59 6.12
C GLU G 263 -10.03 46.26 5.74
N VAL G 264 -11.33 46.28 5.55
CA VAL G 264 -11.96 45.09 5.04
C VAL G 264 -11.43 44.91 3.63
N MET G 265 -10.97 43.72 3.31
CA MET G 265 -10.41 43.48 1.99
C MET G 265 -11.37 42.73 1.11
N ILE G 266 -11.42 43.14 -0.14
CA ILE G 266 -12.27 42.47 -1.09
C ILE G 266 -11.46 41.89 -2.21
N ARG G 267 -11.59 40.60 -2.41
CA ARG G 267 -10.78 39.96 -3.41
C ARG G 267 -11.64 39.18 -4.38
N SER G 268 -11.28 39.25 -5.64
CA SER G 268 -12.02 38.54 -6.68
C SER G 268 -11.11 38.27 -7.85
N GLU G 269 -11.34 37.18 -8.54
CA GLU G 269 -10.52 36.89 -9.71
C GLU G 269 -10.79 37.95 -10.77
N ASN G 270 -12.06 38.24 -10.96
CA ASN G 270 -12.52 39.22 -11.92
C ASN G 270 -13.73 39.92 -11.34
N ILE G 271 -13.52 41.05 -10.68
CA ILE G 271 -14.61 41.74 -10.00
C ILE G 271 -15.72 42.13 -10.96
N THR G 272 -15.34 42.31 -12.22
CA THR G 272 -16.22 42.65 -13.29
C THR G 272 -17.28 41.63 -13.61
N ASN G 273 -16.98 40.33 -13.63
CA ASN G 273 -18.04 39.44 -14.06
C ASN G 273 -18.88 39.01 -12.87
N ASN G 274 -19.90 38.18 -13.11
CA ASN G 274 -20.79 37.78 -12.04
C ASN G 274 -20.61 36.32 -11.68
N ALA G 275 -19.85 35.60 -12.48
CA ALA G 275 -19.68 34.18 -12.30
C ALA G 275 -18.62 33.85 -11.26
N LYS G 276 -17.96 34.85 -10.72
CA LYS G 276 -16.92 34.60 -9.74
C LYS G 276 -17.37 34.99 -8.36
N ASN G 277 -16.88 34.26 -7.38
CA ASN G 277 -17.18 34.62 -6.00
C ASN G 277 -16.34 35.79 -5.54
N ILE G 278 -16.95 36.63 -4.74
CA ILE G 278 -16.25 37.73 -4.13
C ILE G 278 -15.98 37.37 -2.71
N LEU G 279 -14.73 37.37 -2.32
CA LEU G 279 -14.42 36.99 -0.97
C LEU G 279 -14.20 38.24 -0.18
N VAL G 280 -14.85 38.35 0.96
CA VAL G 280 -14.70 39.52 1.78
C VAL G 280 -14.10 39.15 3.10
N GLN G 281 -12.99 39.78 3.46
CA GLN G 281 -12.30 39.47 4.71
C GLN G 281 -12.44 40.59 5.72
N PHE G 282 -12.98 40.27 6.86
CA PHE G 282 -13.21 41.24 7.90
C PHE G 282 -11.95 41.61 8.62
N ASN G 283 -11.87 42.85 9.05
CA ASN G 283 -10.80 43.37 9.88
C ASN G 283 -11.20 43.38 11.35
N THR G 284 -12.30 42.71 11.65
CA THR G 284 -12.82 42.61 12.99
C THR G 284 -13.55 41.27 13.08
N PRO G 285 -13.61 40.59 14.21
CA PRO G 285 -14.40 39.42 14.38
C PRO G 285 -15.86 39.78 14.57
N VAL G 286 -16.77 38.91 14.19
CA VAL G 286 -18.19 39.08 14.56
C VAL G 286 -18.57 37.83 15.32
N GLN G 287 -19.01 37.97 16.56
CA GLN G 287 -19.30 36.78 17.33
C GLN G 287 -20.70 36.21 17.17
N ILE G 288 -20.73 34.90 16.95
CA ILE G 288 -21.94 34.11 16.82
C ILE G 288 -21.98 32.97 17.83
N ASN G 289 -23.10 32.88 18.54
CA ASN G 289 -23.32 31.84 19.54
C ASN G 289 -24.41 30.87 19.11
N CYS G 290 -24.06 29.61 18.91
CA CYS G 290 -25.04 28.64 18.44
C CYS G 290 -25.36 27.57 19.47
N THR G 291 -26.58 27.07 19.39
CA THR G 291 -26.99 26.01 20.30
C THR G 291 -28.00 25.02 19.77
N ARG G 292 -27.96 23.87 20.39
CA ARG G 292 -28.86 22.77 20.19
C ARG G 292 -29.43 22.44 21.57
N PRO G 293 -30.50 23.13 21.99
CA PRO G 293 -31.06 23.22 23.34
C PRO G 293 -31.72 21.96 23.94
N ASN G 294 -32.00 20.96 23.14
CA ASN G 294 -32.67 19.78 23.67
C ASN G 294 -31.70 18.80 24.28
N ASN G 295 -32.06 18.24 25.42
CA ASN G 295 -31.22 17.26 26.11
C ASN G 295 -31.50 15.86 25.61
N TYR G 296 -30.56 15.28 24.86
CA TYR G 296 -30.79 13.96 24.25
C TYR G 296 -30.13 12.86 25.02
N THR G 297 -30.77 11.70 25.01
CA THR G 297 -30.26 10.49 25.61
C THR G 297 -29.81 9.54 24.53
N ARG G 298 -28.59 9.09 24.64
CA ARG G 298 -27.95 8.18 23.71
C ARG G 298 -28.11 6.73 24.09
N LYS G 299 -28.49 5.90 23.13
CA LYS G 299 -28.70 4.48 23.37
C LYS G 299 -27.93 3.59 22.41
N SER G 300 -27.19 2.63 22.95
CA SER G 300 -26.42 1.72 22.11
C SER G 300 -27.15 0.41 21.81
N ILE G 301 -27.29 0.10 20.53
CA ILE G 301 -27.95 -1.10 20.06
C ILE G 301 -26.97 -2.08 19.44
N ARG G 302 -26.92 -3.30 19.94
CA ARG G 302 -25.98 -4.21 19.32
C ARG G 302 -26.49 -4.57 17.95
N ILE G 303 -25.60 -4.54 16.98
CA ILE G 303 -25.90 -4.86 15.60
C ILE G 303 -25.49 -6.26 15.30
N GLY G 304 -24.30 -6.58 15.75
CA GLY G 304 -23.67 -7.83 15.41
C GLY G 304 -22.44 -8.07 16.29
N PRO G 305 -21.64 -9.08 16.00
CA PRO G 305 -20.52 -9.53 16.78
C PRO G 305 -19.34 -8.61 16.66
N GLY G 306 -19.46 -7.46 17.30
CA GLY G 306 -18.43 -6.43 17.30
C GLY G 306 -18.93 -5.10 16.76
N GLN G 307 -20.24 -4.99 16.52
CA GLN G 307 -20.77 -3.75 16.01
C GLN G 307 -21.94 -3.23 16.81
N ALA G 308 -22.04 -1.91 16.87
CA ALA G 308 -23.17 -1.29 17.56
C ALA G 308 -23.57 0.01 16.90
N PHE G 309 -24.86 0.26 16.96
CA PHE G 309 -25.47 1.44 16.42
C PHE G 309 -25.84 2.40 17.51
N TYR G 310 -25.55 3.67 17.31
CA TYR G 310 -25.92 4.63 18.32
C TYR G 310 -27.17 5.36 17.97
N ALA G 311 -28.21 4.97 18.69
CA ALA G 311 -29.57 5.40 18.54
C ALA G 311 -29.86 6.58 19.42
N THR G 312 -30.94 7.27 19.12
CA THR G 312 -31.35 8.34 19.99
C THR G 312 -32.43 7.75 20.84
N GLY G 313 -32.13 7.59 22.11
CA GLY G 313 -33.00 6.94 23.05
C GLY G 313 -34.26 7.73 23.32
N ASP G 314 -34.07 8.97 23.75
CA ASP G 314 -35.16 9.83 24.16
C ASP G 314 -34.77 11.30 24.32
N ILE G 315 -35.76 12.16 24.52
CA ILE G 315 -35.52 13.58 24.77
C ILE G 315 -36.03 13.99 26.13
N ILE G 316 -35.17 14.64 26.86
CA ILE G 316 -35.45 15.11 28.18
C ILE G 316 -35.80 16.58 28.13
N GLY G 317 -36.97 16.90 28.65
CA GLY G 317 -37.47 18.26 28.66
C GLY G 317 -38.16 18.63 27.36
N ASP G 318 -38.56 19.89 27.28
CA ASP G 318 -39.30 20.47 26.16
C ASP G 318 -38.49 20.41 24.88
N ILE G 319 -39.16 20.24 23.75
CA ILE G 319 -38.46 20.22 22.48
C ILE G 319 -38.43 21.60 21.84
N ARG G 320 -37.22 22.11 21.67
CA ARG G 320 -36.99 23.44 21.16
C ARG G 320 -36.16 23.42 19.89
N GLN G 321 -36.31 24.46 19.09
CA GLN G 321 -35.58 24.58 17.84
C GLN G 321 -34.17 25.13 18.00
N ALA G 322 -33.22 24.50 17.31
CA ALA G 322 -31.82 24.94 17.29
C ALA G 322 -31.72 26.33 16.70
N HIS G 323 -30.76 27.10 17.18
CA HIS G 323 -30.62 28.44 16.66
C HIS G 323 -29.28 29.09 16.93
N CYS G 324 -29.01 30.17 16.21
CA CYS G 324 -27.80 30.96 16.42
C CYS G 324 -28.12 32.41 16.64
N ASN G 325 -27.38 33.01 17.58
CA ASN G 325 -27.51 34.42 17.94
C ASN G 325 -26.32 35.23 17.47
N VAL G 326 -26.58 36.25 16.67
CA VAL G 326 -25.53 37.07 16.10
C VAL G 326 -25.61 38.48 16.67
N SER G 327 -24.50 39.05 17.14
CA SER G 327 -24.62 40.43 17.63
C SER G 327 -25.18 41.32 16.55
N LYS G 328 -26.27 42.00 16.83
CA LYS G 328 -26.90 42.82 15.80
C LYS G 328 -26.14 44.07 15.49
N ALA G 329 -25.77 44.80 16.53
CA ALA G 329 -25.03 46.01 16.25
C ALA G 329 -23.72 45.68 15.56
N THR G 330 -23.06 44.59 15.95
CA THR G 330 -21.78 44.33 15.33
C THR G 330 -22.00 44.04 13.87
N TRP G 331 -22.99 43.22 13.58
CA TRP G 331 -23.25 42.86 12.21
C TRP G 331 -23.55 44.09 11.37
N ASN G 332 -24.40 44.97 11.88
CA ASN G 332 -24.73 46.15 11.11
C ASN G 332 -23.52 47.03 10.85
N GLU G 333 -22.69 47.26 11.86
CA GLU G 333 -21.52 48.10 11.63
C GLU G 333 -20.61 47.46 10.60
N THR G 334 -20.47 46.15 10.70
CA THR G 334 -19.61 45.41 9.83
C THR G 334 -20.08 45.53 8.40
N LEU G 335 -21.38 45.39 8.16
CA LEU G 335 -21.83 45.55 6.79
C LEU G 335 -21.56 46.97 6.31
N GLY G 336 -21.70 47.96 7.16
CA GLY G 336 -21.43 49.30 6.68
C GLY G 336 -20.00 49.40 6.13
N LYS G 337 -19.05 48.71 6.76
CA LYS G 337 -17.67 48.76 6.29
C LYS G 337 -17.56 48.06 4.95
N VAL G 338 -18.27 46.94 4.80
CA VAL G 338 -18.21 46.20 3.55
C VAL G 338 -18.76 47.06 2.44
N VAL G 339 -19.87 47.73 2.70
CA VAL G 339 -20.48 48.59 1.72
C VAL G 339 -19.55 49.70 1.30
N LYS G 340 -18.89 50.32 2.26
CA LYS G 340 -17.96 51.37 1.91
C LYS G 340 -16.91 50.86 0.94
N GLN G 341 -16.39 49.66 1.18
CA GLN G 341 -15.37 49.14 0.29
C GLN G 341 -15.95 48.73 -1.07
N LEU G 342 -17.13 48.13 -1.10
CA LEU G 342 -17.71 47.72 -2.38
C LEU G 342 -17.98 48.88 -3.30
N ARG G 343 -18.37 50.01 -2.73
CA ARG G 343 -18.63 51.17 -3.55
C ARG G 343 -17.40 51.61 -4.33
N LYS G 344 -16.19 51.27 -3.86
CA LYS G 344 -14.98 51.64 -4.56
C LYS G 344 -14.88 51.00 -5.93
N HIS G 345 -15.62 49.92 -6.17
CA HIS G 345 -15.55 49.26 -7.46
C HIS G 345 -16.79 49.49 -8.29
N PHE G 346 -17.90 49.86 -7.66
CA PHE G 346 -19.14 49.98 -8.43
C PHE G 346 -19.65 51.42 -8.57
N GLY G 347 -18.77 52.38 -8.33
CA GLY G 347 -19.10 53.79 -8.46
C GLY G 347 -19.21 54.50 -7.13
N ASN G 348 -18.73 55.74 -7.08
CA ASN G 348 -18.78 56.47 -5.82
C ASN G 348 -20.19 56.64 -5.34
N ASN G 349 -21.10 56.90 -6.28
CA ASN G 349 -22.49 57.12 -5.94
C ASN G 349 -23.35 55.96 -6.39
N THR G 350 -23.54 54.99 -5.52
CA THR G 350 -24.32 53.83 -5.87
C THR G 350 -25.03 53.26 -4.66
N ILE G 351 -25.81 52.24 -4.89
CA ILE G 351 -26.60 51.63 -3.85
C ILE G 351 -26.31 50.17 -3.77
N ILE G 352 -26.08 49.72 -2.57
CA ILE G 352 -25.83 48.31 -2.37
C ILE G 352 -26.88 47.67 -1.55
N ARG G 353 -27.46 46.61 -2.06
CA ARG G 353 -28.45 45.93 -1.25
C ARG G 353 -28.07 44.49 -1.08
N PHE G 354 -28.51 43.93 0.00
CA PHE G 354 -28.26 42.54 0.25
C PHE G 354 -29.56 41.79 0.25
N ALA G 355 -29.51 40.58 -0.21
CA ALA G 355 -30.66 39.70 -0.25
C ALA G 355 -30.23 38.33 0.22
N ASN G 356 -31.18 37.51 0.62
CA ASN G 356 -30.81 36.20 1.14
C ASN G 356 -30.45 35.27 0.01
N SER G 357 -30.13 34.04 0.36
CA SER G 357 -29.73 33.10 -0.66
C SER G 357 -30.89 32.80 -1.56
N SER G 358 -30.57 32.30 -2.73
CA SER G 358 -31.57 31.97 -3.72
C SER G 358 -31.86 30.49 -3.72
N GLY G 359 -32.50 30.01 -4.77
CA GLY G 359 -32.89 28.61 -4.84
C GLY G 359 -31.73 27.62 -4.76
N GLY G 360 -32.03 26.46 -4.20
CA GLY G 360 -31.14 25.33 -3.98
C GLY G 360 -31.83 24.50 -2.91
N ASP G 361 -31.30 23.36 -2.52
CA ASP G 361 -32.00 22.55 -1.54
C ASP G 361 -31.69 22.79 -0.06
N LEU G 362 -30.47 22.54 0.38
CA LEU G 362 -30.14 22.75 1.77
C LEU G 362 -28.70 23.16 1.88
N GLU G 363 -27.84 22.26 1.43
CA GLU G 363 -26.40 22.41 1.47
C GLU G 363 -25.92 23.58 0.62
N VAL G 364 -26.76 23.96 -0.33
CA VAL G 364 -26.51 25.04 -1.24
C VAL G 364 -26.92 26.38 -0.69
N THR G 365 -28.12 26.43 -0.12
CA THR G 365 -28.73 27.66 0.33
C THR G 365 -28.54 28.04 1.78
N THR G 366 -28.06 27.13 2.63
CA THR G 366 -27.93 27.48 4.02
C THR G 366 -26.51 27.39 4.52
N HIS G 367 -26.28 28.13 5.58
CA HIS G 367 -25.03 28.17 6.29
C HIS G 367 -24.73 26.85 6.89
N SER G 368 -23.47 26.46 6.89
CA SER G 368 -23.21 25.15 7.48
C SER G 368 -21.96 25.08 8.25
N PHE G 369 -22.04 24.35 9.34
CA PHE G 369 -20.92 24.14 10.23
C PHE G 369 -21.09 22.93 11.10
N ASN G 370 -19.99 22.52 11.71
CA ASN G 370 -19.96 21.41 12.65
C ASN G 370 -19.71 21.94 14.06
N CYS G 371 -20.73 21.90 14.89
CA CYS G 371 -20.68 22.42 16.26
C CYS G 371 -20.97 21.35 17.28
N GLY G 372 -19.94 20.98 18.01
CA GLY G 372 -20.07 19.96 19.03
C GLY G 372 -20.07 18.57 18.42
N GLY G 373 -19.94 18.50 17.11
CA GLY G 373 -20.02 17.25 16.37
C GLY G 373 -21.36 17.17 15.62
N GLU G 374 -22.33 18.03 15.95
CA GLU G 374 -23.57 17.99 15.20
C GLU G 374 -23.46 18.82 13.94
N PHE G 375 -24.23 18.44 12.93
CA PHE G 375 -24.23 19.18 11.69
C PHE G 375 -25.42 20.09 11.57
N PHE G 376 -25.13 21.38 11.57
CA PHE G 376 -26.11 22.45 11.55
C PHE G 376 -26.25 23.10 10.20
N TYR G 377 -27.47 23.34 9.81
CA TYR G 377 -27.84 24.02 8.57
C TYR G 377 -28.70 25.22 8.93
N CYS G 378 -28.14 26.43 8.87
CA CYS G 378 -28.88 27.57 9.40
C CYS G 378 -29.34 28.55 8.33
N ASN G 379 -30.52 29.08 8.54
CA ASN G 379 -31.17 30.00 7.62
C ASN G 379 -30.74 31.44 7.83
N THR G 380 -29.66 31.83 7.16
CA THR G 380 -29.11 33.17 7.32
C THR G 380 -29.87 34.19 6.52
N SER G 381 -31.13 34.35 6.83
CA SER G 381 -31.94 35.29 6.09
C SER G 381 -31.90 36.64 6.76
N GLY G 382 -31.74 36.62 8.07
CA GLY G 382 -31.77 37.83 8.88
C GLY G 382 -30.48 38.60 8.81
N LEU G 383 -29.51 38.05 8.12
CA LEU G 383 -28.25 38.71 7.99
C LEU G 383 -28.10 39.42 6.66
N PHE G 384 -28.86 39.03 5.65
CA PHE G 384 -28.65 39.56 4.32
C PHE G 384 -29.87 40.21 3.77
N ASN G 385 -30.41 41.12 4.52
CA ASN G 385 -31.59 41.83 4.09
C ASN G 385 -31.51 43.29 4.52
N SER G 386 -31.04 44.13 3.60
CA SER G 386 -30.85 45.55 3.89
C SER G 386 -30.58 46.34 2.61
N THR G 387 -30.77 47.66 2.67
CA THR G 387 -30.39 48.53 1.54
C THR G 387 -29.56 49.70 2.04
N TRP G 388 -28.42 49.91 1.41
CA TRP G 388 -27.52 50.97 1.78
C TRP G 388 -27.45 52.08 0.75
N ILE G 389 -28.10 53.17 1.09
CA ILE G 389 -28.28 54.34 0.26
C ILE G 389 -27.03 55.20 0.33
N SER G 390 -26.65 55.79 -0.81
CA SER G 390 -25.49 56.64 -0.88
C SER G 390 -25.66 57.90 -0.03
N ASN G 391 -24.55 58.53 0.31
CA ASN G 391 -24.58 59.74 1.11
C ASN G 391 -25.47 59.55 2.33
N ASN G 403 -29.94 43.60 23.91
CA ASN G 403 -28.88 43.80 22.94
C ASN G 403 -29.43 43.57 21.54
N ASP G 404 -30.66 43.08 21.51
CA ASP G 404 -31.38 42.82 20.27
C ASP G 404 -30.63 41.93 19.29
N SER G 405 -30.17 40.77 19.73
CA SER G 405 -29.43 39.85 18.88
C SER G 405 -30.28 39.37 17.71
N ILE G 406 -29.64 39.11 16.58
CA ILE G 406 -30.37 38.55 15.44
C ILE G 406 -30.43 37.07 15.66
N THR G 407 -31.60 36.48 15.59
CA THR G 407 -31.68 35.04 15.78
C THR G 407 -32.03 34.34 14.50
N LEU G 408 -31.22 33.35 14.16
CA LEU G 408 -31.45 32.57 12.98
C LEU G 408 -31.93 31.18 13.41
N PRO G 409 -32.99 30.62 12.81
CA PRO G 409 -33.49 29.29 13.08
C PRO G 409 -32.53 28.34 12.44
N CYS G 410 -32.44 27.12 12.94
CA CYS G 410 -31.50 26.21 12.34
C CYS G 410 -31.89 24.73 12.47
N ARG G 411 -31.54 23.92 11.46
CA ARG G 411 -31.85 22.48 11.50
C ARG G 411 -30.64 21.56 11.63
N ILE G 412 -30.91 20.38 12.21
CA ILE G 412 -29.93 19.33 12.43
C ILE G 412 -30.16 18.13 11.53
N LYS G 413 -29.09 17.60 10.95
CA LYS G 413 -29.19 16.45 10.06
C LYS G 413 -28.13 15.39 10.43
N GLN G 414 -28.50 14.09 10.50
CA GLN G 414 -27.49 13.07 10.83
C GLN G 414 -26.77 12.45 9.65
N ILE G 415 -27.41 12.36 8.49
CA ILE G 415 -26.72 11.72 7.36
C ILE G 415 -26.17 12.76 6.44
N ILE G 416 -24.86 12.80 6.28
CA ILE G 416 -24.33 13.84 5.42
C ILE G 416 -23.48 13.35 4.26
N ASN G 417 -23.56 14.07 3.15
CA ASN G 417 -22.77 13.81 1.97
C ASN G 417 -21.54 14.68 1.98
N MET G 418 -20.56 14.27 2.73
CA MET G 418 -19.43 15.13 2.95
C MET G 418 -18.74 15.32 1.62
N TRP G 419 -18.27 16.53 1.40
CA TRP G 419 -17.54 16.95 0.22
C TRP G 419 -18.38 16.90 -1.04
N GLN G 420 -19.69 16.78 -0.88
CA GLN G 420 -20.63 16.77 -1.97
C GLN G 420 -20.33 15.66 -2.96
N ARG G 421 -19.90 14.50 -2.46
CA ARG G 421 -19.64 13.36 -3.29
C ARG G 421 -20.83 12.44 -3.28
N ILE G 422 -20.82 11.45 -4.15
CA ILE G 422 -21.91 10.50 -4.20
C ILE G 422 -21.41 9.08 -4.01
N GLY G 423 -22.34 8.18 -3.72
CA GLY G 423 -22.05 6.76 -3.56
C GLY G 423 -21.54 6.41 -2.17
N GLN G 424 -21.49 7.39 -1.28
CA GLN G 424 -20.98 7.17 0.05
C GLN G 424 -21.43 8.27 0.95
N CYS G 425 -21.50 8.03 2.24
CA CYS G 425 -21.90 9.09 3.14
C CYS G 425 -21.51 8.75 4.54
N MET G 426 -21.75 9.66 5.46
CA MET G 426 -21.44 9.35 6.84
C MET G 426 -22.63 9.54 7.74
N TYR G 427 -22.81 8.62 8.66
CA TYR G 427 -23.87 8.77 9.65
C TYR G 427 -23.32 9.26 10.96
N ALA G 428 -23.76 10.42 11.40
CA ALA G 428 -23.23 10.89 12.65
C ALA G 428 -24.05 10.30 13.81
N PRO G 429 -23.42 9.78 14.87
CA PRO G 429 -24.10 9.28 16.04
C PRO G 429 -24.61 10.48 16.79
N PRO G 430 -25.66 10.36 17.60
CA PRO G 430 -26.20 11.40 18.44
C PRO G 430 -25.27 11.74 19.57
N ILE G 431 -25.35 12.98 20.02
CA ILE G 431 -24.60 13.43 21.16
C ILE G 431 -25.47 13.70 22.37
N GLN G 432 -25.14 13.02 23.45
CA GLN G 432 -25.87 13.11 24.70
C GLN G 432 -25.70 14.47 25.34
N GLY G 433 -26.80 15.02 25.84
CA GLY G 433 -26.72 16.31 26.50
C GLY G 433 -27.10 17.44 25.59
N VAL G 434 -26.57 18.62 25.87
CA VAL G 434 -26.92 19.87 25.20
C VAL G 434 -25.69 20.54 24.63
N ILE G 435 -25.82 21.02 23.40
CA ILE G 435 -24.72 21.65 22.69
C ILE G 435 -24.74 23.15 22.61
N ARG G 436 -23.58 23.72 22.88
CA ARG G 436 -23.35 25.13 22.76
C ARG G 436 -21.92 25.37 22.33
N CYS G 437 -21.72 26.27 21.38
CA CYS G 437 -20.37 26.62 20.95
C CYS G 437 -20.36 28.04 20.42
N VAL G 438 -19.18 28.60 20.32
CA VAL G 438 -19.09 29.94 19.80
C VAL G 438 -18.06 30.02 18.73
N SER G 439 -18.21 30.99 17.87
CA SER G 439 -17.24 31.21 16.82
C SER G 439 -17.25 32.64 16.35
N ASN G 440 -16.18 33.03 15.69
CA ASN G 440 -16.08 34.35 15.12
C ASN G 440 -15.97 34.30 13.62
N ILE G 441 -16.94 34.87 12.95
CA ILE G 441 -16.82 34.87 11.52
C ILE G 441 -15.81 35.93 11.20
N THR G 442 -15.03 35.68 10.17
CA THR G 442 -13.99 36.59 9.72
C THR G 442 -14.18 37.01 8.29
N GLY G 443 -15.28 36.60 7.71
CA GLY G 443 -15.52 36.93 6.32
C GLY G 443 -16.75 36.26 5.78
N LEU G 444 -17.03 36.54 4.54
CA LEU G 444 -18.20 35.98 3.88
C LEU G 444 -18.02 35.85 2.39
N ILE G 445 -18.89 35.06 1.75
CA ILE G 445 -18.82 34.92 0.32
C ILE G 445 -20.04 35.49 -0.39
N LEU G 446 -19.80 36.44 -1.27
CA LEU G 446 -20.86 37.11 -2.00
C LEU G 446 -20.81 36.93 -3.51
N THR G 447 -21.98 36.98 -4.14
CA THR G 447 -22.14 36.96 -5.59
C THR G 447 -23.04 38.10 -6.07
N ARG G 448 -22.69 38.80 -7.16
CA ARG G 448 -23.60 39.84 -7.64
C ARG G 448 -24.60 39.24 -8.59
N ASP G 449 -25.79 39.81 -8.64
CA ASP G 449 -26.78 39.30 -9.56
C ASP G 449 -26.74 39.84 -10.99
N GLY G 450 -26.84 41.13 -11.16
CA GLY G 450 -26.93 41.65 -12.52
C GLY G 450 -27.26 43.14 -12.55
N GLY G 451 -28.00 43.56 -13.56
CA GLY G 451 -28.31 44.97 -13.76
C GLY G 451 -29.13 45.17 -15.02
N SER G 452 -29.25 46.43 -15.44
CA SER G 452 -30.06 46.76 -16.61
C SER G 452 -29.44 47.84 -17.45
N THR G 453 -28.31 48.37 -16.99
CA THR G 453 -27.56 49.49 -17.57
C THR G 453 -28.26 50.83 -17.41
N ASN G 454 -29.50 50.86 -16.93
CA ASN G 454 -30.23 52.11 -16.86
C ASN G 454 -30.73 52.32 -15.46
N SER G 455 -30.12 51.59 -14.54
CA SER G 455 -30.45 51.68 -13.16
C SER G 455 -29.25 51.35 -12.29
N THR G 456 -29.51 51.21 -11.02
CA THR G 456 -28.51 50.97 -10.02
C THR G 456 -29.01 49.94 -9.02
N THR G 457 -28.40 49.91 -7.85
CA THR G 457 -28.74 48.98 -6.80
C THR G 457 -28.39 47.52 -7.07
N GLU G 458 -27.11 47.27 -7.30
CA GLU G 458 -26.63 45.89 -7.46
C GLU G 458 -26.97 45.11 -6.20
N THR G 459 -27.37 43.85 -6.37
CA THR G 459 -27.66 43.05 -5.20
C THR G 459 -26.63 41.99 -4.99
N PHE G 460 -26.22 41.87 -3.75
CA PHE G 460 -25.28 40.87 -3.38
C PHE G 460 -26.00 39.80 -2.60
N ARG G 461 -25.73 38.55 -2.91
CA ARG G 461 -26.33 37.44 -2.21
C ARG G 461 -25.24 36.55 -1.70
N PRO G 462 -25.43 35.84 -0.62
CA PRO G 462 -24.49 34.89 -0.10
C PRO G 462 -24.40 33.69 -1.02
N GLY G 463 -23.27 33.01 -0.99
CA GLY G 463 -23.06 31.82 -1.81
C GLY G 463 -21.82 31.05 -1.37
N GLY G 464 -21.12 30.44 -2.33
CA GLY G 464 -19.92 29.69 -1.98
C GLY G 464 -20.11 28.17 -2.01
N GLY G 465 -20.59 27.64 -3.11
CA GLY G 465 -20.75 26.19 -3.19
C GLY G 465 -19.44 25.40 -3.03
N ASP G 466 -18.32 25.93 -3.51
CA ASP G 466 -17.07 25.17 -3.42
C ASP G 466 -16.49 25.23 -2.02
N MET G 467 -15.63 24.29 -1.70
CA MET G 467 -14.94 24.21 -0.42
C MET G 467 -13.59 24.87 -0.47
N ARG G 468 -13.02 24.91 -1.66
CA ARG G 468 -11.68 25.45 -1.81
C ARG G 468 -11.58 26.90 -1.40
N ASP G 469 -12.68 27.66 -1.56
CA ASP G 469 -12.68 29.07 -1.21
C ASP G 469 -12.41 29.30 0.27
N ASN G 470 -12.64 28.30 1.10
CA ASN G 470 -12.37 28.45 2.50
C ASN G 470 -10.89 28.50 2.79
N TRP G 471 -10.07 27.88 1.94
CA TRP G 471 -8.64 27.81 2.17
C TRP G 471 -7.89 28.81 1.32
N ARG G 472 -8.51 29.27 0.24
CA ARG G 472 -7.85 30.26 -0.60
C ARG G 472 -7.57 31.47 0.26
N SER G 473 -8.48 31.71 1.19
CA SER G 473 -8.49 32.81 2.13
C SER G 473 -7.30 32.86 3.07
N GLU G 474 -6.61 31.75 3.28
CA GLU G 474 -5.44 31.77 4.14
C GLU G 474 -4.18 31.70 3.31
N LEU G 475 -4.24 30.90 2.26
CA LEU G 475 -3.08 30.62 1.45
C LEU G 475 -2.76 31.69 0.44
N TYR G 476 -3.54 32.75 0.41
CA TYR G 476 -3.30 33.85 -0.51
C TYR G 476 -1.96 34.50 -0.32
N LYS G 477 -1.35 34.35 0.86
CA LYS G 477 -0.07 34.99 1.05
C LYS G 477 1.11 34.14 0.62
N TYR G 478 0.88 32.93 0.15
CA TYR G 478 2.02 32.10 -0.15
C TYR G 478 2.13 31.69 -1.60
N LYS G 479 3.37 31.42 -1.99
CA LYS G 479 3.74 30.93 -3.31
C LYS G 479 4.91 29.96 -3.22
N VAL G 480 4.91 28.91 -4.00
CA VAL G 480 6.04 27.99 -3.97
C VAL G 480 6.93 28.13 -5.18
N VAL G 481 8.23 28.23 -4.92
CA VAL G 481 9.20 28.38 -6.00
C VAL G 481 10.32 27.35 -5.90
N LYS G 482 10.98 27.12 -7.02
CA LYS G 482 12.09 26.20 -7.14
C LYS G 482 13.43 26.92 -7.26
N ILE G 483 14.39 26.52 -6.46
CA ILE G 483 15.70 27.18 -6.47
C ILE G 483 16.58 26.60 -7.56
N GLU G 484 17.10 27.49 -8.43
CA GLU G 484 17.85 27.10 -9.62
C GLU G 484 19.26 27.71 -9.83
N PRO G 485 20.34 27.14 -9.23
CA PRO G 485 21.74 27.56 -9.23
C PRO G 485 22.38 27.27 -10.60
N LEU G 486 23.73 27.40 -10.72
CA LEU G 486 24.46 27.21 -11.99
C LEU G 486 24.22 28.34 -12.93
N GLY G 487 24.42 29.53 -12.42
CA GLY G 487 24.31 30.72 -13.22
C GLY G 487 25.60 30.91 -13.99
N VAL G 488 25.48 31.48 -15.16
CA VAL G 488 26.64 31.74 -15.97
C VAL G 488 26.69 33.20 -16.30
N ALA G 489 27.86 33.79 -16.21
CA ALA G 489 28.04 35.20 -16.51
C ALA G 489 29.44 35.43 -17.06
N PRO G 490 29.67 36.46 -17.87
CA PRO G 490 30.98 36.83 -18.33
C PRO G 490 31.82 37.53 -17.27
N THR G 491 33.10 37.21 -17.32
CA THR G 491 34.18 37.87 -16.60
C THR G 491 35.29 37.90 -17.64
N ARG G 492 34.94 37.37 -18.82
CA ARG G 492 35.80 37.15 -19.99
C ARG G 492 36.91 36.13 -19.77
N ALA G 493 36.60 35.05 -19.06
CA ALA G 493 37.53 33.97 -18.79
C ALA G 493 38.99 34.45 -18.78
N ARG G 518 24.00 35.82 6.41
CA ARG G 518 23.25 36.78 5.60
C ARG G 518 21.80 36.33 5.46
N GLY G 519 21.61 35.01 5.43
CA GLY G 519 20.30 34.38 5.32
C GLY G 519 20.04 33.74 3.96
N PHE G 520 19.26 32.67 3.98
CA PHE G 520 18.91 31.99 2.74
C PHE G 520 18.14 32.93 1.84
N LEU G 521 18.66 33.15 0.64
CA LEU G 521 18.15 34.08 -0.35
C LEU G 521 18.20 35.52 0.10
N GLY G 522 18.94 35.81 1.15
CA GLY G 522 19.06 37.17 1.64
C GLY G 522 19.65 38.08 0.58
N ALA G 523 20.54 37.55 -0.24
CA ALA G 523 21.21 38.30 -1.28
C ALA G 523 20.42 38.34 -2.57
N ALA G 524 19.24 37.75 -2.62
CA ALA G 524 18.48 37.70 -3.86
C ALA G 524 18.21 39.07 -4.43
N GLY G 525 18.01 40.07 -3.58
CA GLY G 525 17.75 41.43 -4.07
C GLY G 525 19.01 42.26 -4.30
N SER G 526 20.19 41.67 -4.11
CA SER G 526 21.45 42.37 -4.24
C SER G 526 22.09 42.08 -5.58
N THR G 527 23.16 42.79 -5.90
CA THR G 527 23.77 42.61 -7.20
C THR G 527 24.48 41.31 -7.36
N MET G 528 24.78 40.98 -8.60
CA MET G 528 25.47 39.77 -8.94
C MET G 528 26.78 39.70 -8.24
N GLY G 529 27.47 40.84 -8.17
CA GLY G 529 28.72 40.90 -7.50
C GLY G 529 28.54 40.58 -6.02
N ALA G 530 27.64 41.29 -5.34
CA ALA G 530 27.45 41.09 -3.92
C ALA G 530 27.03 39.67 -3.55
N ALA G 531 26.21 39.07 -4.38
CA ALA G 531 25.66 37.75 -4.16
C ALA G 531 26.71 36.66 -4.17
N SER G 532 27.89 36.94 -4.69
CA SER G 532 28.91 35.92 -4.78
C SER G 532 29.32 35.42 -3.40
N MET G 533 29.07 36.21 -2.35
CA MET G 533 29.47 35.81 -1.02
C MET G 533 28.53 34.86 -0.30
N THR G 534 27.41 34.49 -0.91
CA THR G 534 26.47 33.60 -0.23
C THR G 534 26.27 32.29 -0.98
N LEU G 535 27.19 31.92 -1.84
CA LEU G 535 26.96 30.71 -2.59
C LEU G 535 26.86 29.49 -1.65
N THR G 536 27.63 29.47 -0.57
CA THR G 536 27.53 28.33 0.36
C THR G 536 26.20 28.29 1.06
N VAL G 537 25.59 29.45 1.26
CA VAL G 537 24.33 29.49 1.96
C VAL G 537 23.29 28.81 1.14
N GLN G 538 23.29 29.10 -0.13
CA GLN G 538 22.27 28.53 -0.97
C GLN G 538 22.51 27.05 -1.19
N ALA G 539 23.76 26.67 -1.41
CA ALA G 539 24.09 25.29 -1.72
C ALA G 539 23.65 24.34 -0.62
N ARG G 540 23.79 24.77 0.62
CA ARG G 540 23.44 23.96 1.76
C ARG G 540 21.94 23.66 1.88
N ASN G 541 21.08 24.40 1.18
CA ASN G 541 19.65 24.16 1.26
C ASN G 541 19.09 23.43 0.05
N LEU G 542 19.97 22.92 -0.80
CA LEU G 542 19.50 22.21 -1.97
C LEU G 542 19.42 20.72 -1.71
N LEU G 543 20.35 20.20 -0.94
CA LEU G 543 20.37 18.78 -0.64
C LEU G 543 19.57 18.54 0.61
N SER G 544 19.87 19.32 1.64
CA SER G 544 19.26 19.22 2.95
C SER G 544 18.42 17.97 3.14
N LEU G 566 -2.18 2.79 7.58
CA LEU G 566 -1.74 3.53 8.75
C LEU G 566 -1.21 4.89 8.41
N THR G 567 -0.29 4.92 7.45
CA THR G 567 0.35 6.16 7.05
C THR G 567 -0.08 6.62 5.66
N VAL G 568 -0.55 7.87 5.61
CA VAL G 568 -0.95 8.50 4.35
C VAL G 568 0.27 9.04 3.65
N TRP G 569 1.08 9.74 4.41
CA TRP G 569 2.29 10.36 3.92
C TRP G 569 3.42 9.37 3.89
N GLY G 570 3.32 8.47 2.93
CA GLY G 570 4.23 7.34 2.75
C GLY G 570 5.00 7.56 1.49
N ILE G 571 4.40 7.16 0.38
CA ILE G 571 4.97 7.32 -0.93
C ILE G 571 5.30 8.78 -1.18
N LYS G 572 4.46 9.69 -0.74
CA LYS G 572 4.79 11.08 -0.99
C LYS G 572 6.16 11.45 -0.39
N GLN G 573 6.52 10.93 0.78
CA GLN G 573 7.80 11.32 1.35
C GLN G 573 8.93 10.71 0.55
N LEU G 574 8.77 9.45 0.18
CA LEU G 574 9.86 8.84 -0.57
C LEU G 574 10.05 9.52 -1.90
N GLN G 575 8.96 9.88 -2.57
CA GLN G 575 9.13 10.54 -3.84
C GLN G 575 9.81 11.88 -3.68
N ALA G 576 9.44 12.64 -2.67
CA ALA G 576 10.09 13.92 -2.50
C ALA G 576 11.58 13.77 -2.22
N ARG G 577 11.94 12.80 -1.38
CA ARG G 577 13.34 12.63 -1.05
C ARG G 577 14.12 12.21 -2.28
N VAL G 578 13.56 11.30 -3.06
CA VAL G 578 14.29 10.85 -4.21
C VAL G 578 14.47 11.99 -5.19
N LEU G 579 13.44 12.77 -5.43
CA LEU G 579 13.60 13.86 -6.35
C LEU G 579 14.67 14.83 -5.92
N ALA G 580 14.68 15.21 -4.64
CA ALA G 580 15.69 16.16 -4.24
C ALA G 580 17.08 15.58 -4.50
N VAL G 581 17.27 14.30 -4.23
CA VAL G 581 18.56 13.71 -4.50
C VAL G 581 18.87 13.70 -5.98
N GLU G 582 17.92 13.32 -6.83
CA GLU G 582 18.25 13.30 -8.22
C GLU G 582 18.63 14.68 -8.73
N ARG G 583 17.91 15.71 -8.30
CA ARG G 583 18.26 17.02 -8.81
C ARG G 583 19.68 17.39 -8.40
N TYR G 584 20.01 17.10 -7.15
CA TYR G 584 21.34 17.40 -6.66
C TYR G 584 22.38 16.70 -7.52
N LEU G 585 22.21 15.40 -7.72
CA LEU G 585 23.21 14.68 -8.45
C LEU G 585 23.32 15.10 -9.89
N ARG G 586 22.22 15.46 -10.52
CA ARG G 586 22.34 15.89 -11.89
C ARG G 586 23.18 17.15 -11.99
N ASP G 587 23.01 18.10 -11.07
CA ASP G 587 23.85 19.30 -11.13
C ASP G 587 25.30 18.92 -10.92
N GLN G 588 25.57 18.00 -10.00
CA GLN G 588 26.94 17.66 -9.78
C GLN G 588 27.55 16.93 -10.97
N GLN G 589 26.80 16.07 -11.62
CA GLN G 589 27.37 15.37 -12.77
C GLN G 589 27.78 16.39 -13.83
N LEU G 590 26.94 17.38 -14.05
CA LEU G 590 27.24 18.39 -15.04
C LEU G 590 28.50 19.16 -14.67
N LEU G 591 28.61 19.61 -13.42
CA LEU G 591 29.81 20.33 -13.04
C LEU G 591 31.02 19.45 -13.20
N GLY G 592 30.88 18.17 -12.89
CA GLY G 592 31.95 17.22 -13.05
C GLY G 592 32.44 17.21 -14.49
N ILE G 593 31.52 17.04 -15.43
CA ILE G 593 31.86 16.98 -16.84
C ILE G 593 32.54 18.27 -17.27
N TRP G 594 32.04 19.39 -16.80
CA TRP G 594 32.63 20.68 -17.13
C TRP G 594 33.98 20.94 -16.46
N GLY G 595 34.45 20.07 -15.58
CA GLY G 595 35.72 20.29 -14.89
C GLY G 595 35.62 21.23 -13.70
N CYS G 596 34.43 21.41 -13.17
CA CYS G 596 34.22 22.33 -12.06
C CYS G 596 33.80 21.63 -10.76
N SER G 597 34.06 20.34 -10.66
CA SER G 597 33.71 19.65 -9.44
C SER G 597 34.45 20.22 -8.24
N GLY G 598 33.74 20.40 -7.14
CA GLY G 598 34.32 20.87 -5.88
C GLY G 598 34.50 22.38 -5.77
N LYS G 599 34.09 23.13 -6.78
CA LYS G 599 34.29 24.57 -6.74
C LYS G 599 33.01 25.36 -6.87
N LEU G 600 32.80 26.28 -5.95
CA LEU G 600 31.61 27.11 -6.04
C LEU G 600 31.69 27.99 -7.27
N ILE G 601 32.90 28.44 -7.57
CA ILE G 601 33.12 29.30 -8.72
C ILE G 601 34.23 28.70 -9.54
N CYS G 602 34.03 28.61 -10.84
CA CYS G 602 35.14 28.11 -11.63
C CYS G 602 35.22 28.83 -12.94
N THR G 603 36.38 28.73 -13.56
CA THR G 603 36.60 29.41 -14.81
C THR G 603 36.79 28.41 -15.91
N THR G 604 36.10 28.64 -17.00
CA THR G 604 36.19 27.77 -18.16
C THR G 604 37.24 28.37 -19.06
N ASN G 605 37.59 27.71 -20.13
CA ASN G 605 38.56 28.28 -21.04
C ASN G 605 37.83 28.82 -22.27
N VAL G 606 36.55 29.10 -22.12
CA VAL G 606 35.74 29.64 -23.20
C VAL G 606 35.49 31.11 -22.94
N PRO G 607 35.91 32.04 -23.79
CA PRO G 607 35.72 33.46 -23.62
C PRO G 607 34.25 33.69 -23.86
N TRP G 608 33.72 34.74 -23.28
CA TRP G 608 32.33 35.03 -23.54
C TRP G 608 32.05 35.38 -24.98
N ASN G 609 31.09 34.70 -25.58
CA ASN G 609 30.70 35.02 -26.94
C ASN G 609 29.70 36.15 -26.82
N SER G 610 30.08 37.31 -27.31
CA SER G 610 29.28 38.52 -27.19
C SER G 610 27.92 38.44 -27.87
N SER G 611 27.71 37.48 -28.78
CA SER G 611 26.41 37.39 -29.42
C SER G 611 25.30 37.06 -28.42
N TRP G 612 25.66 36.54 -27.24
CA TRP G 612 24.72 36.21 -26.19
C TRP G 612 24.31 37.41 -25.34
N SER G 613 25.15 38.43 -25.29
CA SER G 613 24.95 39.63 -24.47
C SER G 613 25.99 40.66 -24.80
N ASN G 614 25.60 41.93 -24.83
CA ASN G 614 26.51 43.02 -25.15
C ASN G 614 26.46 44.15 -24.13
N ARG G 615 27.04 43.91 -22.96
CA ARG G 615 27.05 44.84 -21.84
C ARG G 615 28.47 44.92 -21.32
N ASN G 616 28.81 45.99 -20.64
CA ASN G 616 30.14 46.04 -20.05
C ASN G 616 30.12 45.27 -18.75
N LEU G 617 31.26 44.76 -18.32
CA LEU G 617 31.23 44.01 -17.06
C LEU G 617 30.78 44.86 -15.89
N SER G 618 31.18 46.12 -15.86
CA SER G 618 30.78 47.00 -14.77
C SER G 618 29.29 47.30 -14.79
N GLU G 619 28.64 47.04 -15.91
CA GLU G 619 27.23 47.31 -16.09
C GLU G 619 26.38 46.13 -15.65
N ILE G 620 27.05 45.01 -15.39
CA ILE G 620 26.39 43.78 -15.01
C ILE G 620 26.57 43.53 -13.54
N TRP G 621 27.82 43.42 -13.15
CA TRP G 621 28.18 42.97 -11.84
C TRP G 621 27.80 43.92 -10.72
N ASP G 622 27.75 45.21 -11.02
CA ASP G 622 27.39 46.16 -10.00
C ASP G 622 25.96 46.69 -10.14
N ASN G 623 25.19 46.17 -11.10
CA ASN G 623 23.83 46.70 -11.28
C ASN G 623 22.73 45.69 -11.22
N MET G 624 22.97 44.52 -11.79
CA MET G 624 21.90 43.56 -11.91
C MET G 624 21.95 42.56 -10.82
N THR G 625 20.79 42.02 -10.50
CA THR G 625 20.67 40.90 -9.58
C THR G 625 20.79 39.64 -10.40
N TRP G 626 20.95 38.49 -9.76
CA TRP G 626 21.04 37.28 -10.57
C TRP G 626 19.72 36.93 -11.21
N LEU G 627 18.62 37.29 -10.57
CA LEU G 627 17.32 37.00 -11.16
C LEU G 627 17.21 37.76 -12.48
N GLN G 628 17.65 39.02 -12.47
CA GLN G 628 17.58 39.81 -13.68
C GLN G 628 18.49 39.28 -14.75
N TRP G 629 19.66 38.87 -14.34
CA TRP G 629 20.63 38.36 -15.28
C TRP G 629 20.11 37.14 -15.98
N ASP G 630 19.55 36.22 -15.22
CA ASP G 630 19.04 35.02 -15.82
C ASP G 630 17.98 35.38 -16.84
N LYS G 631 17.10 36.30 -16.49
CA LYS G 631 16.07 36.64 -17.45
C LYS G 631 16.67 37.18 -18.75
N GLU G 632 17.71 38.00 -18.67
CA GLU G 632 18.27 38.50 -19.90
C GLU G 632 18.94 37.45 -20.79
N ILE G 633 19.59 36.44 -20.21
CA ILE G 633 20.27 35.48 -21.08
C ILE G 633 19.80 34.03 -21.03
N SER G 634 18.63 33.74 -20.43
CA SER G 634 18.20 32.34 -20.33
C SER G 634 18.03 31.66 -21.67
N ASN G 635 17.82 32.43 -22.71
CA ASN G 635 17.65 31.92 -24.05
C ASN G 635 18.87 31.18 -24.59
N TYR G 636 20.04 31.40 -24.01
CA TYR G 636 21.28 30.82 -24.53
C TYR G 636 21.93 29.83 -23.58
N THR G 637 21.27 29.49 -22.49
CA THR G 637 21.91 28.63 -21.49
C THR G 637 22.36 27.30 -22.05
N GLN G 638 21.52 26.68 -22.83
CA GLN G 638 21.78 25.39 -23.42
C GLN G 638 22.95 25.42 -24.39
N ILE G 639 23.31 26.59 -24.90
CA ILE G 639 24.39 26.65 -25.85
C ILE G 639 25.65 26.51 -25.09
N ILE G 640 25.73 27.29 -24.04
CA ILE G 640 26.91 27.31 -23.24
C ILE G 640 27.11 25.95 -22.60
N TYR G 641 26.04 25.40 -22.02
CA TYR G 641 26.18 24.13 -21.38
C TYR G 641 26.66 23.07 -22.33
N GLY G 642 26.13 23.08 -23.55
CA GLY G 642 26.55 22.11 -24.53
C GLY G 642 28.03 22.23 -24.88
N LEU G 643 28.48 23.44 -25.19
CA LEU G 643 29.84 23.63 -25.62
C LEU G 643 30.86 23.20 -24.59
N LEU G 644 30.58 23.55 -23.35
CA LEU G 644 31.47 23.26 -22.25
C LEU G 644 31.64 21.78 -21.97
N GLU G 645 30.71 20.93 -22.42
CA GLU G 645 30.86 19.53 -22.10
C GLU G 645 31.81 18.78 -22.99
N GLU G 646 32.06 19.24 -24.21
CA GLU G 646 32.91 18.46 -25.09
C GLU G 646 34.16 19.21 -25.53
N SER G 647 34.03 20.52 -25.72
CA SER G 647 35.15 21.29 -26.20
C SER G 647 36.27 21.24 -25.20
N GLN G 648 35.89 21.23 -23.94
CA GLN G 648 36.82 21.23 -22.85
C GLN G 648 36.50 20.05 -21.99
N ASN G 649 37.48 19.56 -21.24
CA ASN G 649 37.34 18.41 -20.35
C ASN G 649 37.02 17.06 -21.03
N GLN G 650 36.94 17.06 -22.35
CA GLN G 650 36.89 15.86 -23.17
C GLN G 650 38.04 15.98 -24.13
N GLN G 651 38.00 16.99 -24.98
CA GLN G 651 39.13 17.16 -25.89
C GLN G 651 40.40 17.46 -25.12
N GLU G 652 40.29 18.21 -24.04
CA GLU G 652 41.44 18.56 -23.24
C GLU G 652 42.09 17.34 -22.56
N LYS G 653 41.36 16.24 -22.40
CA LYS G 653 41.94 15.13 -21.69
C LYS G 653 42.79 14.26 -22.59
N ASN G 654 42.84 14.62 -23.86
CA ASN G 654 43.68 13.92 -24.80
C ASN G 654 44.92 14.78 -25.00
N GLU G 655 45.04 15.83 -24.18
CA GLU G 655 46.10 16.78 -24.30
C GLU G 655 46.78 16.97 -22.95
N GLN H 1 -33.45 53.07 -32.68
CA GLN H 1 -34.70 52.46 -32.24
C GLN H 1 -35.00 51.21 -33.04
N SER H 2 -34.37 51.08 -34.19
CA SER H 2 -34.57 49.91 -35.03
C SER H 2 -33.35 49.60 -35.87
N LEU H 3 -33.30 48.36 -36.35
CA LEU H 3 -32.22 47.95 -37.22
C LEU H 3 -32.79 47.46 -38.53
N GLU H 4 -32.13 47.83 -39.60
CA GLU H 4 -32.49 47.44 -40.96
C GLU H 4 -31.34 46.67 -41.56
N GLU H 5 -31.62 45.72 -42.43
CA GLU H 5 -30.50 45.00 -42.99
C GLU H 5 -30.74 44.45 -44.39
N SER H 6 -29.66 44.33 -45.16
CA SER H 6 -29.72 43.82 -46.53
C SER H 6 -28.38 43.32 -47.08
N GLY H 7 -28.36 43.00 -48.38
CA GLY H 7 -27.15 42.50 -49.05
C GLY H 7 -27.06 40.98 -49.15
N GLY H 8 -28.15 40.29 -48.85
CA GLY H 8 -28.17 38.84 -48.91
C GLY H 8 -28.56 38.36 -50.31
N GLY H 9 -29.24 37.22 -50.36
CA GLY H 9 -29.62 36.60 -51.62
C GLY H 9 -28.78 35.38 -51.99
N LEU H 10 -28.99 34.90 -53.21
CA LEU H 10 -28.33 33.71 -53.70
C LEU H 10 -27.07 34.00 -54.46
N VAL H 11 -26.02 33.34 -54.02
CA VAL H 11 -24.73 33.40 -54.66
C VAL H 11 -24.39 31.94 -54.81
N LYS H 12 -23.74 31.58 -55.88
CA LYS H 12 -23.37 30.20 -56.03
C LYS H 12 -22.26 29.92 -55.04
N PRO H 13 -22.13 28.69 -54.53
CA PRO H 13 -21.15 28.31 -53.57
C PRO H 13 -19.76 28.71 -54.01
N GLY H 14 -19.03 29.25 -53.05
CA GLY H 14 -17.68 29.74 -53.20
C GLY H 14 -17.67 31.25 -53.45
N GLY H 15 -18.83 31.83 -53.76
CA GLY H 15 -18.89 33.26 -53.99
C GLY H 15 -19.04 33.99 -52.66
N THR H 16 -19.08 35.32 -52.72
CA THR H 16 -19.18 36.14 -51.52
C THR H 16 -20.30 37.15 -51.57
N LEU H 17 -21.02 37.27 -50.47
CA LEU H 17 -22.05 38.30 -50.29
C LEU H 17 -21.70 39.08 -49.04
N THR H 18 -22.10 40.35 -48.98
CA THR H 18 -21.88 41.14 -47.77
C THR H 18 -23.17 41.68 -47.21
N LEU H 19 -23.38 41.46 -45.91
CA LEU H 19 -24.60 41.97 -45.31
C LEU H 19 -24.28 43.26 -44.64
N THR H 20 -25.22 44.15 -44.67
CA THR H 20 -25.01 45.39 -43.99
C THR H 20 -26.11 45.59 -43.01
N CYS H 21 -25.81 46.31 -41.95
CA CYS H 21 -26.81 46.65 -40.96
C CYS H 21 -26.78 48.12 -40.66
N LYS H 22 -27.94 48.71 -40.78
CA LYS H 22 -28.12 50.13 -40.57
C LYS H 22 -28.96 50.45 -39.37
N ALA H 23 -28.42 51.30 -38.52
CA ALA H 23 -29.16 51.72 -37.36
C ALA H 23 -29.99 52.93 -37.71
N SER H 24 -31.18 53.03 -37.10
CA SER H 24 -32.04 54.21 -37.22
C SER H 24 -31.48 55.34 -36.37
N GLY H 25 -30.51 54.98 -35.56
CA GLY H 25 -29.79 55.85 -34.66
C GLY H 25 -29.67 55.24 -33.29
N ILE H 26 -28.46 54.79 -33.01
CA ILE H 26 -28.09 54.18 -31.75
C ILE H 26 -26.77 54.81 -31.31
N ASP H 27 -26.39 54.59 -30.07
CA ASP H 27 -25.10 55.06 -29.58
C ASP H 27 -23.96 54.11 -29.97
N PHE H 28 -23.17 54.50 -30.95
CA PHE H 28 -22.09 53.68 -31.48
C PHE H 28 -20.75 53.89 -30.79
N THR H 29 -20.75 54.65 -29.70
CA THR H 29 -19.53 54.92 -28.94
C THR H 29 -19.73 54.64 -27.45
N SER H 30 -20.29 53.48 -27.14
CA SER H 30 -20.63 53.18 -25.75
C SER H 30 -20.59 51.70 -25.42
N GLY H 31 -21.18 51.31 -24.30
CA GLY H 31 -21.14 49.92 -23.82
C GLY H 31 -22.06 48.96 -24.59
N TYR H 32 -21.89 48.92 -25.91
CA TYR H 32 -22.70 48.08 -26.77
C TYR H 32 -21.87 47.43 -27.83
N ASP H 33 -22.32 46.30 -28.33
CA ASP H 33 -21.70 45.80 -29.54
C ASP H 33 -22.80 45.71 -30.58
N MET H 34 -22.44 45.31 -31.79
CA MET H 34 -23.43 45.03 -32.80
C MET H 34 -23.00 43.70 -33.30
N CYS H 35 -23.95 42.83 -33.50
CA CYS H 35 -23.52 41.47 -33.73
C CYS H 35 -24.43 40.69 -34.64
N TRP H 36 -23.79 39.87 -35.46
CA TRP H 36 -24.49 39.02 -36.38
C TRP H 36 -24.83 37.68 -35.77
N VAL H 37 -26.09 37.32 -35.95
CA VAL H 37 -26.68 36.08 -35.47
C VAL H 37 -27.31 35.32 -36.63
N ARG H 38 -27.09 34.03 -36.71
CA ARG H 38 -27.64 33.24 -37.80
C ARG H 38 -28.71 32.25 -37.40
N GLN H 39 -29.81 32.23 -38.13
CA GLN H 39 -30.85 31.27 -37.84
C GLN H 39 -30.88 30.21 -38.89
N ALA H 40 -30.35 29.05 -38.58
CA ALA H 40 -30.32 28.02 -39.57
C ALA H 40 -31.79 27.71 -39.87
N PRO H 41 -32.15 27.30 -41.08
CA PRO H 41 -33.51 27.04 -41.52
C PRO H 41 -34.14 25.80 -40.90
N GLY H 42 -34.63 25.98 -39.67
CA GLY H 42 -35.23 24.90 -38.89
C GLY H 42 -34.62 24.75 -37.51
N LYS H 43 -33.63 25.60 -37.19
CA LYS H 43 -32.96 25.56 -35.92
C LYS H 43 -33.18 26.84 -35.15
N GLY H 44 -32.61 26.90 -33.95
CA GLY H 44 -32.64 28.09 -33.12
C GLY H 44 -31.54 29.00 -33.62
N LEU H 45 -31.02 29.85 -32.78
CA LEU H 45 -30.03 30.80 -33.26
C LEU H 45 -28.60 30.42 -32.98
N GLU H 46 -27.75 30.75 -33.93
CA GLU H 46 -26.33 30.52 -33.85
C GLU H 46 -25.56 31.83 -33.84
N TRP H 47 -24.52 31.87 -33.05
CA TRP H 47 -23.68 33.04 -33.01
C TRP H 47 -22.75 33.15 -34.21
N VAL H 48 -22.67 34.32 -34.88
CA VAL H 48 -21.72 34.43 -35.99
C VAL H 48 -20.51 35.31 -35.65
N ALA H 49 -20.73 36.60 -35.35
CA ALA H 49 -19.60 37.49 -35.05
C ALA H 49 -20.03 38.85 -34.49
N CYS H 50 -19.29 39.37 -33.50
CA CYS H 50 -19.64 40.67 -32.91
C CYS H 50 -18.53 41.70 -32.93
N ILE H 51 -18.90 42.97 -32.95
CA ILE H 51 -17.91 44.05 -32.84
C ILE H 51 -18.29 45.10 -31.83
N TYR H 52 -17.37 45.46 -30.96
CA TYR H 52 -17.69 46.47 -29.97
C TYR H 52 -17.87 47.83 -30.59
N LEU H 53 -18.95 48.50 -30.26
CA LEU H 53 -19.21 49.81 -30.84
C LEU H 53 -18.52 50.84 -29.98
N GLY H 54 -17.22 50.86 -30.18
CA GLY H 54 -16.24 51.58 -29.42
C GLY H 54 -14.91 51.27 -30.08
N ASP H 55 -13.93 50.79 -29.32
CA ASP H 55 -12.61 50.46 -29.85
C ASP H 55 -12.69 49.69 -31.18
N GLY H 56 -13.55 48.70 -31.25
CA GLY H 56 -13.72 47.93 -32.46
C GLY H 56 -13.15 46.54 -32.37
N ASN H 57 -12.88 46.06 -31.18
CA ASN H 57 -12.40 44.69 -31.11
C ASN H 57 -13.50 43.78 -31.58
N THR H 58 -13.12 42.75 -32.30
CA THR H 58 -14.08 41.79 -32.77
C THR H 58 -13.92 40.42 -32.17
N TYR H 59 -15.03 39.70 -32.17
CA TYR H 59 -15.10 38.34 -31.68
C TYR H 59 -15.76 37.50 -32.73
N TYR H 60 -15.25 36.31 -32.97
CA TYR H 60 -15.87 35.46 -33.98
C TYR H 60 -16.22 34.12 -33.43
N ALA H 61 -17.32 33.58 -33.91
CA ALA H 61 -17.65 32.24 -33.53
C ALA H 61 -16.51 31.42 -34.01
N SER H 62 -16.12 30.42 -33.28
CA SER H 62 -14.99 29.66 -33.78
C SER H 62 -15.23 29.06 -35.15
N TRP H 63 -16.46 28.61 -35.43
CA TRP H 63 -16.76 28.04 -36.73
C TRP H 63 -16.64 29.05 -37.87
N ALA H 64 -16.77 30.33 -37.54
CA ALA H 64 -16.78 31.42 -38.49
C ALA H 64 -15.44 32.15 -38.55
N LYS H 65 -14.52 31.82 -37.65
CA LYS H 65 -13.30 32.60 -37.50
C LYS H 65 -12.45 32.69 -38.75
N GLY H 66 -12.35 31.60 -39.50
CA GLY H 66 -11.52 31.59 -40.69
C GLY H 66 -12.29 31.94 -41.96
N GLN H 67 -13.57 32.30 -41.82
CA GLN H 67 -14.37 32.56 -43.00
C GLN H 67 -15.01 33.93 -43.03
N PHE H 68 -15.54 34.37 -41.92
CA PHE H 68 -16.31 35.59 -41.91
C PHE H 68 -15.52 36.72 -41.30
N THR H 69 -15.75 37.91 -41.81
CA THR H 69 -15.10 39.06 -41.20
C THR H 69 -16.03 40.24 -41.08
N ILE H 70 -15.89 41.00 -40.00
CA ILE H 70 -16.75 42.15 -39.79
C ILE H 70 -15.99 43.41 -39.44
N SER H 71 -16.60 44.54 -39.76
CA SER H 71 -16.01 45.80 -39.39
C SER H 71 -17.02 46.93 -39.41
N LYS H 72 -16.81 47.90 -38.52
CA LYS H 72 -17.60 49.12 -38.52
C LYS H 72 -17.28 49.88 -39.78
N THR H 73 -18.29 50.37 -40.50
CA THR H 73 -17.97 51.11 -41.71
C THR H 73 -18.33 52.58 -41.61
N SER H 74 -19.26 52.90 -40.73
CA SER H 74 -19.68 54.28 -40.57
C SER H 74 -20.35 54.48 -39.24
N SER H 75 -20.79 55.71 -39.00
CA SER H 75 -21.49 56.07 -37.77
C SER H 75 -22.92 55.53 -37.74
N THR H 76 -23.40 54.96 -38.86
CA THR H 76 -24.74 54.39 -38.90
C THR H 76 -24.71 52.91 -39.29
N THR H 77 -23.60 52.44 -39.91
CA THR H 77 -23.56 51.06 -40.37
C THR H 77 -22.35 50.24 -40.00
N VAL H 78 -22.58 48.93 -39.95
CA VAL H 78 -21.60 47.87 -39.72
C VAL H 78 -21.81 46.77 -40.77
N THR H 79 -20.73 46.19 -41.31
CA THR H 79 -20.96 45.13 -42.30
C THR H 79 -20.27 43.80 -42.01
N LEU H 80 -20.86 42.75 -42.59
CA LEU H 80 -20.38 41.37 -42.53
C LEU H 80 -20.04 40.78 -43.87
N GLN H 81 -18.78 40.47 -44.07
CA GLN H 81 -18.39 39.91 -45.34
C GLN H 81 -18.36 38.41 -45.25
N MET H 82 -19.32 37.81 -45.91
CA MET H 82 -19.50 36.38 -45.84
C MET H 82 -18.69 35.74 -46.94
N THR H 83 -17.41 35.71 -46.70
CA THR H 83 -16.46 35.21 -47.67
C THR H 83 -16.75 33.75 -47.93
N SER H 84 -16.77 33.37 -49.22
CA SER H 84 -16.95 31.98 -49.61
C SER H 84 -18.19 31.30 -49.06
N LEU H 85 -19.33 31.90 -49.22
CA LEU H 85 -20.56 31.27 -48.74
C LEU H 85 -20.77 29.94 -49.43
N THR H 86 -21.27 28.96 -48.69
CA THR H 86 -21.59 27.67 -49.28
C THR H 86 -22.99 27.20 -48.90
N ALA H 87 -23.32 25.96 -49.26
CA ALA H 87 -24.67 25.43 -49.02
C ALA H 87 -25.03 25.43 -47.54
N ALA H 88 -24.03 25.14 -46.72
CA ALA H 88 -24.14 25.07 -45.27
C ALA H 88 -24.45 26.41 -44.64
N ASP H 89 -24.26 27.51 -45.36
CA ASP H 89 -24.47 28.81 -44.80
C ASP H 89 -25.85 29.38 -45.12
N THR H 90 -26.70 28.56 -45.77
CA THR H 90 -28.04 29.01 -46.06
C THR H 90 -28.72 29.30 -44.73
N ALA H 91 -29.23 30.51 -44.54
CA ALA H 91 -29.85 30.87 -43.26
C ALA H 91 -30.42 32.27 -43.27
N THR H 92 -31.18 32.61 -42.23
CA THR H 92 -31.57 34.00 -42.06
C THR H 92 -30.53 34.63 -41.16
N TYR H 93 -29.95 35.70 -41.60
CA TYR H 93 -28.95 36.38 -40.79
C TYR H 93 -29.61 37.58 -40.18
N PHE H 94 -29.32 37.82 -38.92
CA PHE H 94 -29.88 38.93 -38.18
C PHE H 94 -28.87 39.87 -37.62
N CYS H 95 -29.25 41.12 -37.62
CA CYS H 95 -28.48 42.15 -36.99
C CYS H 95 -29.06 42.44 -35.62
N ALA H 96 -28.23 42.44 -34.58
CA ALA H 96 -28.73 42.75 -33.26
C ALA H 96 -27.76 43.59 -32.46
N ARG H 97 -28.28 44.34 -31.50
CA ARG H 97 -27.43 45.13 -30.63
C ARG H 97 -27.47 44.52 -29.24
N PHE H 98 -26.32 44.47 -28.60
CA PHE H 98 -26.21 43.96 -27.25
C PHE H 98 -25.70 44.96 -26.25
N ALA H 99 -26.34 44.98 -25.10
CA ALA H 99 -25.99 45.85 -23.98
C ALA H 99 -25.28 45.04 -22.89
N GLY H 100 -24.68 45.70 -21.92
CA GLY H 100 -24.14 44.95 -20.78
C GLY H 100 -25.24 44.92 -19.72
N TYR H 101 -24.87 44.76 -18.46
CA TYR H 101 -25.88 44.75 -17.40
C TYR H 101 -25.67 45.90 -16.44
N ARG H 102 -24.53 45.99 -15.82
CA ARG H 102 -24.22 47.15 -15.00
C ARG H 102 -22.75 47.43 -15.16
N TYR H 103 -21.96 46.55 -14.58
CA TYR H 103 -20.52 46.47 -14.77
C TYR H 103 -20.30 45.03 -15.07
N SER H 104 -20.23 44.69 -16.34
CA SER H 104 -20.12 43.30 -16.68
C SER H 104 -19.56 43.06 -18.04
N VAL H 105 -19.44 41.80 -18.35
CA VAL H 105 -18.96 41.25 -19.60
C VAL H 105 -20.01 40.37 -20.22
N TRP H 106 -21.05 40.16 -19.47
CA TRP H 106 -22.15 39.38 -19.92
C TRP H 106 -23.00 40.34 -20.68
N SER H 107 -23.38 40.00 -21.88
CA SER H 107 -24.14 40.92 -22.68
C SER H 107 -25.63 40.64 -22.60
N TYR H 108 -26.38 41.55 -23.14
CA TYR H 108 -27.80 41.53 -23.09
C TYR H 108 -28.44 42.03 -24.37
N PRO H 109 -28.82 41.21 -25.34
CA PRO H 109 -29.33 41.72 -26.58
C PRO H 109 -30.54 42.53 -26.25
N ASP H 110 -30.72 43.66 -26.90
CA ASP H 110 -31.91 44.42 -26.61
C ASP H 110 -32.57 44.99 -27.84
N LEU H 111 -31.97 44.78 -28.99
CA LEU H 111 -32.54 45.32 -30.20
C LEU H 111 -32.26 44.41 -31.37
N TRP H 112 -33.29 44.05 -32.12
CA TRP H 112 -33.11 43.16 -33.26
C TRP H 112 -33.68 43.73 -34.53
N GLY H 113 -33.02 43.42 -35.64
CA GLY H 113 -33.53 43.73 -36.96
C GLY H 113 -34.42 42.58 -37.40
N PRO H 114 -35.07 42.69 -38.58
CA PRO H 114 -35.93 41.69 -39.16
C PRO H 114 -35.23 40.47 -39.74
N GLY H 115 -33.93 40.55 -39.98
CA GLY H 115 -33.22 39.44 -40.58
C GLY H 115 -33.32 39.43 -42.11
N THR H 116 -32.37 38.74 -42.75
CA THR H 116 -32.37 38.60 -44.20
C THR H 116 -31.77 37.27 -44.64
N LEU H 117 -32.21 36.74 -45.78
CA LEU H 117 -31.71 35.45 -46.23
C LEU H 117 -30.56 35.44 -47.20
N VAL H 118 -29.71 34.42 -47.07
CA VAL H 118 -28.68 34.14 -48.06
C VAL H 118 -28.85 32.67 -48.42
N THR H 119 -28.44 32.31 -49.62
CA THR H 119 -28.45 30.92 -50.06
C THR H 119 -27.17 30.61 -50.83
N ASP I 1 -18.97 28.15 -25.14
CA ASP I 1 -18.64 26.80 -24.73
C ASP I 1 -19.79 26.12 -24.04
N ILE I 2 -20.93 26.78 -24.02
CA ILE I 2 -22.10 26.22 -23.38
C ILE I 2 -23.30 26.12 -24.25
N VAL I 3 -24.19 25.22 -23.88
CA VAL I 3 -25.41 25.07 -24.60
C VAL I 3 -26.57 25.29 -23.67
N MET I 4 -27.51 26.10 -24.13
CA MET I 4 -28.73 26.32 -23.39
C MET I 4 -29.70 25.35 -24.02
N THR I 5 -30.45 24.59 -23.26
CA THR I 5 -31.39 23.69 -23.90
C THR I 5 -32.75 23.89 -23.34
N GLN I 6 -33.75 23.60 -24.13
CA GLN I 6 -35.09 23.70 -23.65
C GLN I 6 -35.78 22.37 -23.79
N THR I 7 -36.61 22.04 -22.82
CA THR I 7 -37.31 20.77 -22.84
C THR I 7 -38.69 20.74 -23.53
N PRO I 8 -39.64 21.60 -23.20
CA PRO I 8 -40.98 21.57 -23.69
C PRO I 8 -41.05 22.17 -25.07
N ALA I 9 -40.58 21.43 -26.07
CA ALA I 9 -40.43 21.94 -27.44
C ALA I 9 -41.75 22.49 -27.97
N SER I 10 -42.86 21.91 -27.57
CA SER I 10 -44.13 22.43 -28.02
C SER I 10 -45.19 22.22 -26.98
N VAL I 11 -45.89 23.30 -26.67
CA VAL I 11 -46.95 23.27 -25.68
C VAL I 11 -48.20 23.91 -26.23
N GLU I 12 -49.33 23.54 -25.66
CA GLU I 12 -50.59 24.09 -26.08
C GLU I 12 -51.53 24.25 -24.92
N ALA I 13 -52.25 25.35 -24.93
CA ALA I 13 -53.24 25.61 -23.90
C ALA I 13 -54.38 26.41 -24.49
N ASP I 14 -55.54 26.33 -23.88
CA ASP I 14 -56.61 27.14 -24.37
C ASP I 14 -56.43 28.55 -23.85
N VAL I 15 -57.20 29.46 -24.37
CA VAL I 15 -57.11 30.83 -23.94
C VAL I 15 -57.43 30.95 -22.47
N GLY I 16 -56.56 31.66 -21.77
CA GLY I 16 -56.66 31.89 -20.34
C GLY I 16 -55.84 30.88 -19.53
N GLY I 17 -55.28 29.87 -20.20
CA GLY I 17 -54.50 28.87 -19.50
C GLY I 17 -53.08 29.35 -19.23
N THR I 18 -52.25 28.44 -18.71
CA THR I 18 -50.86 28.74 -18.39
C THR I 18 -49.91 27.66 -18.87
N VAL I 19 -48.79 28.06 -19.44
CA VAL I 19 -47.75 27.13 -19.85
C VAL I 19 -46.42 27.52 -19.26
N THR I 20 -45.53 26.55 -19.14
CA THR I 20 -44.20 26.87 -18.68
C THR I 20 -43.17 26.37 -19.64
N ILE I 21 -42.06 27.08 -19.68
CA ILE I 21 -40.92 26.74 -20.48
C ILE I 21 -39.69 26.59 -19.60
N LYS I 22 -39.03 25.46 -19.70
CA LYS I 22 -37.85 25.23 -18.87
C LYS I 22 -36.57 25.17 -19.65
N CYS I 23 -35.65 26.07 -19.29
CA CYS I 23 -34.35 26.18 -19.96
C CYS I 23 -33.21 25.76 -19.05
N GLN I 24 -32.52 24.73 -19.46
CA GLN I 24 -31.41 24.14 -18.74
C GLN I 24 -30.08 24.68 -19.25
N ALA I 25 -29.26 25.21 -18.36
CA ALA I 25 -27.95 25.71 -18.76
C ALA I 25 -26.89 24.65 -18.54
N SER I 26 -25.77 24.80 -19.23
CA SER I 26 -24.65 23.87 -19.10
C SER I 26 -23.71 24.19 -17.96
N GLN I 27 -23.87 25.34 -17.35
CA GLN I 27 -22.96 25.73 -16.28
C GLN I 27 -23.61 26.72 -15.38
N ARG I 28 -22.98 26.96 -14.26
CA ARG I 28 -23.50 27.97 -13.38
C ARG I 28 -23.40 29.35 -14.02
N ILE I 29 -24.54 29.99 -14.12
CA ILE I 29 -24.77 31.33 -14.60
C ILE I 29 -25.51 31.93 -13.45
N VAL I 30 -25.23 33.13 -13.03
CA VAL I 30 -25.99 33.54 -11.87
C VAL I 30 -27.49 33.74 -12.15
N ASN I 31 -27.84 34.68 -13.00
CA ASN I 31 -29.23 34.90 -13.36
C ASN I 31 -29.32 35.49 -14.75
N LEU I 32 -28.30 35.33 -15.51
CA LEU I 32 -28.20 36.09 -16.73
C LEU I 32 -28.92 35.52 -17.93
N VAL I 33 -30.26 35.57 -17.89
CA VAL I 33 -31.09 35.04 -18.96
C VAL I 33 -32.10 36.08 -19.50
N ALA I 34 -32.19 36.16 -20.83
CA ALA I 34 -33.07 37.15 -21.49
C ALA I 34 -34.56 36.77 -21.81
N TRP I 35 -34.85 35.54 -22.22
CA TRP I 35 -36.24 35.17 -22.59
C TRP I 35 -36.97 36.04 -23.65
N TYR I 36 -36.61 35.94 -24.90
CA TYR I 36 -37.33 36.69 -25.95
C TYR I 36 -38.54 35.98 -26.54
N GLN I 37 -39.56 36.76 -26.90
CA GLN I 37 -40.73 36.26 -27.63
C GLN I 37 -40.52 36.50 -29.12
N HIS I 38 -40.65 35.47 -29.93
CA HIS I 38 -40.41 35.67 -31.35
C HIS I 38 -41.52 35.17 -32.26
N LYS I 39 -42.08 36.08 -33.02
CA LYS I 39 -43.14 35.77 -33.95
C LYS I 39 -42.51 35.82 -35.33
N PRO I 40 -42.97 35.03 -36.29
CA PRO I 40 -42.41 34.99 -37.61
C PRO I 40 -42.64 36.32 -38.30
N GLY I 41 -41.65 36.73 -39.07
CA GLY I 41 -41.72 37.97 -39.83
C GLY I 41 -41.38 39.17 -38.96
N GLN I 42 -41.05 38.93 -37.70
CA GLN I 42 -40.77 40.02 -36.77
C GLN I 42 -39.43 39.83 -36.08
N PRO I 43 -38.80 40.91 -35.61
CA PRO I 43 -37.63 40.86 -34.75
C PRO I 43 -38.10 40.34 -33.40
N PRO I 44 -37.33 39.55 -32.66
CA PRO I 44 -37.63 39.11 -31.31
C PRO I 44 -37.86 40.25 -30.34
N LYS I 45 -38.83 40.08 -29.43
CA LYS I 45 -39.14 41.08 -28.41
C LYS I 45 -38.70 40.61 -27.04
N LEU I 46 -37.90 41.42 -26.39
CA LEU I 46 -37.39 41.09 -25.07
C LEU I 46 -38.45 41.02 -23.99
N LEU I 47 -38.48 39.93 -23.21
CA LEU I 47 -39.43 39.87 -22.12
C LEU I 47 -38.78 40.06 -20.75
N ILE I 48 -37.61 39.44 -20.53
CA ILE I 48 -36.98 39.43 -19.20
C ILE I 48 -35.52 39.92 -19.10
N ILE I 49 -35.24 40.67 -18.05
CA ILE I 49 -33.91 41.14 -17.74
C ILE I 49 -33.39 40.41 -16.50
N GLY I 50 -32.25 39.76 -16.61
CA GLY I 50 -31.69 39.13 -15.41
C GLY I 50 -32.45 37.93 -14.89
N ALA I 51 -33.10 37.21 -15.79
CA ALA I 51 -33.93 36.05 -15.52
C ALA I 51 -35.16 36.33 -14.64
N SER I 52 -35.46 37.59 -14.28
CA SER I 52 -36.73 37.79 -13.58
C SER I 52 -37.35 39.17 -13.69
N ASP I 53 -36.59 40.22 -14.01
CA ASP I 53 -37.22 41.53 -14.09
C ASP I 53 -37.92 41.62 -15.40
N LEU I 54 -39.02 42.31 -15.49
CA LEU I 54 -39.59 42.43 -16.82
C LEU I 54 -39.06 43.59 -17.61
N ALA I 55 -38.93 43.33 -18.89
CA ALA I 55 -38.55 44.34 -19.84
C ALA I 55 -39.64 45.37 -19.86
N SER I 56 -39.30 46.62 -20.04
CA SER I 56 -40.38 47.59 -20.16
C SER I 56 -41.20 47.24 -21.39
N GLY I 57 -42.52 47.36 -21.31
CA GLY I 57 -43.37 47.11 -22.46
C GLY I 57 -44.02 45.73 -22.57
N VAL I 58 -43.99 44.93 -21.50
CA VAL I 58 -44.63 43.62 -21.57
C VAL I 58 -45.62 43.52 -20.41
N PRO I 59 -46.70 42.77 -20.54
CA PRO I 59 -47.69 42.55 -19.51
C PRO I 59 -47.21 41.64 -18.42
N SER I 60 -47.80 41.77 -17.24
CA SER I 60 -47.53 40.90 -16.10
C SER I 60 -48.26 39.58 -16.25
N ARG I 61 -47.85 38.88 -17.27
CA ARG I 61 -48.31 37.58 -17.68
C ARG I 61 -47.07 36.79 -17.72
N PHE I 62 -45.99 37.50 -17.96
CA PHE I 62 -44.74 36.83 -18.10
C PHE I 62 -44.02 36.94 -16.79
N SER I 63 -43.46 35.84 -16.35
CA SER I 63 -42.72 35.79 -15.12
C SER I 63 -41.74 34.66 -15.13
N GLY I 64 -40.66 34.77 -14.39
CA GLY I 64 -39.74 33.67 -14.38
C GLY I 64 -38.73 33.78 -13.28
N SER I 65 -37.95 32.73 -13.13
CA SER I 65 -36.95 32.66 -12.08
C SER I 65 -35.94 31.55 -12.28
N GLY I 66 -34.89 31.59 -11.49
CA GLY I 66 -33.87 30.55 -11.47
C GLY I 66 -32.61 31.13 -10.90
N TYR I 67 -31.63 30.31 -10.64
CA TYR I 67 -30.40 30.86 -10.11
C TYR I 67 -29.22 30.03 -10.51
N GLY I 68 -29.16 29.70 -11.77
CA GLY I 68 -28.04 28.93 -12.26
C GLY I 68 -28.38 27.52 -12.52
N THR I 69 -27.99 27.10 -13.68
CA THR I 69 -28.19 25.80 -14.30
C THR I 69 -29.65 25.55 -14.68
N GLU I 70 -30.61 26.24 -14.10
CA GLU I 70 -31.99 26.07 -14.53
C GLU I 70 -32.82 27.30 -14.34
N PHE I 71 -33.52 27.69 -15.41
CA PHE I 71 -34.35 28.85 -15.37
C PHE I 71 -35.68 28.56 -16.02
N THR I 72 -36.77 29.14 -15.51
CA THR I 72 -38.03 28.91 -16.17
C THR I 72 -38.79 30.18 -16.45
N LEU I 73 -39.61 30.07 -17.49
CA LEU I 73 -40.54 31.11 -17.91
C LEU I 73 -41.96 30.62 -17.84
N THR I 74 -42.79 31.37 -17.14
CA THR I 74 -44.19 31.03 -16.98
C THR I 74 -45.03 32.05 -17.69
N ILE I 75 -45.96 31.59 -18.51
CA ILE I 75 -46.81 32.51 -19.22
C ILE I 75 -48.25 32.25 -18.87
N SER I 76 -48.85 33.14 -18.09
CA SER I 76 -50.23 32.92 -17.66
C SER I 76 -51.19 33.76 -18.47
N ASP I 77 -52.50 33.48 -18.33
CA ASP I 77 -53.54 34.25 -19.02
C ASP I 77 -53.27 34.31 -20.51
N LEU I 78 -52.95 33.15 -21.08
CA LEU I 78 -52.62 33.08 -22.49
C LEU I 78 -53.69 33.49 -23.47
N GLU I 79 -53.28 34.21 -24.51
CA GLU I 79 -54.17 34.58 -25.61
C GLU I 79 -53.65 34.03 -26.91
N CYS I 80 -54.47 34.03 -27.96
CA CYS I 80 -53.97 33.57 -29.25
C CYS I 80 -52.79 34.43 -29.70
N ALA I 81 -52.79 35.68 -29.26
CA ALA I 81 -51.77 36.67 -29.52
C ALA I 81 -50.39 36.27 -28.98
N ASP I 82 -50.37 35.36 -28.01
CA ASP I 82 -49.13 34.93 -27.41
C ASP I 82 -48.53 33.73 -28.11
N ALA I 83 -49.19 33.24 -29.16
CA ALA I 83 -48.56 32.14 -29.83
C ALA I 83 -47.26 32.66 -30.41
N ALA I 84 -46.16 31.99 -30.09
CA ALA I 84 -44.84 32.45 -30.51
C ALA I 84 -43.77 31.43 -30.19
N THR I 85 -42.56 31.66 -30.69
CA THR I 85 -41.40 30.89 -30.32
C THR I 85 -40.71 31.62 -29.17
N TYR I 86 -40.33 30.92 -28.13
CA TYR I 86 -39.67 31.59 -27.03
C TYR I 86 -38.22 31.16 -26.87
N PHE I 87 -37.35 32.15 -26.74
CA PHE I 87 -35.90 32.00 -26.64
C PHE I 87 -35.36 31.88 -25.24
N CYS I 88 -34.13 31.43 -25.14
CA CYS I 88 -33.37 31.36 -23.91
C CYS I 88 -31.91 31.62 -24.25
N GLN I 89 -31.21 32.48 -23.52
CA GLN I 89 -29.80 32.73 -23.84
C GLN I 89 -29.02 33.28 -22.68
N SER I 90 -27.69 33.07 -22.74
CA SER I 90 -26.74 33.56 -21.74
C SER I 90 -25.96 34.79 -22.17
N ALA I 91 -25.73 34.91 -23.46
CA ALA I 91 -25.06 36.05 -24.10
C ALA I 91 -23.67 36.55 -23.58
N TYR I 92 -22.66 35.72 -23.35
CA TYR I 92 -21.33 36.26 -22.95
C TYR I 92 -20.39 36.57 -24.11
N ASN I 93 -19.70 37.73 -24.10
CA ASN I 93 -18.71 37.99 -25.15
C ASN I 93 -17.31 37.77 -24.61
N GLY I 94 -16.61 36.83 -25.19
CA GLY I 94 -15.30 36.48 -24.71
C GLY I 94 -15.08 35.06 -25.15
N ASP I 95 -14.42 34.26 -24.34
CA ASP I 95 -14.16 32.90 -24.76
C ASP I 95 -15.39 32.00 -24.60
N GLY I 96 -15.98 31.94 -23.40
CA GLY I 96 -17.14 31.07 -23.13
C GLY I 96 -18.41 31.76 -23.58
N ASP I 97 -18.48 31.99 -24.87
CA ASP I 97 -19.41 32.89 -25.49
C ASP I 97 -20.86 32.53 -25.79
N ASN I 98 -21.51 33.45 -26.52
CA ASN I 98 -22.92 33.44 -26.81
C ASN I 98 -23.50 32.11 -27.19
N ALA I 99 -24.64 31.84 -26.56
CA ALA I 99 -25.39 30.62 -26.75
C ALA I 99 -26.87 30.92 -26.60
N PHE I 100 -27.64 30.29 -27.46
CA PHE I 100 -29.09 30.41 -27.47
C PHE I 100 -29.68 29.02 -27.41
N GLY I 101 -30.89 28.91 -26.89
CA GLY I 101 -31.56 27.62 -26.90
C GLY I 101 -32.25 27.39 -28.24
N GLY I 102 -32.75 26.18 -28.43
CA GLY I 102 -33.46 25.81 -29.66
C GLY I 102 -34.71 26.62 -29.89
N GLY I 103 -35.36 27.01 -28.80
CA GLY I 103 -36.59 27.74 -28.82
C GLY I 103 -37.73 26.76 -28.69
N THR I 104 -38.80 27.18 -28.02
CA THR I 104 -39.97 26.32 -27.86
C THR I 104 -41.16 27.05 -28.41
N GLU I 105 -42.18 26.33 -28.84
CA GLU I 105 -43.38 26.96 -29.38
C GLU I 105 -44.60 26.84 -28.52
N VAL I 106 -45.27 27.96 -28.33
CA VAL I 106 -46.51 28.00 -27.58
C VAL I 106 -47.66 28.25 -28.52
N VAL I 107 -48.64 27.35 -28.47
CA VAL I 107 -49.82 27.45 -29.30
C VAL I 107 -51.02 27.76 -28.42
N VAL I 108 -51.79 28.78 -28.75
CA VAL I 108 -52.93 29.12 -27.93
C VAL I 108 -54.15 29.32 -28.80
#